data_8OSG
#
_entry.id   8OSG
#
_cell.length_a   1.00
_cell.length_b   1.00
_cell.length_c   1.00
_cell.angle_alpha   90.00
_cell.angle_beta   90.00
_cell.angle_gamma   90.00
#
_symmetry.space_group_name_H-M   'P 1'
#
loop_
_entity.id
_entity.type
_entity.pdbx_description
1 polymer 'Magnesium-chelatase subunit ChlI'
2 non-polymer "ADENOSINE-5'-DIPHOSPHATE"
3 non-polymer 'MAGNESIUM ION'
4 non-polymer "ADENOSINE-5'-TRIPHOSPHATE"
#
_entity_poly.entity_id   1
_entity_poly.type   'polypeptide(L)'
_entity_poly.pdbx_seq_one_letter_code
;MHHHHHHTPTAQTTASARRVVFPFTAIVGQEEMKLALLLNVIDPKIGGVMIMGDRGTGKSTTIRALADLLPEIPVVANDP
FNSDPSDPDLMSDEVRQKSGTGAEIPIEFKKVQMVDLPLGATEDRVCGTIDIEKALSEGVKAFEPGLLAKANRGILYVDE
VNLLDDHLVDVLLDSAASGWNTVEREGISIRHPARFVLVGSGNPEEGELRPQLLDRFGMHAEIHTVKEPALRVQIVEQRS
EFDQNPPTFLEKYNPEQTALQKKIVEAQKLLPEVKLDYDLRVKISEVCSELDVDGLRGDIVTNRAAKALTAYEGRTEVTV
DDIRRVITLCLRHRLRKDPLESIDSGYKVEKVFARIFGVELLEDDSSQKNGAGQIKTGVR
;
_entity_poly.pdbx_strand_id   A,B,C,D,E,F
#
loop_
_chem_comp.id
_chem_comp.type
_chem_comp.name
_chem_comp.formula
ADP non-polymer ADENOSINE-5'-DIPHOSPHATE 'C10 H15 N5 O10 P2'
ATP non-polymer ADENOSINE-5'-TRIPHOSPHATE 'C10 H16 N5 O13 P3'
MG non-polymer 'MAGNESIUM ION' 'Mg 2'
#
# COMPACT_ATOMS: atom_id res chain seq x y z
N VAL A 20 40.17 -23.45 -14.02
CA VAL A 20 41.33 -23.16 -13.19
C VAL A 20 41.07 -21.96 -12.31
N VAL A 21 41.38 -22.08 -11.02
CA VAL A 21 41.16 -21.04 -10.03
C VAL A 21 42.32 -21.05 -9.05
N PHE A 22 42.27 -20.13 -8.08
CA PHE A 22 43.34 -19.99 -7.12
C PHE A 22 43.42 -21.23 -6.22
N PRO A 23 44.60 -21.78 -5.98
CA PRO A 23 44.71 -22.95 -5.11
C PRO A 23 44.42 -22.59 -3.65
N PHE A 24 43.97 -23.59 -2.91
CA PHE A 24 43.64 -23.42 -1.49
C PHE A 24 44.86 -23.70 -0.61
N THR A 25 46.00 -23.10 -0.95
CA THR A 25 47.17 -23.16 -0.10
C THR A 25 47.92 -21.84 -0.02
N ALA A 26 47.69 -20.91 -0.93
CA ALA A 26 48.43 -19.66 -0.99
C ALA A 26 47.72 -18.51 -0.28
N ILE A 27 46.55 -18.75 0.29
CA ILE A 27 45.85 -17.69 1.04
C ILE A 27 46.70 -17.33 2.24
N VAL A 28 47.08 -16.06 2.34
CA VAL A 28 48.00 -15.62 3.37
C VAL A 28 47.25 -15.46 4.69
N GLY A 29 47.75 -16.12 5.73
CA GLY A 29 47.16 -16.01 7.05
C GLY A 29 45.74 -16.53 7.08
N GLN A 30 44.94 -15.93 7.95
CA GLN A 30 43.52 -16.25 8.11
C GLN A 30 43.31 -17.75 8.35
N GLU A 31 43.86 -18.22 9.47
CA GLU A 31 43.70 -19.62 9.85
C GLU A 31 42.35 -19.90 10.50
N GLU A 32 41.61 -18.86 10.90
CA GLU A 32 40.32 -19.07 11.53
C GLU A 32 39.32 -19.65 10.53
N MET A 33 39.20 -19.05 9.35
CA MET A 33 38.24 -19.53 8.37
C MET A 33 38.61 -20.91 7.84
N LYS A 34 39.90 -21.14 7.57
CA LYS A 34 40.32 -22.40 6.96
C LYS A 34 40.03 -23.58 7.88
N LEU A 35 40.32 -23.42 9.18
CA LEU A 35 40.09 -24.53 10.11
C LEU A 35 38.61 -24.87 10.22
N ALA A 36 37.75 -23.85 10.34
CA ALA A 36 36.32 -24.10 10.43
C ALA A 36 35.78 -24.72 9.15
N LEU A 37 36.26 -24.25 8.00
CA LEU A 37 35.81 -24.82 6.73
C LEU A 37 36.23 -26.28 6.62
N LEU A 38 37.47 -26.60 7.00
CA LEU A 38 37.92 -27.98 6.96
C LEU A 38 37.09 -28.85 7.90
N LEU A 39 36.81 -28.36 9.11
CA LEU A 39 36.01 -29.14 10.05
C LEU A 39 34.62 -29.40 9.51
N ASN A 40 33.98 -28.38 8.94
CA ASN A 40 32.66 -28.57 8.36
C ASN A 40 32.69 -29.50 7.15
N VAL A 41 33.81 -29.54 6.43
CA VAL A 41 33.93 -30.45 5.30
C VAL A 41 34.03 -31.89 5.80
N ILE A 42 34.81 -32.12 6.86
CA ILE A 42 34.98 -33.49 7.36
C ILE A 42 33.85 -33.93 8.28
N ASP A 43 32.81 -33.13 8.44
CA ASP A 43 31.67 -33.46 9.29
C ASP A 43 30.43 -32.80 8.72
N PRO A 44 29.71 -33.49 7.84
CA PRO A 44 28.59 -32.84 7.13
C PRO A 44 27.43 -32.42 8.01
N LYS A 45 27.29 -32.98 9.20
CA LYS A 45 26.11 -32.76 10.03
C LYS A 45 26.33 -31.69 11.10
N ILE A 46 27.43 -30.92 11.02
CA ILE A 46 27.68 -29.88 12.01
C ILE A 46 26.61 -28.79 11.93
N GLY A 47 26.37 -28.28 10.73
CA GLY A 47 25.35 -27.25 10.55
C GLY A 47 25.85 -25.92 10.01
N GLY A 48 26.92 -25.93 9.23
CA GLY A 48 27.34 -24.77 8.48
C GLY A 48 28.15 -23.76 9.30
N VAL A 49 28.64 -22.74 8.59
CA VAL A 49 29.43 -21.66 9.17
C VAL A 49 28.81 -20.34 8.75
N MET A 50 29.07 -19.30 9.54
CA MET A 50 28.57 -17.94 9.19
C MET A 50 29.77 -16.99 9.17
N ILE A 51 30.70 -17.20 8.24
CA ILE A 51 31.95 -16.37 8.21
C ILE A 51 31.56 -14.91 8.42
N MET A 52 32.24 -14.23 9.36
CA MET A 52 31.87 -12.83 9.68
C MET A 52 33.06 -11.91 9.44
N GLY A 53 32.81 -10.64 9.08
CA GLY A 53 33.87 -9.69 8.84
C GLY A 53 33.41 -8.56 7.93
N ASP A 54 34.38 -7.74 7.55
CA ASP A 54 34.15 -6.58 6.71
C ASP A 54 34.33 -6.95 5.24
N ARG A 55 34.38 -5.92 4.40
CA ARG A 55 34.49 -6.15 2.93
C ARG A 55 35.90 -6.65 2.58
N GLY A 56 36.03 -7.32 1.45
CA GLY A 56 37.31 -7.83 0.98
C GLY A 56 37.82 -8.99 1.83
N THR A 57 39.14 -9.07 1.93
CA THR A 57 39.84 -10.11 2.69
C THR A 57 39.51 -11.51 2.20
N GLY A 58 39.05 -11.62 0.95
CA GLY A 58 38.90 -12.91 0.30
C GLY A 58 37.85 -13.84 0.87
N LYS A 59 36.66 -13.31 1.19
CA LYS A 59 35.58 -14.18 1.62
C LYS A 59 35.17 -15.16 0.54
N SER A 60 35.05 -14.67 -0.70
CA SER A 60 34.55 -15.50 -1.80
C SER A 60 35.63 -16.35 -2.45
N THR A 61 36.89 -15.91 -2.41
CA THR A 61 37.95 -16.67 -3.05
C THR A 61 38.19 -18.00 -2.35
N THR A 62 38.17 -17.99 -1.02
CA THR A 62 38.42 -19.22 -0.27
C THR A 62 37.37 -20.28 -0.55
N ILE A 63 36.10 -19.87 -0.63
CA ILE A 63 35.02 -20.83 -0.88
C ILE A 63 35.21 -21.50 -2.24
N ARG A 64 35.47 -20.69 -3.26
CA ARG A 64 35.72 -21.26 -4.59
C ARG A 64 37.04 -22.00 -4.67
N ALA A 65 37.97 -21.73 -3.76
CA ALA A 65 39.22 -22.47 -3.68
C ALA A 65 39.06 -23.79 -2.92
N LEU A 66 37.97 -23.96 -2.18
CA LEU A 66 37.70 -25.22 -1.50
C LEU A 66 37.14 -26.29 -2.43
N ALA A 67 36.41 -25.89 -3.48
CA ALA A 67 35.69 -26.86 -4.30
C ALA A 67 36.63 -27.83 -5.01
N ASP A 68 37.71 -27.31 -5.61
CA ASP A 68 38.61 -28.17 -6.36
C ASP A 68 39.30 -29.18 -5.45
N LEU A 69 39.67 -28.76 -4.23
CA LEU A 69 40.35 -29.64 -3.28
C LEU A 69 39.33 -30.61 -2.68
N LEU A 70 38.89 -31.56 -3.51
CA LEU A 70 37.90 -32.54 -3.13
C LEU A 70 37.92 -33.68 -4.13
N PRO A 71 37.87 -34.94 -3.69
CA PRO A 71 37.87 -36.09 -4.59
C PRO A 71 36.46 -36.50 -5.03
N SER A 86 20.48 -40.24 -3.96
CA SER A 86 19.88 -40.95 -2.83
C SER A 86 20.78 -42.09 -2.37
N ASP A 87 20.17 -43.09 -1.71
CA ASP A 87 20.93 -44.22 -1.22
C ASP A 87 21.43 -45.08 -2.38
N PRO A 88 22.63 -45.67 -2.26
CA PRO A 88 23.19 -46.53 -3.30
C PRO A 88 22.61 -47.94 -3.27
N PHE A 109 29.70 -41.64 -9.18
CA PHE A 109 30.58 -40.69 -8.50
C PHE A 109 31.46 -39.96 -9.50
N LYS A 110 31.47 -38.63 -9.42
CA LYS A 110 32.27 -37.79 -10.30
C LYS A 110 32.85 -36.66 -9.45
N LYS A 111 33.42 -35.66 -10.12
CA LYS A 111 34.01 -34.53 -9.42
C LYS A 111 32.92 -33.67 -8.78
N VAL A 112 33.24 -33.09 -7.61
CA VAL A 112 32.28 -32.27 -6.90
C VAL A 112 32.06 -30.95 -7.64
N GLN A 113 30.87 -30.38 -7.43
CA GLN A 113 30.50 -29.11 -8.02
C GLN A 113 30.00 -28.18 -6.94
N MET A 114 30.32 -26.89 -7.12
CA MET A 114 29.87 -25.85 -6.17
C MET A 114 28.68 -25.14 -6.80
N VAL A 115 27.64 -24.88 -6.03
CA VAL A 115 26.41 -24.25 -6.51
C VAL A 115 26.17 -22.97 -5.72
N ASP A 116 25.86 -21.89 -6.43
CA ASP A 116 25.58 -20.61 -5.82
C ASP A 116 24.34 -19.99 -6.47
N LEU A 117 23.69 -19.10 -5.73
CA LEU A 117 22.50 -18.42 -6.21
C LEU A 117 22.65 -16.92 -6.02
N PRO A 118 22.03 -16.12 -6.90
CA PRO A 118 22.13 -14.67 -6.75
C PRO A 118 21.28 -14.17 -5.59
N LEU A 119 21.55 -12.92 -5.19
CA LEU A 119 20.79 -12.31 -4.11
C LEU A 119 19.31 -12.17 -4.48
N GLY A 120 19.02 -11.76 -5.71
CA GLY A 120 17.65 -11.65 -6.17
C GLY A 120 17.12 -12.95 -6.75
N ALA A 121 16.35 -13.68 -5.95
CA ALA A 121 15.80 -14.96 -6.37
C ALA A 121 14.47 -15.18 -5.67
N THR A 122 13.67 -16.08 -6.21
CA THR A 122 12.35 -16.39 -5.67
C THR A 122 12.17 -17.91 -5.66
N GLU A 123 10.94 -18.34 -5.36
CA GLU A 123 10.65 -19.77 -5.30
C GLU A 123 10.53 -20.41 -6.68
N ASP A 124 10.52 -19.61 -7.75
CA ASP A 124 10.47 -20.19 -9.09
C ASP A 124 11.71 -21.04 -9.37
N ARG A 125 12.88 -20.58 -8.95
CA ARG A 125 14.12 -21.33 -9.08
C ARG A 125 14.49 -22.09 -7.81
N VAL A 126 14.23 -21.50 -6.65
CA VAL A 126 14.63 -22.13 -5.38
C VAL A 126 13.90 -23.44 -5.19
N CYS A 127 12.58 -23.44 -5.39
CA CYS A 127 11.81 -24.66 -5.22
C CYS A 127 12.15 -25.68 -6.30
N GLY A 128 12.35 -25.23 -7.54
CA GLY A 128 12.60 -26.14 -8.64
C GLY A 128 11.40 -27.03 -8.92
N THR A 129 10.22 -26.43 -8.97
CA THR A 129 8.99 -27.18 -9.16
C THR A 129 8.93 -27.77 -10.57
N ILE A 130 8.07 -28.78 -10.72
CA ILE A 130 7.90 -29.46 -12.00
C ILE A 130 7.28 -28.52 -13.03
N PHE A 143 9.45 -33.31 -13.38
CA PHE A 143 10.47 -33.78 -12.46
C PHE A 143 11.70 -32.88 -12.52
N GLU A 144 11.46 -31.57 -12.61
CA GLU A 144 12.56 -30.62 -12.73
C GLU A 144 13.37 -30.58 -11.44
N PRO A 145 14.69 -30.72 -11.50
CA PRO A 145 15.51 -30.60 -10.30
C PRO A 145 15.86 -29.14 -10.01
N GLY A 146 15.72 -28.75 -8.75
CA GLY A 146 15.97 -27.38 -8.35
C GLY A 146 17.45 -27.08 -8.16
N LEU A 147 17.71 -25.85 -7.72
CA LEU A 147 19.09 -25.45 -7.45
C LEU A 147 19.69 -26.28 -6.33
N LEU A 148 18.93 -26.54 -5.27
CA LEU A 148 19.39 -27.42 -4.22
C LEU A 148 19.54 -28.86 -4.71
N ALA A 149 18.80 -29.24 -5.76
CA ALA A 149 18.95 -30.58 -6.33
C ALA A 149 20.10 -30.61 -7.30
N LYS A 150 21.26 -30.09 -6.88
CA LYS A 150 22.50 -30.20 -7.62
C LYS A 150 23.69 -30.54 -6.73
N ALA A 151 23.53 -30.55 -5.42
CA ALA A 151 24.63 -30.76 -4.48
C ALA A 151 24.38 -32.00 -3.63
N ASN A 152 23.98 -33.11 -4.28
CA ASN A 152 23.79 -34.36 -3.56
C ASN A 152 25.04 -34.76 -2.78
N ARG A 153 26.22 -34.39 -3.29
CA ARG A 153 27.47 -34.51 -2.56
C ARG A 153 28.29 -33.23 -2.69
N GLY A 154 27.63 -32.11 -3.00
CA GLY A 154 28.29 -30.85 -3.22
C GLY A 154 28.04 -29.85 -2.10
N ILE A 155 28.32 -28.58 -2.41
CA ILE A 155 28.21 -27.50 -1.44
C ILE A 155 27.31 -26.41 -2.02
N LEU A 156 26.73 -25.61 -1.12
CA LEU A 156 25.91 -24.47 -1.50
C LEU A 156 26.38 -23.24 -0.73
N TYR A 157 26.28 -22.09 -1.37
CA TYR A 157 26.71 -20.82 -0.79
C TYR A 157 25.55 -19.84 -0.76
N VAL A 158 25.43 -19.13 0.37
CA VAL A 158 24.44 -18.08 0.53
C VAL A 158 25.18 -16.80 0.84
N ASP A 159 24.85 -15.70 0.14
CA ASP A 159 25.51 -14.40 0.39
C ASP A 159 24.51 -13.38 0.94
N GLU A 160 24.98 -12.37 1.70
CA GLU A 160 24.10 -11.30 2.22
C GLU A 160 22.81 -11.89 2.81
N VAL A 161 22.88 -13.02 3.50
CA VAL A 161 21.66 -13.68 3.98
C VAL A 161 20.64 -12.69 4.52
N ASN A 162 21.09 -11.68 5.28
CA ASN A 162 20.16 -10.75 5.90
C ASN A 162 19.34 -9.99 4.86
N LEU A 163 19.96 -9.65 3.73
CA LEU A 163 19.25 -8.90 2.69
C LEU A 163 18.12 -9.70 2.08
N LEU A 164 18.07 -11.01 2.31
CA LEU A 164 16.99 -11.86 1.81
C LEU A 164 15.92 -11.93 2.89
N ASP A 165 14.91 -11.05 2.78
CA ASP A 165 13.81 -10.97 3.74
C ASP A 165 12.69 -11.89 3.25
N ASP A 166 12.73 -13.14 3.68
CA ASP A 166 11.72 -14.13 3.33
C ASP A 166 11.91 -15.34 4.24
N HIS A 167 11.05 -16.34 4.05
CA HIS A 167 11.20 -17.62 4.71
C HIS A 167 12.00 -18.61 3.88
N LEU A 168 12.54 -18.18 2.74
CA LEU A 168 13.37 -19.06 1.92
C LEU A 168 14.62 -19.49 2.69
N VAL A 169 15.23 -18.57 3.42
CA VAL A 169 16.36 -18.91 4.27
C VAL A 169 15.94 -19.94 5.33
N ASP A 170 14.74 -19.78 5.88
CA ASP A 170 14.24 -20.76 6.84
C ASP A 170 14.04 -22.12 6.18
N VAL A 171 13.59 -22.14 4.92
CA VAL A 171 13.39 -23.40 4.21
C VAL A 171 14.73 -24.12 4.04
N LEU A 172 15.77 -23.39 3.64
CA LEU A 172 17.07 -24.02 3.43
C LEU A 172 17.63 -24.62 4.71
N LEU A 173 17.49 -23.89 5.83
CA LEU A 173 17.97 -24.42 7.10
C LEU A 173 17.21 -25.69 7.48
N ASP A 174 15.89 -25.70 7.27
CA ASP A 174 15.09 -26.88 7.58
C ASP A 174 15.47 -28.06 6.70
N SER A 175 15.77 -27.81 5.43
CA SER A 175 16.17 -28.88 4.53
C SER A 175 17.46 -29.56 4.97
N ALA A 176 18.27 -28.89 5.78
CA ALA A 176 19.47 -29.52 6.32
C ALA A 176 19.10 -30.59 7.34
N ALA A 177 19.98 -31.57 7.48
CA ALA A 177 19.78 -32.70 8.40
C ALA A 177 18.47 -33.44 8.11
N SER A 178 18.11 -33.57 6.83
CA SER A 178 16.91 -34.29 6.44
C SER A 178 17.14 -34.86 5.04
N GLY A 179 17.51 -36.14 4.97
CA GLY A 179 17.74 -36.79 3.71
C GLY A 179 16.53 -37.52 3.18
N TRP A 180 15.41 -36.82 3.06
CA TRP A 180 14.18 -37.41 2.57
C TRP A 180 13.26 -36.37 1.97
N HIS A 192 13.48 -35.50 -1.12
CA HIS A 192 14.73 -35.49 -1.87
C HIS A 192 15.92 -35.25 -0.96
N PRO A 193 16.85 -36.21 -0.91
CA PRO A 193 18.03 -36.07 -0.05
C PRO A 193 19.12 -35.26 -0.76
N ALA A 194 19.63 -34.24 -0.07
CA ALA A 194 20.68 -33.39 -0.62
C ALA A 194 21.98 -33.50 0.17
N ARG A 195 21.95 -33.25 1.49
CA ARG A 195 23.10 -33.43 2.37
C ARG A 195 24.30 -32.60 1.92
N PHE A 196 24.13 -31.28 1.96
CA PHE A 196 25.15 -30.32 1.56
C PHE A 196 25.66 -29.54 2.76
N VAL A 197 26.51 -28.55 2.49
CA VAL A 197 27.02 -27.64 3.51
C VAL A 197 26.33 -26.29 3.31
N LEU A 198 26.35 -25.48 4.36
CA LEU A 198 25.50 -24.29 4.45
C LEU A 198 26.30 -23.08 4.92
N VAL A 199 27.43 -22.83 4.26
CA VAL A 199 28.25 -21.67 4.61
C VAL A 199 27.45 -20.38 4.42
N GLY A 200 27.48 -19.52 5.45
CA GLY A 200 26.76 -18.24 5.38
C GLY A 200 27.75 -17.08 5.40
N SER A 201 27.33 -15.92 4.91
CA SER A 201 28.25 -14.76 4.82
C SER A 201 27.45 -13.45 4.76
N GLY A 202 28.12 -12.34 4.47
CA GLY A 202 27.43 -11.03 4.42
C GLY A 202 27.40 -10.40 5.81
N ASN A 203 26.40 -9.55 6.06
CA ASN A 203 26.30 -8.83 7.36
C ASN A 203 27.66 -8.25 7.75
N PRO A 204 28.40 -7.56 6.85
CA PRO A 204 29.63 -6.92 7.24
C PRO A 204 29.23 -5.99 8.39
N GLU A 205 28.35 -5.03 8.11
CA GLU A 205 28.06 -4.04 9.19
C GLU A 205 26.67 -3.46 8.95
N GLU A 206 25.62 -4.30 8.98
CA GLU A 206 24.27 -3.84 8.68
C GLU A 206 23.22 -4.57 9.52
N GLY A 207 23.40 -4.56 10.83
CA GLY A 207 22.43 -5.18 11.72
C GLY A 207 22.59 -6.68 11.80
N GLU A 208 22.58 -7.21 13.02
CA GLU A 208 22.69 -8.65 13.20
C GLU A 208 21.41 -9.34 12.74
N LEU A 209 21.55 -10.62 12.41
CA LEU A 209 20.41 -11.40 11.96
C LEU A 209 19.40 -11.59 13.10
N ARG A 210 18.27 -12.18 12.76
CA ARG A 210 17.24 -12.44 13.76
C ARG A 210 17.79 -13.37 14.84
N PRO A 211 17.55 -13.08 16.11
CA PRO A 211 18.11 -13.92 17.18
C PRO A 211 17.68 -15.37 17.10
N GLN A 212 16.52 -15.66 16.51
CA GLN A 212 16.11 -17.04 16.30
C GLN A 212 16.84 -17.64 15.10
N LEU A 213 16.73 -16.98 13.95
CA LEU A 213 17.25 -17.54 12.70
C LEU A 213 18.75 -17.71 12.72
N LEU A 214 19.47 -16.95 13.54
CA LEU A 214 20.92 -17.09 13.65
C LEU A 214 21.33 -18.27 14.51
N ASP A 215 20.41 -18.84 15.28
CA ASP A 215 20.76 -19.90 16.22
C ASP A 215 20.81 -21.28 15.60
N ARG A 216 20.54 -21.41 14.29
CA ARG A 216 20.56 -22.70 13.61
C ARG A 216 21.84 -22.90 12.81
N PHE A 217 22.90 -22.16 13.12
CA PHE A 217 24.16 -22.25 12.42
C PHE A 217 25.22 -22.83 13.34
N GLY A 218 26.09 -23.68 12.77
CA GLY A 218 27.07 -24.39 13.57
C GLY A 218 28.08 -23.53 14.30
N MET A 219 28.94 -22.84 13.57
CA MET A 219 29.98 -22.01 14.17
C MET A 219 30.01 -20.63 13.53
N HIS A 220 30.53 -19.67 14.28
CA HIS A 220 30.59 -18.27 13.87
C HIS A 220 32.06 -17.85 13.85
N ALA A 221 32.63 -17.74 12.65
CA ALA A 221 34.01 -17.35 12.48
C ALA A 221 34.11 -15.83 12.48
N GLU A 222 35.31 -15.30 12.20
CA GLU A 222 35.50 -13.85 12.13
C GLU A 222 36.74 -13.57 11.30
N ILE A 223 36.66 -12.52 10.48
CA ILE A 223 37.75 -12.07 9.63
C ILE A 223 38.08 -10.63 9.95
N HIS A 224 39.38 -10.33 10.07
CA HIS A 224 39.85 -8.98 10.33
C HIS A 224 40.97 -8.64 9.36
N THR A 225 40.99 -7.38 8.92
CA THR A 225 41.98 -6.94 7.94
C THR A 225 43.37 -6.96 8.53
N VAL A 226 44.33 -7.52 7.79
CA VAL A 226 45.71 -7.56 8.25
C VAL A 226 46.27 -6.14 8.32
N LYS A 227 47.01 -5.86 9.38
CA LYS A 227 47.63 -4.55 9.59
C LYS A 227 49.14 -4.74 9.72
N GLU A 228 49.82 -4.77 8.59
CA GLU A 228 51.27 -4.88 8.53
C GLU A 228 51.73 -4.63 7.09
N PRO A 229 52.89 -3.98 6.90
CA PRO A 229 53.33 -3.68 5.54
C PRO A 229 53.94 -4.88 4.82
N ALA A 230 54.63 -5.76 5.56
CA ALA A 230 55.37 -6.84 4.92
C ALA A 230 54.44 -7.80 4.20
N LEU A 231 53.32 -8.18 4.82
CA LEU A 231 52.38 -9.08 4.17
C LEU A 231 51.57 -8.34 3.11
N ARG A 232 51.17 -7.09 3.40
CA ARG A 232 50.24 -6.37 2.52
C ARG A 232 50.80 -6.20 1.11
N VAL A 233 52.11 -5.98 0.98
CA VAL A 233 52.69 -5.96 -0.36
C VAL A 233 52.72 -7.36 -0.96
N GLN A 234 53.15 -8.36 -0.18
CA GLN A 234 53.37 -9.70 -0.72
C GLN A 234 52.11 -10.24 -1.36
N ILE A 235 50.98 -10.17 -0.64
CA ILE A 235 49.73 -10.67 -1.18
C ILE A 235 49.43 -10.02 -2.52
N VAL A 236 49.62 -8.69 -2.61
CA VAL A 236 49.37 -7.99 -3.87
C VAL A 236 50.23 -8.61 -4.96
N GLU A 237 51.53 -8.75 -4.71
CA GLU A 237 52.41 -9.37 -5.68
C GLU A 237 51.90 -10.74 -6.07
N GLN A 238 51.49 -11.53 -5.08
CA GLN A 238 50.95 -12.86 -5.35
C GLN A 238 49.81 -12.77 -6.35
N ARG A 239 48.85 -11.87 -6.08
CA ARG A 239 47.73 -11.71 -6.99
C ARG A 239 48.22 -11.34 -8.38
N SER A 240 49.15 -10.38 -8.45
CA SER A 240 49.69 -9.97 -9.73
C SER A 240 50.30 -11.17 -10.46
N GLU A 241 50.97 -12.05 -9.71
CA GLU A 241 51.59 -13.20 -10.34
C GLU A 241 50.55 -14.06 -11.05
N PHE A 242 49.39 -14.24 -10.42
CA PHE A 242 48.37 -15.07 -11.04
C PHE A 242 47.83 -14.46 -12.33
N ASP A 243 47.97 -13.16 -12.51
CA ASP A 243 47.57 -12.53 -13.75
C ASP A 243 48.69 -12.47 -14.78
N GLN A 244 49.91 -12.81 -14.40
CA GLN A 244 50.99 -12.88 -15.38
C GLN A 244 50.86 -14.13 -16.23
N ASN A 245 50.49 -15.25 -15.63
CA ASN A 245 50.34 -16.52 -16.33
C ASN A 245 49.39 -17.38 -15.48
N PRO A 246 48.09 -17.34 -15.76
CA PRO A 246 47.14 -18.12 -14.95
C PRO A 246 47.43 -19.62 -14.98
N PRO A 247 47.82 -20.20 -16.13
CA PRO A 247 48.35 -21.57 -16.09
C PRO A 247 49.82 -21.60 -15.72
N THR A 248 50.43 -22.79 -15.76
CA THR A 248 51.83 -23.03 -15.42
C THR A 248 52.17 -22.68 -13.98
N PHE A 249 51.16 -22.56 -13.12
CA PHE A 249 51.36 -22.28 -11.70
C PHE A 249 50.88 -23.40 -10.79
N LEU A 250 49.88 -24.16 -11.23
CA LEU A 250 49.37 -25.27 -10.42
C LEU A 250 50.45 -26.30 -10.17
N GLU A 251 51.26 -26.62 -11.19
CA GLU A 251 52.35 -27.57 -11.01
C GLU A 251 53.37 -27.04 -10.01
N LYS A 252 53.63 -25.73 -10.02
CA LYS A 252 54.48 -25.14 -8.99
C LYS A 252 53.87 -25.31 -7.61
N TYR A 253 52.55 -25.17 -7.50
CA TYR A 253 51.85 -25.34 -6.23
C TYR A 253 51.23 -26.72 -6.07
N ASN A 254 51.57 -27.67 -6.94
CA ASN A 254 50.98 -29.01 -6.87
C ASN A 254 51.35 -29.76 -5.59
N PRO A 255 52.61 -29.85 -5.17
CA PRO A 255 52.93 -30.72 -4.02
C PRO A 255 52.20 -30.35 -2.74
N GLU A 256 52.00 -29.06 -2.48
CA GLU A 256 51.32 -28.66 -1.25
C GLU A 256 49.85 -29.07 -1.25
N GLN A 257 49.18 -28.91 -2.40
CA GLN A 257 47.76 -29.24 -2.48
C GLN A 257 47.50 -30.73 -2.31
N THR A 258 48.35 -31.57 -2.92
CA THR A 258 48.13 -33.01 -2.85
C THR A 258 48.30 -33.54 -1.44
N ALA A 259 49.17 -32.92 -0.64
CA ALA A 259 49.37 -33.36 0.74
C ALA A 259 48.10 -33.20 1.56
N LEU A 260 47.41 -32.07 1.40
CA LEU A 260 46.18 -31.86 2.16
C LEU A 260 45.07 -32.82 1.74
N GLN A 261 44.96 -33.09 0.43
CA GLN A 261 43.90 -33.97 -0.06
C GLN A 261 44.06 -35.38 0.50
N LYS A 262 45.28 -35.92 0.48
CA LYS A 262 45.52 -37.24 1.02
C LYS A 262 45.21 -37.28 2.52
N LYS A 263 45.63 -36.24 3.25
CA LYS A 263 45.39 -36.21 4.69
C LYS A 263 43.90 -36.17 5.01
N ILE A 264 43.14 -35.35 4.28
CA ILE A 264 41.71 -35.25 4.57
C ILE A 264 41.00 -36.53 4.17
N VAL A 265 41.42 -37.17 3.07
CA VAL A 265 40.83 -38.44 2.69
C VAL A 265 41.09 -39.50 3.77
N GLU A 266 42.31 -39.53 4.30
CA GLU A 266 42.62 -40.47 5.36
C GLU A 266 41.81 -40.17 6.61
N ALA A 267 41.67 -38.89 6.98
CA ALA A 267 40.97 -38.52 8.20
C ALA A 267 39.46 -38.73 8.08
N GLN A 268 38.91 -38.77 6.87
CA GLN A 268 37.48 -39.01 6.72
C GLN A 268 37.06 -40.41 7.11
N LYS A 269 38.01 -41.34 7.29
CA LYS A 269 37.70 -42.71 7.68
C LYS A 269 38.01 -43.02 9.14
N LEU A 270 38.93 -42.28 9.76
CA LEU A 270 39.29 -42.50 11.16
C LEU A 270 38.27 -41.93 12.13
N LEU A 271 37.30 -41.13 11.64
CA LEU A 271 36.36 -40.47 12.54
C LEU A 271 35.57 -41.43 13.41
N PRO A 272 34.97 -42.55 12.88
CA PRO A 272 34.20 -43.45 13.74
C PRO A 272 35.06 -44.36 14.63
N GLU A 273 36.06 -43.76 15.28
CA GLU A 273 36.89 -44.49 16.23
C GLU A 273 37.28 -43.67 17.45
N VAL A 274 36.76 -42.46 17.61
CA VAL A 274 37.15 -41.60 18.72
C VAL A 274 36.31 -41.93 19.94
N LYS A 275 36.93 -41.88 21.11
CA LYS A 275 36.27 -42.15 22.38
C LYS A 275 36.37 -40.92 23.27
N LEU A 276 35.24 -40.48 23.80
CA LEU A 276 35.18 -39.32 24.69
C LEU A 276 34.80 -39.80 26.08
N ASP A 277 35.62 -39.43 27.08
CA ASP A 277 35.39 -39.86 28.44
C ASP A 277 34.09 -39.25 28.99
N TYR A 278 33.40 -40.03 29.81
CA TYR A 278 32.16 -39.56 30.41
C TYR A 278 32.41 -38.37 31.35
N ASP A 279 33.57 -38.36 32.01
CA ASP A 279 33.85 -37.29 32.97
C ASP A 279 33.92 -35.93 32.28
N LEU A 280 34.53 -35.88 31.09
CA LEU A 280 34.62 -34.61 30.38
C LEU A 280 33.26 -34.14 29.88
N ARG A 281 32.35 -35.07 29.61
CA ARG A 281 30.99 -34.68 29.21
C ARG A 281 30.29 -33.92 30.33
N VAL A 282 30.44 -34.37 31.56
CA VAL A 282 29.86 -33.67 32.70
C VAL A 282 30.43 -32.26 32.79
N LYS A 283 31.75 -32.12 32.62
CA LYS A 283 32.38 -30.82 32.72
C LYS A 283 31.92 -29.88 31.61
N ILE A 284 31.81 -30.38 30.37
CA ILE A 284 31.40 -29.52 29.27
C ILE A 284 29.93 -29.13 29.43
N SER A 285 29.09 -30.04 29.92
CA SER A 285 27.70 -29.69 30.19
C SER A 285 27.61 -28.65 31.29
N GLU A 286 28.45 -28.76 32.33
CA GLU A 286 28.49 -27.75 33.37
C GLU A 286 28.92 -26.40 32.81
N VAL A 287 29.91 -26.40 31.91
CA VAL A 287 30.37 -25.17 31.29
C VAL A 287 29.24 -24.53 30.49
N CYS A 288 28.49 -25.33 29.74
CA CYS A 288 27.35 -24.79 29.00
C CYS A 288 26.28 -24.24 29.93
N SER A 289 25.97 -24.96 31.01
CA SER A 289 24.90 -24.56 31.90
C SER A 289 25.24 -23.30 32.69
N GLU A 290 26.51 -23.11 33.03
CA GLU A 290 26.90 -21.92 33.78
C GLU A 290 26.55 -20.65 33.02
N LEU A 291 26.84 -20.62 31.72
CA LEU A 291 26.37 -19.54 30.87
C LEU A 291 24.85 -19.64 30.71
N ASP A 292 24.20 -18.48 30.65
CA ASP A 292 22.75 -18.47 30.49
C ASP A 292 22.37 -18.63 29.01
N VAL A 293 22.89 -19.68 28.38
CA VAL A 293 22.60 -19.96 26.98
C VAL A 293 21.31 -20.77 26.90
N ASP A 294 20.39 -20.33 26.05
CA ASP A 294 19.10 -20.98 25.93
C ASP A 294 19.18 -22.20 25.02
N GLY A 295 18.37 -23.21 25.35
CA GLY A 295 18.29 -24.41 24.54
C GLY A 295 19.43 -25.37 24.78
N LEU A 296 19.43 -26.44 23.99
CA LEU A 296 20.46 -27.46 24.06
C LEU A 296 21.32 -27.52 22.80
N ARG A 297 21.13 -26.59 21.86
CA ARG A 297 21.89 -26.62 20.62
C ARG A 297 23.38 -26.39 20.84
N GLY A 298 23.77 -25.84 21.99
CA GLY A 298 25.18 -25.64 22.29
C GLY A 298 25.91 -26.86 22.78
N ASP A 299 25.22 -27.98 22.96
CA ASP A 299 25.83 -29.22 23.42
C ASP A 299 25.61 -30.38 22.45
N ILE A 300 25.20 -30.10 21.23
CA ILE A 300 24.97 -31.15 20.23
C ILE A 300 25.99 -30.96 19.12
N VAL A 301 26.59 -29.77 19.05
CA VAL A 301 27.52 -29.43 17.98
C VAL A 301 28.96 -29.48 18.49
N THR A 302 29.17 -29.12 19.75
CA THR A 302 30.53 -29.12 20.29
C THR A 302 31.07 -30.53 20.42
N ASN A 303 30.24 -31.48 20.86
CA ASN A 303 30.66 -32.86 20.97
C ASN A 303 31.08 -33.44 19.62
N ARG A 304 30.36 -33.09 18.56
CA ARG A 304 30.74 -33.52 17.21
C ARG A 304 32.00 -32.82 16.71
N ALA A 305 32.12 -31.52 16.98
CA ALA A 305 33.27 -30.76 16.48
C ALA A 305 34.57 -31.21 17.13
N ALA A 306 34.54 -31.46 18.44
CA ALA A 306 35.75 -31.94 19.11
C ALA A 306 36.21 -33.29 18.55
N LYS A 307 35.25 -34.20 18.35
CA LYS A 307 35.57 -35.50 17.77
C LYS A 307 36.14 -35.33 16.35
N ALA A 308 35.54 -34.44 15.55
CA ALA A 308 36.02 -34.23 14.20
C ALA A 308 37.44 -33.69 14.19
N LEU A 309 37.73 -32.73 15.08
CA LEU A 309 39.09 -32.19 15.15
C LEU A 309 40.09 -33.25 15.59
N THR A 310 39.74 -34.05 16.60
CA THR A 310 40.66 -35.09 17.07
C THR A 310 40.91 -36.10 15.96
N ALA A 311 39.87 -36.46 15.21
CA ALA A 311 40.06 -37.36 14.07
C ALA A 311 40.94 -36.72 13.00
N TYR A 312 40.78 -35.41 12.77
CA TYR A 312 41.59 -34.72 11.78
C TYR A 312 43.06 -34.74 12.17
N GLU A 313 43.35 -34.66 13.47
CA GLU A 313 44.75 -34.73 13.87
C GLU A 313 45.33 -36.13 13.78
N GLY A 314 44.63 -37.10 13.20
CA GLY A 314 45.16 -38.45 13.02
C GLY A 314 45.39 -39.22 14.30
N ARG A 315 44.44 -39.17 15.22
CA ARG A 315 44.53 -39.90 16.48
C ARG A 315 43.14 -40.43 16.84
N THR A 316 43.10 -41.28 17.87
CA THR A 316 41.84 -41.80 18.42
C THR A 316 41.87 -41.56 19.93
N GLU A 317 41.60 -40.31 20.32
CA GLU A 317 41.58 -39.88 21.70
C GLU A 317 41.10 -38.44 21.77
N VAL A 318 40.97 -37.89 22.97
CA VAL A 318 40.62 -36.47 23.13
C VAL A 318 41.08 -36.02 24.51
N THR A 319 41.75 -34.88 24.55
CA THR A 319 42.26 -34.30 25.79
C THR A 319 41.50 -33.01 26.07
N VAL A 320 41.83 -32.24 27.11
CA VAL A 320 41.12 -31.00 27.41
C VAL A 320 41.61 -29.90 26.46
N ASP A 321 42.78 -30.12 25.85
CA ASP A 321 43.37 -29.11 24.97
C ASP A 321 42.64 -29.00 23.65
N ASP A 322 42.29 -30.14 23.05
CA ASP A 322 41.64 -30.13 21.74
C ASP A 322 40.27 -29.46 21.80
N ILE A 323 39.53 -29.68 22.88
CA ILE A 323 38.23 -29.03 23.05
C ILE A 323 38.40 -27.52 23.12
N ARG A 324 39.48 -27.05 23.76
CA ARG A 324 39.71 -25.62 23.90
C ARG A 324 39.82 -24.92 22.55
N ARG A 325 40.34 -25.61 21.53
CA ARG A 325 40.55 -25.00 20.23
C ARG A 325 39.29 -24.96 19.36
N VAL A 326 38.22 -25.64 19.76
CA VAL A 326 37.00 -25.65 18.96
C VAL A 326 35.78 -25.30 19.81
N ILE A 327 35.99 -24.58 20.91
CA ILE A 327 34.91 -24.16 21.79
C ILE A 327 34.63 -22.67 21.68
N THR A 328 35.68 -21.86 21.50
CA THR A 328 35.49 -20.42 21.43
C THR A 328 34.68 -20.02 20.21
N LEU A 329 34.96 -20.62 19.06
CA LEU A 329 34.31 -20.26 17.81
C LEU A 329 33.07 -21.12 17.53
N CYS A 330 32.75 -22.06 18.41
CA CYS A 330 31.59 -22.92 18.25
C CYS A 330 30.36 -22.44 19.00
N LEU A 331 30.54 -21.67 20.08
CA LEU A 331 29.45 -21.27 20.95
C LEU A 331 29.40 -19.77 21.18
N ARG A 332 30.26 -18.99 20.52
CA ARG A 332 30.36 -17.56 20.78
C ARG A 332 29.06 -16.82 20.45
N HIS A 333 28.43 -17.17 19.34
CA HIS A 333 27.27 -16.41 18.86
C HIS A 333 25.98 -16.76 19.58
N ARG A 334 26.00 -17.75 20.48
CA ARG A 334 24.84 -18.11 21.27
C ARG A 334 24.72 -17.32 22.56
N LEU A 335 25.70 -16.46 22.86
CA LEU A 335 25.72 -15.75 24.14
C LEU A 335 24.62 -14.70 24.19
N ARG A 336 24.38 -14.20 25.39
CA ARG A 336 23.34 -13.20 25.60
C ARG A 336 23.71 -11.89 24.93
N LYS A 337 22.73 -11.26 24.28
CA LYS A 337 22.96 -10.03 23.54
C LYS A 337 22.98 -8.80 24.45
N ASP A 338 22.46 -8.91 25.67
CA ASP A 338 22.22 -7.76 26.52
C ASP A 338 23.48 -6.95 26.74
N PRO A 339 23.50 -5.65 26.41
CA PRO A 339 24.70 -4.82 26.57
C PRO A 339 24.76 -4.14 27.94
N LEU A 340 24.79 -4.95 29.00
CA LEU A 340 24.95 -4.39 30.34
C LEU A 340 26.29 -3.69 30.48
N GLU A 341 27.34 -4.28 29.92
CA GLU A 341 28.67 -3.68 29.93
C GLU A 341 29.39 -4.13 28.65
N SER A 342 30.71 -3.99 28.63
CA SER A 342 31.47 -4.22 27.41
C SER A 342 32.35 -5.47 27.51
N ILE A 343 31.79 -6.56 28.02
CA ILE A 343 32.53 -7.82 28.05
C ILE A 343 32.83 -8.27 26.63
N ASP A 344 34.07 -8.65 26.39
CA ASP A 344 34.46 -9.17 25.08
C ASP A 344 33.82 -10.53 24.85
N SER A 345 33.60 -10.85 23.57
CA SER A 345 32.91 -12.09 23.21
C SER A 345 33.70 -13.31 23.67
N GLY A 346 34.90 -13.51 23.10
CA GLY A 346 35.70 -14.66 23.44
C GLY A 346 36.30 -14.60 24.83
N TYR A 347 36.46 -13.41 25.40
CA TYR A 347 37.08 -13.28 26.71
C TYR A 347 36.23 -13.96 27.79
N LYS A 348 34.90 -13.81 27.72
CA LYS A 348 34.04 -14.45 28.70
C LYS A 348 34.13 -15.97 28.61
N VAL A 349 34.13 -16.51 27.39
CA VAL A 349 34.22 -17.95 27.21
C VAL A 349 35.56 -18.47 27.74
N GLU A 350 36.65 -17.75 27.44
CA GLU A 350 37.96 -18.15 27.93
C GLU A 350 38.01 -18.10 29.46
N LYS A 351 37.43 -17.06 30.05
CA LYS A 351 37.40 -16.95 31.50
C LYS A 351 36.64 -18.11 32.13
N VAL A 352 35.48 -18.47 31.57
CA VAL A 352 34.72 -19.59 32.10
C VAL A 352 35.50 -20.89 31.95
N PHE A 353 36.13 -21.09 30.79
CA PHE A 353 36.91 -22.30 30.55
C PHE A 353 38.06 -22.42 31.54
N ALA A 354 38.75 -21.32 31.81
CA ALA A 354 39.81 -21.34 32.81
C ALA A 354 39.25 -21.58 34.20
N ARG A 355 38.07 -21.03 34.50
CA ARG A 355 37.48 -21.17 35.82
C ARG A 355 37.12 -22.62 36.13
N ILE A 356 36.53 -23.32 35.17
CA ILE A 356 36.02 -24.66 35.42
C ILE A 356 36.97 -25.74 34.90
N PHE A 357 38.23 -25.40 34.66
CA PHE A 357 39.21 -26.38 34.21
C PHE A 357 40.57 -26.04 34.83
N GLY A 358 41.44 -27.03 34.83
CA GLY A 358 42.78 -26.92 35.39
C GLY A 358 43.83 -26.39 34.44
N VAL A 359 43.44 -25.95 33.24
CA VAL A 359 44.40 -25.43 32.27
C VAL A 359 45.03 -24.15 32.78
N VAL B 20 11.21 -41.54 9.00
CA VAL B 20 11.70 -41.85 10.34
C VAL B 20 11.62 -40.61 11.22
N VAL B 21 11.01 -40.76 12.39
CA VAL B 21 10.83 -39.66 13.33
C VAL B 21 11.20 -40.14 14.73
N PHE B 22 11.47 -39.17 15.61
CA PHE B 22 11.88 -39.50 16.97
C PHE B 22 10.71 -40.12 17.73
N PRO B 23 10.89 -41.29 18.34
CA PRO B 23 9.80 -41.90 19.12
C PRO B 23 9.41 -41.04 20.31
N PHE B 24 8.11 -41.00 20.59
CA PHE B 24 7.60 -40.15 21.66
C PHE B 24 8.11 -40.58 23.02
N THR B 25 8.11 -41.89 23.29
CA THR B 25 8.43 -42.39 24.62
C THR B 25 9.89 -42.20 25.00
N ALA B 26 10.76 -41.84 24.05
CA ALA B 26 12.17 -41.64 24.35
C ALA B 26 12.50 -40.23 24.80
N ILE B 27 11.54 -39.30 24.72
CA ILE B 27 11.81 -37.91 25.10
C ILE B 27 11.95 -37.82 26.62
N VAL B 28 13.04 -37.19 27.06
CA VAL B 28 13.38 -37.11 28.48
C VAL B 28 12.83 -35.79 29.03
N GLY B 29 12.17 -35.87 30.19
CA GLY B 29 11.68 -34.69 30.85
C GLY B 29 10.40 -34.15 30.21
N GLN B 30 10.09 -32.90 30.54
CA GLN B 30 8.90 -32.20 30.05
C GLN B 30 7.63 -32.97 30.39
N GLU B 31 7.39 -33.09 31.70
CA GLU B 31 6.26 -33.86 32.22
C GLU B 31 4.95 -33.09 32.21
N GLU B 32 4.95 -31.82 31.80
CA GLU B 32 3.75 -31.01 31.75
C GLU B 32 3.14 -30.93 30.37
N MET B 33 3.93 -30.59 29.35
CA MET B 33 3.40 -30.44 28.00
C MET B 33 2.98 -31.79 27.42
N LYS B 34 3.68 -32.87 27.78
CA LYS B 34 3.25 -34.20 27.37
C LYS B 34 1.87 -34.51 27.93
N LEU B 35 1.64 -34.16 29.21
CA LEU B 35 0.34 -34.37 29.82
C LEU B 35 -0.75 -33.59 29.09
N ALA B 36 -0.46 -32.34 28.74
CA ALA B 36 -1.46 -31.53 28.03
C ALA B 36 -1.79 -32.12 26.67
N LEU B 37 -0.78 -32.53 25.91
CA LEU B 37 -1.04 -33.11 24.60
C LEU B 37 -1.83 -34.41 24.73
N LEU B 38 -1.46 -35.26 25.69
CA LEU B 38 -2.16 -36.53 25.85
C LEU B 38 -3.60 -36.32 26.29
N LEU B 39 -3.83 -35.35 27.19
CA LEU B 39 -5.20 -35.03 27.60
C LEU B 39 -6.00 -34.43 26.46
N ASN B 40 -5.35 -33.74 25.53
CA ASN B 40 -6.09 -33.19 24.39
C ASN B 40 -6.44 -34.27 23.38
N VAL B 41 -5.57 -35.25 23.20
CA VAL B 41 -5.84 -36.29 22.20
C VAL B 41 -7.01 -37.16 22.63
N ILE B 42 -7.10 -37.49 23.92
CA ILE B 42 -8.12 -38.43 24.38
C ILE B 42 -9.51 -37.82 24.26
N ASP B 43 -9.66 -36.53 24.52
CA ASP B 43 -10.95 -35.84 24.46
C ASP B 43 -10.84 -34.69 23.48
N PRO B 44 -11.13 -34.94 22.19
CA PRO B 44 -10.90 -33.95 21.12
C PRO B 44 -11.97 -32.86 21.05
N LYS B 45 -12.28 -32.25 22.20
CA LYS B 45 -13.20 -31.13 22.23
C LYS B 45 -12.79 -30.03 23.19
N ILE B 46 -11.65 -30.15 23.86
CA ILE B 46 -11.27 -29.15 24.86
C ILE B 46 -10.96 -27.81 24.19
N GLY B 47 -10.14 -27.83 23.14
CA GLY B 47 -9.77 -26.60 22.47
C GLY B 47 -8.27 -26.43 22.26
N GLY B 48 -7.52 -27.52 22.35
CA GLY B 48 -6.11 -27.50 22.00
C GLY B 48 -5.22 -26.90 23.06
N VAL B 49 -3.94 -26.80 22.72
CA VAL B 49 -2.91 -26.27 23.60
C VAL B 49 -2.17 -25.16 22.86
N MET B 50 -1.46 -24.34 23.62
CA MET B 50 -0.77 -23.16 23.09
C MET B 50 0.64 -23.09 23.68
N ILE B 51 1.35 -24.23 23.58
CA ILE B 51 2.70 -24.36 24.12
C ILE B 51 3.54 -23.16 23.72
N MET B 52 4.26 -22.60 24.69
CA MET B 52 5.04 -21.40 24.46
C MET B 52 6.24 -21.39 25.41
N GLY B 53 7.40 -21.04 24.88
CA GLY B 53 8.60 -21.01 25.69
C GLY B 53 9.80 -20.61 24.85
N ASP B 54 10.97 -20.67 25.48
CA ASP B 54 12.19 -20.22 24.83
C ASP B 54 12.64 -21.22 23.77
N ARG B 55 13.79 -20.92 23.15
CA ARG B 55 14.31 -21.74 22.07
C ARG B 55 14.82 -23.07 22.61
N GLY B 56 15.07 -24.01 21.70
CA GLY B 56 15.48 -25.33 22.11
C GLY B 56 14.34 -26.06 22.79
N THR B 57 14.71 -27.06 23.60
CA THR B 57 13.81 -27.87 24.42
C THR B 57 12.80 -28.66 23.60
N GLY B 58 12.93 -28.65 22.26
CA GLY B 58 12.11 -29.51 21.42
C GLY B 58 10.62 -29.23 21.42
N LYS B 59 10.24 -27.96 21.29
CA LYS B 59 8.82 -27.63 21.16
C LYS B 59 8.25 -28.23 19.86
N SER B 60 9.02 -28.18 18.78
CA SER B 60 8.58 -28.70 17.50
C SER B 60 9.00 -30.15 17.26
N THR B 61 9.60 -30.80 18.27
CA THR B 61 9.96 -32.22 18.12
C THR B 61 8.81 -33.12 18.55
N THR B 62 8.19 -32.81 19.70
CA THR B 62 7.10 -33.63 20.21
C THR B 62 5.89 -33.60 19.28
N ILE B 63 5.57 -32.44 18.72
CA ILE B 63 4.42 -32.33 17.83
C ILE B 63 4.59 -33.25 16.63
N ARG B 64 5.78 -33.26 16.03
CA ARG B 64 6.05 -34.20 14.95
C ARG B 64 6.02 -35.64 15.46
N ALA B 65 6.50 -35.86 16.68
CA ALA B 65 6.53 -37.21 17.24
C ALA B 65 5.12 -37.75 17.47
N LEU B 66 4.19 -36.88 17.89
CA LEU B 66 2.85 -37.33 18.24
C LEU B 66 2.05 -37.84 17.05
N ALA B 67 2.51 -37.60 15.83
CA ALA B 67 1.76 -38.06 14.66
C ALA B 67 1.64 -39.58 14.64
N ASP B 68 2.72 -40.28 14.99
CA ASP B 68 2.69 -41.75 14.96
C ASP B 68 1.74 -42.30 16.01
N LEU B 69 1.73 -41.72 17.21
CA LEU B 69 0.92 -42.24 18.32
C LEU B 69 -0.47 -41.63 18.27
N LEU B 70 -1.23 -42.06 17.27
CA LEU B 70 -2.56 -41.51 17.03
C LEU B 70 -3.56 -42.63 16.76
N PRO B 71 -4.82 -42.45 17.18
CA PRO B 71 -5.81 -43.51 16.97
C PRO B 71 -6.42 -43.50 15.58
N GLU B 72 -7.43 -44.36 15.36
CA GLU B 72 -8.08 -44.51 14.07
C GLU B 72 -9.57 -44.22 14.21
N ILE B 73 -10.14 -43.54 13.22
CA ILE B 73 -11.55 -43.17 13.24
C ILE B 73 -12.22 -43.58 11.94
N PRO B 74 -13.52 -43.90 11.94
CA PRO B 74 -14.21 -44.16 10.69
C PRO B 74 -14.47 -42.88 9.91
N VAL B 75 -14.64 -43.04 8.59
CA VAL B 75 -14.88 -41.91 7.70
C VAL B 75 -15.47 -42.46 6.41
N VAL B 76 -16.24 -41.62 5.72
CA VAL B 76 -16.77 -42.00 4.42
C VAL B 76 -15.67 -41.91 3.37
N ALA B 77 -15.92 -42.55 2.23
CA ALA B 77 -14.98 -42.57 1.12
C ALA B 77 -15.39 -41.58 0.04
N ASN B 78 -14.42 -41.17 -0.77
CA ASN B 78 -14.59 -40.30 -1.93
C ASN B 78 -14.89 -38.88 -1.44
N ASP B 79 -15.10 -38.71 -0.14
CA ASP B 79 -15.38 -37.40 0.42
C ASP B 79 -14.16 -36.50 0.31
N PRO B 80 -14.28 -35.31 -0.28
CA PRO B 80 -13.12 -34.40 -0.32
C PRO B 80 -12.59 -34.04 1.06
N PHE B 81 -13.46 -33.93 2.05
CA PHE B 81 -13.06 -33.68 3.43
C PHE B 81 -13.67 -34.75 4.32
N ASN B 82 -12.97 -35.07 5.42
CA ASN B 82 -13.43 -36.13 6.30
C ASN B 82 -14.78 -35.79 6.92
N SER B 83 -15.60 -36.81 7.15
CA SER B 83 -16.93 -36.61 7.70
C SER B 83 -17.36 -37.86 8.43
N ASP B 84 -18.29 -37.68 9.37
CA ASP B 84 -18.86 -38.81 10.09
C ASP B 84 -19.72 -39.64 9.15
N PRO B 85 -19.56 -40.97 9.15
CA PRO B 85 -20.30 -41.81 8.20
C PRO B 85 -21.81 -41.71 8.33
N SER B 86 -22.34 -42.06 9.50
CA SER B 86 -23.78 -42.07 9.69
C SER B 86 -24.23 -41.59 11.06
N ASP B 87 -23.31 -41.13 11.92
CA ASP B 87 -23.67 -40.72 13.27
C ASP B 87 -24.64 -39.54 13.28
N PRO B 88 -24.38 -38.44 12.55
CA PRO B 88 -25.38 -37.38 12.45
C PRO B 88 -26.30 -37.59 11.26
N ASP B 89 -27.21 -36.65 11.03
CA ASP B 89 -28.04 -36.67 9.82
C ASP B 89 -27.33 -36.04 8.63
N LEU B 90 -26.10 -35.58 8.81
CA LEU B 90 -25.25 -35.09 7.72
C LEU B 90 -25.88 -33.88 7.02
N MET B 91 -26.08 -32.79 7.77
CA MET B 91 -26.57 -31.56 7.21
C MET B 91 -25.42 -30.69 6.73
N SER B 92 -24.63 -31.18 5.78
CA SER B 92 -23.46 -30.45 5.32
C SER B 92 -23.53 -30.14 3.83
N ASP B 93 -23.71 -31.17 3.01
CA ASP B 93 -23.67 -31.03 1.56
C ASP B 93 -24.47 -32.21 1.02
N GLU B 94 -24.31 -32.53 -0.28
CA GLU B 94 -25.15 -33.51 -0.96
C GLU B 94 -25.22 -34.85 -0.24
N VAL B 95 -24.34 -35.08 0.73
CA VAL B 95 -24.42 -36.30 1.53
C VAL B 95 -25.73 -36.36 2.31
N ARG B 96 -26.40 -35.21 2.47
CA ARG B 96 -27.69 -35.19 3.15
C ARG B 96 -28.73 -36.00 2.39
N GLN B 97 -29.08 -35.57 1.17
CA GLN B 97 -30.15 -36.23 0.44
C GLN B 97 -29.65 -37.34 -0.47
N LYS B 98 -28.34 -37.51 -0.61
CA LYS B 98 -27.80 -38.67 -1.30
C LYS B 98 -27.78 -39.92 -0.43
N SER B 99 -28.00 -39.77 0.86
CA SER B 99 -28.06 -40.90 1.78
C SER B 99 -29.46 -41.50 1.82
N ILE B 105 -22.61 -46.69 1.18
CA ILE B 105 -21.88 -46.01 2.24
C ILE B 105 -20.52 -46.67 2.44
N PRO B 106 -19.53 -46.23 1.67
CA PRO B 106 -18.18 -46.82 1.76
C PRO B 106 -17.38 -46.17 2.88
N ILE B 107 -16.88 -46.99 3.79
CA ILE B 107 -16.06 -46.54 4.92
C ILE B 107 -14.71 -47.21 4.82
N GLU B 108 -13.65 -46.41 4.79
CA GLU B 108 -12.30 -46.93 4.69
C GLU B 108 -11.61 -47.10 6.04
N PHE B 109 -12.21 -46.56 7.10
CA PHE B 109 -11.58 -46.61 8.46
C PHE B 109 -10.14 -46.10 8.34
N LYS B 110 -9.99 -44.84 7.92
CA LYS B 110 -8.68 -44.25 7.75
C LYS B 110 -8.18 -43.65 9.06
N LYS B 111 -6.99 -43.05 9.02
CA LYS B 111 -6.36 -42.46 10.19
C LYS B 111 -6.45 -40.94 10.12
N VAL B 112 -6.69 -40.33 11.28
CA VAL B 112 -6.71 -38.87 11.35
C VAL B 112 -5.35 -38.31 10.95
N GLN B 113 -5.37 -37.30 10.10
CA GLN B 113 -4.17 -36.74 9.51
C GLN B 113 -3.69 -35.51 10.28
N MET B 114 -2.44 -35.14 10.02
CA MET B 114 -1.82 -33.95 10.59
C MET B 114 -1.58 -32.94 9.48
N VAL B 115 -2.16 -31.75 9.62
CA VAL B 115 -2.08 -30.70 8.61
C VAL B 115 -1.53 -29.44 9.25
N ASP B 116 -0.66 -28.75 8.53
CA ASP B 116 -0.05 -27.51 9.00
C ASP B 116 -0.13 -26.46 7.91
N LEU B 117 -0.18 -25.19 8.32
CA LEU B 117 -0.21 -24.09 7.37
C LEU B 117 1.05 -23.25 7.49
N PRO B 118 1.60 -22.79 6.36
CA PRO B 118 2.79 -21.95 6.40
C PRO B 118 2.47 -20.49 6.68
N LEU B 119 3.50 -19.76 7.12
CA LEU B 119 3.32 -18.35 7.43
C LEU B 119 3.12 -17.50 6.20
N GLY B 120 3.49 -17.99 5.01
CA GLY B 120 3.36 -17.23 3.80
C GLY B 120 2.13 -17.59 2.98
N ALA B 121 1.16 -18.25 3.61
CA ALA B 121 -0.05 -18.65 2.90
C ALA B 121 -0.90 -17.43 2.57
N THR B 122 -1.83 -17.62 1.65
CA THR B 122 -2.74 -16.58 1.21
C THR B 122 -4.17 -16.94 1.55
N GLU B 123 -5.02 -15.92 1.64
CA GLU B 123 -6.39 -16.12 2.11
C GLU B 123 -7.18 -17.03 1.17
N ASP B 124 -7.00 -16.85 -0.15
CA ASP B 124 -7.74 -17.68 -1.10
C ASP B 124 -7.37 -19.15 -0.98
N ARG B 125 -6.08 -19.44 -0.76
CA ARG B 125 -5.65 -20.83 -0.61
C ARG B 125 -6.23 -21.46 0.66
N VAL B 126 -6.35 -20.69 1.73
CA VAL B 126 -6.84 -21.25 2.99
C VAL B 126 -8.28 -21.74 2.84
N CYS B 127 -9.14 -20.95 2.20
CA CYS B 127 -10.55 -21.29 2.06
C CYS B 127 -10.84 -22.02 0.76
N GLY B 128 -10.56 -21.40 -0.37
CA GLY B 128 -10.84 -22.00 -1.65
C GLY B 128 -11.17 -20.92 -2.67
N THR B 129 -11.47 -21.38 -3.88
CA THR B 129 -11.78 -20.49 -4.99
C THR B 129 -12.53 -21.29 -6.05
N ILE B 130 -12.72 -20.68 -7.21
CA ILE B 130 -13.43 -21.31 -8.31
C ILE B 130 -12.58 -22.40 -8.94
N PHE B 143 -15.63 -26.46 -7.07
CA PHE B 143 -15.13 -25.96 -5.79
C PHE B 143 -13.86 -26.68 -5.37
N GLU B 144 -12.74 -25.96 -5.35
CA GLU B 144 -11.48 -26.52 -4.90
C GLU B 144 -11.34 -26.33 -3.40
N PRO B 145 -11.25 -27.40 -2.62
CA PRO B 145 -11.20 -27.26 -1.16
C PRO B 145 -9.91 -26.60 -0.71
N GLY B 146 -9.99 -25.95 0.46
CA GLY B 146 -8.87 -25.30 1.06
C GLY B 146 -8.23 -26.12 2.17
N LEU B 147 -7.38 -25.46 2.95
CA LEU B 147 -6.71 -26.14 4.05
C LEU B 147 -7.68 -26.52 5.16
N LEU B 148 -8.78 -25.76 5.31
CA LEU B 148 -9.74 -26.04 6.37
C LEU B 148 -10.39 -27.40 6.18
N ALA B 149 -10.71 -27.77 4.93
CA ALA B 149 -11.34 -29.06 4.66
C ALA B 149 -10.45 -30.21 5.08
N LYS B 150 -9.15 -30.11 4.80
CA LYS B 150 -8.23 -31.19 5.18
C LYS B 150 -8.12 -31.31 6.70
N ALA B 151 -8.05 -30.18 7.41
CA ALA B 151 -7.86 -30.19 8.85
C ALA B 151 -9.22 -30.03 9.56
N ASN B 152 -10.07 -31.04 9.35
CA ASN B 152 -11.35 -31.13 10.03
C ASN B 152 -11.35 -32.38 10.90
N ARG B 153 -11.78 -32.23 12.15
CA ARG B 153 -11.70 -33.31 13.14
C ARG B 153 -10.28 -33.87 13.21
N GLY B 154 -9.30 -32.97 13.17
CA GLY B 154 -7.91 -33.37 13.19
C GLY B 154 -7.02 -32.37 13.92
N ILE B 155 -5.72 -32.59 13.88
CA ILE B 155 -4.76 -31.73 14.57
C ILE B 155 -4.19 -30.77 13.54
N LEU B 156 -4.67 -29.53 13.54
CA LEU B 156 -4.17 -28.49 12.65
C LEU B 156 -3.05 -27.75 13.36
N TYR B 157 -1.82 -28.00 12.95
CA TYR B 157 -0.66 -27.39 13.59
C TYR B 157 -0.38 -26.02 12.98
N VAL B 158 -0.26 -25.01 13.84
CA VAL B 158 0.07 -23.65 13.43
C VAL B 158 1.48 -23.34 13.91
N ASP B 159 2.31 -22.85 12.99
CA ASP B 159 3.72 -22.63 13.26
C ASP B 159 3.94 -21.15 13.60
N GLU B 160 4.54 -20.90 14.77
CA GLU B 160 4.84 -19.55 15.24
C GLU B 160 3.61 -18.63 15.09
N VAL B 161 2.59 -18.97 15.88
CA VAL B 161 1.34 -18.21 15.86
C VAL B 161 1.54 -16.75 16.24
N ASN B 162 2.63 -16.43 16.94
CA ASN B 162 2.86 -15.06 17.37
C ASN B 162 3.06 -14.12 16.18
N LEU B 163 3.81 -14.56 15.18
CA LEU B 163 4.15 -13.66 14.07
C LEU B 163 2.95 -13.41 13.16
N LEU B 164 2.21 -14.47 12.82
CA LEU B 164 1.06 -14.32 11.93
C LEU B 164 0.00 -13.44 12.59
N ASP B 165 -0.53 -12.49 11.81
CA ASP B 165 -1.49 -11.53 12.34
C ASP B 165 -2.30 -10.95 11.20
N ASP B 166 -3.39 -10.27 11.56
CA ASP B 166 -4.23 -9.55 10.61
C ASP B 166 -4.80 -10.49 9.55
N HIS B 167 -4.13 -10.56 8.40
CA HIS B 167 -4.58 -11.46 7.34
C HIS B 167 -4.47 -12.92 7.79
N LEU B 168 -5.44 -13.72 7.36
CA LEU B 168 -5.52 -15.15 7.68
C LEU B 168 -5.51 -15.41 9.18
N VAL B 169 -6.08 -14.51 9.97
CA VAL B 169 -6.32 -14.79 11.39
C VAL B 169 -7.75 -14.36 11.71
N ASP B 170 -8.35 -13.57 10.82
CA ASP B 170 -9.75 -13.17 10.97
C ASP B 170 -10.69 -14.24 10.42
N VAL B 171 -10.32 -14.91 9.34
CA VAL B 171 -11.15 -15.97 8.78
C VAL B 171 -11.26 -17.14 9.74
N LEU B 172 -10.18 -17.42 10.49
CA LEU B 172 -10.16 -18.51 11.46
C LEU B 172 -10.93 -18.21 12.72
N LEU B 173 -11.47 -16.99 12.86
CA LEU B 173 -12.18 -16.60 14.07
C LEU B 173 -13.63 -17.04 14.08
N ASP B 174 -14.11 -17.72 13.04
CA ASP B 174 -15.48 -18.19 13.01
C ASP B 174 -15.55 -19.69 12.72
N SER B 175 -14.56 -20.22 12.00
CA SER B 175 -14.54 -21.64 11.72
C SER B 175 -14.44 -22.46 13.00
N ALA B 176 -13.56 -22.05 13.91
CA ALA B 176 -13.51 -22.67 15.23
C ALA B 176 -14.62 -22.11 16.11
N ALA B 177 -14.92 -22.85 17.18
CA ALA B 177 -15.94 -22.52 18.18
C ALA B 177 -17.35 -22.44 17.60
N SER B 178 -17.54 -22.76 16.32
CA SER B 178 -18.87 -22.80 15.71
C SER B 178 -19.15 -24.10 14.99
N GLY B 179 -18.12 -24.76 14.45
CA GLY B 179 -18.29 -26.01 13.75
C GLY B 179 -18.70 -25.89 12.31
N TRP B 180 -18.88 -24.69 11.79
CA TRP B 180 -19.34 -24.49 10.42
C TRP B 180 -18.51 -23.38 9.78
N ASN B 181 -18.05 -23.63 8.55
CA ASN B 181 -17.25 -22.66 7.81
C ASN B 181 -18.08 -22.14 6.65
N THR B 182 -18.24 -20.82 6.59
CA THR B 182 -19.05 -20.17 5.55
C THR B 182 -18.12 -19.52 4.53
N VAL B 183 -18.27 -19.90 3.28
CA VAL B 183 -17.52 -19.32 2.17
C VAL B 183 -18.49 -18.70 1.19
N GLU B 184 -18.31 -17.40 0.93
CA GLU B 184 -19.15 -16.60 0.03
C GLU B 184 -18.28 -15.82 -0.94
N ARG B 185 -17.29 -16.49 -1.51
CA ARG B 185 -16.28 -15.84 -2.33
C ARG B 185 -16.46 -16.23 -3.80
N GLU B 186 -16.41 -15.24 -4.68
CA GLU B 186 -16.44 -15.45 -6.13
C GLU B 186 -17.67 -16.25 -6.57
N GLY B 187 -18.81 -15.94 -5.96
CA GLY B 187 -20.06 -16.56 -6.37
C GLY B 187 -20.32 -17.93 -5.76
N ILE B 188 -19.26 -18.68 -5.48
CA ILE B 188 -19.42 -20.01 -4.90
C ILE B 188 -19.94 -19.88 -3.48
N SER B 189 -20.98 -20.66 -3.15
CA SER B 189 -21.64 -20.55 -1.85
C SER B 189 -22.02 -21.95 -1.37
N ILE B 190 -21.36 -22.41 -0.30
CA ILE B 190 -21.66 -23.67 0.36
C ILE B 190 -21.44 -23.50 1.85
N ARG B 191 -21.73 -24.56 2.61
CA ARG B 191 -21.48 -24.61 4.04
C ARG B 191 -20.54 -25.77 4.34
N HIS B 192 -19.53 -25.50 5.19
CA HIS B 192 -18.44 -26.44 5.42
C HIS B 192 -18.30 -26.74 6.90
N PRO B 193 -18.53 -27.97 7.34
CA PRO B 193 -18.22 -28.32 8.73
C PRO B 193 -16.72 -28.26 8.97
N ALA B 194 -16.35 -27.83 10.18
CA ALA B 194 -14.94 -27.70 10.54
C ALA B 194 -14.80 -27.57 12.05
N ARG B 195 -14.00 -28.45 12.64
CA ARG B 195 -13.63 -28.32 14.05
C ARG B 195 -12.31 -29.06 14.25
N PHE B 196 -11.37 -28.43 14.96
CA PHE B 196 -10.02 -28.95 15.06
C PHE B 196 -9.42 -28.52 16.39
N VAL B 197 -8.40 -29.28 16.83
CA VAL B 197 -7.76 -28.98 18.11
C VAL B 197 -6.92 -27.71 18.02
N LEU B 198 -6.29 -27.46 16.87
CA LEU B 198 -5.52 -26.24 16.61
C LEU B 198 -4.39 -26.08 17.64
N VAL B 199 -3.45 -27.01 17.55
CA VAL B 199 -2.23 -26.94 18.37
C VAL B 199 -1.29 -25.92 17.77
N GLY B 200 -0.84 -24.98 18.59
CA GLY B 200 0.02 -23.91 18.12
C GLY B 200 1.12 -23.61 19.11
N SER B 201 2.27 -23.20 18.59
CA SER B 201 3.44 -22.85 19.37
C SER B 201 3.83 -21.40 19.10
N GLY B 202 4.94 -20.98 19.71
CA GLY B 202 5.44 -19.65 19.49
C GLY B 202 6.43 -19.25 20.56
N ASN B 203 7.14 -18.14 20.28
CA ASN B 203 8.14 -17.56 21.17
C ASN B 203 7.52 -16.55 22.11
N PRO B 204 8.05 -16.40 23.32
CA PRO B 204 7.46 -15.49 24.31
C PRO B 204 8.05 -14.08 24.32
N GLU B 205 9.00 -13.77 23.44
CA GLU B 205 9.63 -12.46 23.40
C GLU B 205 9.46 -11.80 22.04
N GLU B 206 8.33 -12.03 21.39
CA GLU B 206 8.03 -11.41 20.11
C GLU B 206 6.59 -10.88 20.09
N GLY B 207 6.08 -10.47 21.24
CA GLY B 207 4.76 -9.90 21.36
C GLY B 207 3.76 -10.88 21.93
N GLU B 208 2.57 -10.35 22.22
CA GLU B 208 1.47 -11.13 22.77
C GLU B 208 0.24 -10.95 21.90
N LEU B 209 -0.61 -11.98 21.88
CA LEU B 209 -1.76 -12.02 20.99
C LEU B 209 -2.89 -11.13 21.51
N ARG B 210 -3.82 -10.82 20.60
CA ARG B 210 -5.02 -10.07 20.95
C ARG B 210 -6.01 -10.99 21.65
N PRO B 211 -6.86 -10.43 22.52
CA PRO B 211 -7.73 -11.28 23.35
C PRO B 211 -8.71 -12.13 22.55
N GLN B 212 -9.09 -11.71 21.35
CA GLN B 212 -10.12 -12.43 20.61
C GLN B 212 -9.67 -13.85 20.25
N LEU B 213 -8.43 -14.00 19.80
CA LEU B 213 -7.92 -15.32 19.45
C LEU B 213 -7.37 -16.07 20.66
N LEU B 214 -7.15 -15.38 21.79
CA LEU B 214 -6.51 -16.00 22.94
C LEU B 214 -7.42 -17.01 23.64
N ASP B 215 -8.74 -16.80 23.60
CA ASP B 215 -9.67 -17.63 24.35
C ASP B 215 -10.17 -18.84 23.58
N ARG B 216 -9.71 -19.05 22.35
CA ARG B 216 -10.04 -20.24 21.58
C ARG B 216 -9.17 -21.43 21.95
N PHE B 217 -8.18 -21.25 22.82
CA PHE B 217 -7.25 -22.29 23.19
C PHE B 217 -7.66 -22.92 24.52
N GLY B 218 -7.57 -24.24 24.59
CA GLY B 218 -7.96 -24.96 25.79
C GLY B 218 -7.03 -24.73 26.97
N MET B 219 -5.79 -25.21 26.88
CA MET B 219 -4.82 -25.04 27.95
C MET B 219 -3.69 -24.14 27.47
N HIS B 220 -2.68 -23.99 28.32
CA HIS B 220 -1.49 -23.22 27.99
C HIS B 220 -0.35 -23.79 28.83
N ALA B 221 0.52 -24.57 28.20
CA ALA B 221 1.61 -25.25 28.88
C ALA B 221 2.91 -24.50 28.65
N GLU B 222 3.59 -24.18 29.74
CA GLU B 222 4.84 -23.42 29.69
C GLU B 222 6.04 -24.38 29.78
N ILE B 223 7.10 -24.04 29.06
CA ILE B 223 8.30 -24.87 28.99
C ILE B 223 9.44 -24.14 29.67
N HIS B 224 10.19 -24.87 30.50
CA HIS B 224 11.38 -24.35 31.13
C HIS B 224 12.54 -25.28 30.86
N THR B 225 13.66 -24.72 30.39
CA THR B 225 14.82 -25.52 30.02
C THR B 225 15.44 -26.16 31.25
N VAL B 226 15.90 -27.41 31.09
CA VAL B 226 16.58 -28.10 32.18
C VAL B 226 17.88 -27.41 32.50
N LYS B 227 18.22 -27.33 33.79
CA LYS B 227 19.43 -26.66 34.23
C LYS B 227 20.35 -27.54 35.08
N GLU B 228 19.93 -28.73 35.47
CA GLU B 228 20.79 -29.61 36.24
C GLU B 228 21.85 -30.22 35.34
N PRO B 229 23.14 -30.05 35.63
CA PRO B 229 24.18 -30.59 34.75
C PRO B 229 24.17 -32.10 34.62
N ALA B 230 23.56 -32.82 35.57
CA ALA B 230 23.54 -34.27 35.55
C ALA B 230 22.55 -34.85 34.54
N LEU B 231 21.71 -34.01 33.92
CA LEU B 231 20.65 -34.51 33.05
C LEU B 231 20.93 -34.31 31.57
N ARG B 232 21.60 -33.21 31.20
CA ARG B 232 21.79 -32.89 29.79
C ARG B 232 22.61 -33.94 29.05
N VAL B 233 23.49 -34.65 29.78
CA VAL B 233 24.32 -35.68 29.16
C VAL B 233 23.44 -36.79 28.60
N GLN B 234 22.35 -37.13 29.30
CA GLN B 234 21.45 -38.16 28.80
C GLN B 234 20.81 -37.75 27.48
N ILE B 235 20.37 -36.49 27.38
CA ILE B 235 19.77 -36.01 26.15
C ILE B 235 20.78 -36.02 25.01
N VAL B 236 22.00 -35.56 25.29
CA VAL B 236 23.04 -35.55 24.27
C VAL B 236 23.32 -36.97 23.78
N GLU B 237 23.45 -37.92 24.71
CA GLU B 237 23.73 -39.30 24.35
C GLU B 237 22.60 -39.90 23.52
N GLN B 238 21.36 -39.64 23.91
CA GLN B 238 20.23 -40.20 23.15
C GLN B 238 20.17 -39.62 21.75
N ARG B 239 20.37 -38.31 21.62
CA ARG B 239 20.37 -37.70 20.29
C ARG B 239 21.49 -38.25 19.43
N SER B 240 22.68 -38.40 20.01
CA SER B 240 23.81 -38.95 19.26
C SER B 240 23.54 -40.38 18.82
N GLU B 241 22.98 -41.20 19.72
CA GLU B 241 22.68 -42.59 19.37
C GLU B 241 21.65 -42.66 18.26
N PHE B 242 20.62 -41.83 18.32
CA PHE B 242 19.61 -41.83 17.26
C PHE B 242 20.21 -41.36 15.94
N ASP B 243 21.06 -40.33 15.97
CA ASP B 243 21.64 -39.83 14.73
C ASP B 243 22.64 -40.81 14.13
N GLN B 244 23.29 -41.63 14.95
CA GLN B 244 24.21 -42.63 14.42
C GLN B 244 23.48 -43.64 13.55
N ASN B 245 22.30 -44.08 13.99
CA ASN B 245 21.52 -45.05 13.23
C ASN B 245 20.04 -44.92 13.58
N PRO B 246 19.24 -44.28 12.74
CA PRO B 246 17.79 -44.23 12.97
C PRO B 246 17.17 -45.62 13.09
N PRO B 247 17.59 -46.60 12.28
CA PRO B 247 17.18 -47.97 12.56
C PRO B 247 17.92 -48.54 13.76
N THR B 248 17.48 -49.72 14.20
CA THR B 248 17.99 -50.38 15.39
C THR B 248 17.80 -49.50 16.62
N PHE B 249 16.98 -48.47 16.50
CA PHE B 249 16.58 -47.62 17.62
C PHE B 249 15.12 -47.81 17.99
N LEU B 250 14.24 -47.93 16.99
CA LEU B 250 12.83 -48.21 17.26
C LEU B 250 12.66 -49.54 17.97
N GLU B 251 13.39 -50.57 17.52
CA GLU B 251 13.33 -51.87 18.18
C GLU B 251 13.74 -51.78 19.64
N LYS B 252 14.68 -50.89 19.95
CA LYS B 252 15.08 -50.67 21.34
C LYS B 252 13.96 -50.04 22.16
N TYR B 253 12.97 -49.44 21.51
CA TYR B 253 11.86 -48.79 22.21
C TYR B 253 10.49 -49.25 21.74
N ASN B 254 10.41 -50.15 20.75
CA ASN B 254 9.11 -50.58 20.24
C ASN B 254 8.24 -51.25 21.29
N PRO B 255 8.73 -52.22 22.09
CA PRO B 255 7.85 -52.82 23.10
C PRO B 255 7.33 -51.83 24.13
N GLU B 256 8.12 -50.81 24.48
CA GLU B 256 7.68 -49.85 25.48
C GLU B 256 6.64 -48.89 24.91
N GLN B 257 6.85 -48.42 23.67
CA GLN B 257 5.94 -47.44 23.10
C GLN B 257 4.61 -48.07 22.69
N THR B 258 4.62 -49.35 22.27
CA THR B 258 3.38 -50.00 21.88
C THR B 258 2.46 -50.24 23.08
N ALA B 259 2.95 -50.04 24.29
CA ALA B 259 2.13 -50.09 25.49
C ALA B 259 1.48 -48.75 25.81
N LEU B 260 1.72 -47.72 25.00
CA LEU B 260 1.11 -46.42 25.22
C LEU B 260 -0.19 -46.26 24.45
N GLN B 261 -0.19 -46.56 23.15
CA GLN B 261 -1.43 -46.48 22.38
C GLN B 261 -2.25 -47.76 22.56
N LYS B 262 -2.38 -48.17 23.80
CA LYS B 262 -3.32 -49.17 24.29
C LYS B 262 -4.04 -48.67 25.53
N LYS B 263 -3.34 -47.97 26.42
CA LYS B 263 -3.98 -47.30 27.54
C LYS B 263 -4.89 -46.17 27.06
N ILE B 264 -4.47 -45.45 26.01
CA ILE B 264 -5.25 -44.33 25.51
C ILE B 264 -6.56 -44.84 24.88
N VAL B 265 -6.47 -45.86 24.03
CA VAL B 265 -7.67 -46.39 23.39
C VAL B 265 -8.63 -46.92 24.44
N GLU B 266 -8.12 -47.69 25.40
CA GLU B 266 -8.96 -48.19 26.48
C GLU B 266 -9.58 -47.03 27.26
N ALA B 267 -8.85 -45.94 27.44
CA ALA B 267 -9.40 -44.78 28.13
C ALA B 267 -10.54 -44.14 27.35
N GLN B 268 -10.55 -44.30 26.01
CA GLN B 268 -11.61 -43.71 25.21
C GLN B 268 -12.94 -44.40 25.45
N LYS B 269 -12.94 -45.73 25.57
CA LYS B 269 -14.17 -46.47 25.81
C LYS B 269 -14.77 -46.12 27.18
N LEU B 270 -13.92 -45.95 28.19
CA LEU B 270 -14.38 -45.74 29.55
C LEU B 270 -14.93 -44.32 29.76
N LEU B 271 -14.51 -43.36 28.94
CA LEU B 271 -14.86 -41.96 29.17
C LEU B 271 -16.36 -41.69 29.32
N PRO B 272 -17.27 -42.23 28.45
CA PRO B 272 -18.71 -41.99 28.64
C PRO B 272 -19.32 -42.81 29.77
N GLU B 273 -18.62 -42.85 30.91
CA GLU B 273 -19.16 -43.49 32.11
C GLU B 273 -18.81 -42.74 33.39
N VAL B 274 -18.14 -41.60 33.31
CA VAL B 274 -17.73 -40.86 34.50
C VAL B 274 -18.90 -40.08 35.05
N LYS B 275 -18.89 -39.83 36.36
CA LYS B 275 -19.97 -39.09 37.04
C LYS B 275 -19.32 -38.20 38.10
N LEU B 276 -19.06 -36.94 37.73
CA LEU B 276 -18.55 -35.98 38.69
C LEU B 276 -19.62 -35.65 39.72
N ASP B 277 -19.21 -35.55 40.98
CA ASP B 277 -20.14 -35.24 42.05
C ASP B 277 -20.64 -33.80 41.93
N TYR B 278 -21.89 -33.59 42.35
CA TYR B 278 -22.49 -32.26 42.25
C TYR B 278 -21.86 -31.27 43.21
N ASP B 279 -21.38 -31.73 44.36
CA ASP B 279 -20.84 -30.82 45.36
C ASP B 279 -19.58 -30.11 44.85
N LEU B 280 -18.70 -30.84 44.15
CA LEU B 280 -17.48 -30.23 43.65
C LEU B 280 -17.77 -29.15 42.60
N ARG B 281 -18.76 -29.40 41.74
CA ARG B 281 -19.07 -28.45 40.67
C ARG B 281 -19.46 -27.09 41.23
N VAL B 282 -20.08 -27.05 42.41
CA VAL B 282 -20.41 -25.78 43.04
C VAL B 282 -19.14 -25.02 43.39
N LYS B 283 -18.14 -25.72 43.93
CA LYS B 283 -16.92 -25.05 44.35
C LYS B 283 -16.05 -24.62 43.17
N ILE B 284 -16.11 -25.37 42.06
CA ILE B 284 -15.30 -25.03 40.89
C ILE B 284 -15.68 -23.65 40.36
N SER B 285 -16.98 -23.40 40.25
CA SER B 285 -17.43 -22.09 39.77
C SER B 285 -17.09 -20.97 40.74
N GLU B 286 -16.98 -21.30 42.04
CA GLU B 286 -16.64 -20.28 43.03
C GLU B 286 -15.23 -19.74 42.78
N VAL B 287 -14.28 -20.62 42.43
CA VAL B 287 -12.94 -20.17 42.11
C VAL B 287 -12.97 -19.23 40.91
N CYS B 288 -13.75 -19.60 39.89
CA CYS B 288 -13.84 -18.79 38.68
C CYS B 288 -14.38 -17.40 38.98
N SER B 289 -15.45 -17.32 39.76
CA SER B 289 -16.04 -16.02 40.08
C SER B 289 -15.13 -15.20 40.98
N GLU B 290 -14.50 -15.85 41.98
CA GLU B 290 -13.63 -15.12 42.89
C GLU B 290 -12.42 -14.56 42.16
N LEU B 291 -11.82 -15.34 41.27
CA LEU B 291 -10.66 -14.86 40.51
C LEU B 291 -11.07 -13.81 39.48
N ASP B 292 -12.35 -13.68 39.18
CA ASP B 292 -12.88 -12.65 38.29
C ASP B 292 -12.27 -12.75 36.89
N VAL B 293 -12.46 -13.92 36.27
CA VAL B 293 -12.08 -14.11 34.88
C VAL B 293 -13.16 -13.46 34.02
N ASP B 294 -12.89 -13.29 32.73
CA ASP B 294 -13.84 -12.67 31.81
C ASP B 294 -14.51 -13.75 30.98
N GLY B 295 -15.84 -13.77 31.00
CA GLY B 295 -16.61 -14.70 30.21
C GLY B 295 -17.07 -15.92 30.99
N LEU B 296 -17.41 -16.96 30.24
CA LEU B 296 -17.90 -18.20 30.81
C LEU B 296 -17.22 -19.43 30.22
N ARG B 297 -16.42 -19.28 29.16
CA ARG B 297 -15.73 -20.42 28.56
C ARG B 297 -14.69 -21.05 29.48
N GLY B 298 -14.32 -20.37 30.56
CA GLY B 298 -13.34 -20.87 31.51
C GLY B 298 -13.84 -21.89 32.49
N ASP B 299 -15.09 -22.35 32.35
CA ASP B 299 -15.65 -23.36 33.24
C ASP B 299 -16.10 -24.62 32.53
N ILE B 300 -16.47 -24.53 31.24
CA ILE B 300 -16.78 -25.73 30.48
C ILE B 300 -15.51 -26.56 30.26
N VAL B 301 -14.37 -25.88 30.06
CA VAL B 301 -13.13 -26.59 29.74
C VAL B 301 -12.65 -27.42 30.92
N THR B 302 -12.70 -26.86 32.13
CA THR B 302 -12.11 -27.53 33.28
C THR B 302 -12.77 -28.89 33.54
N ASN B 303 -14.10 -28.94 33.49
CA ASN B 303 -14.81 -30.18 33.80
C ASN B 303 -14.44 -31.28 32.82
N ARG B 304 -14.40 -30.96 31.52
CA ARG B 304 -14.05 -31.96 30.53
C ARG B 304 -12.64 -32.48 30.71
N ALA B 305 -11.69 -31.57 30.99
CA ALA B 305 -10.32 -32.01 31.21
C ALA B 305 -10.20 -32.89 32.44
N ALA B 306 -10.88 -32.51 33.53
CA ALA B 306 -10.83 -33.33 34.74
C ALA B 306 -11.41 -34.72 34.49
N LYS B 307 -12.54 -34.79 33.79
CA LYS B 307 -13.14 -36.08 33.47
C LYS B 307 -12.22 -36.92 32.60
N ALA B 308 -11.62 -36.31 31.58
CA ALA B 308 -10.72 -37.06 30.70
C ALA B 308 -9.51 -37.58 31.47
N LEU B 309 -8.95 -36.75 32.35
CA LEU B 309 -7.79 -37.20 33.12
C LEU B 309 -8.17 -38.33 34.07
N THR B 310 -9.30 -38.21 34.76
CA THR B 310 -9.70 -39.28 35.67
C THR B 310 -10.08 -40.55 34.92
N ALA B 311 -10.47 -40.45 33.64
CA ALA B 311 -10.64 -41.65 32.84
C ALA B 311 -9.30 -42.21 32.38
N TYR B 312 -8.30 -41.34 32.22
CA TYR B 312 -6.97 -41.81 31.79
C TYR B 312 -6.31 -42.68 32.85
N GLU B 313 -6.43 -42.30 34.12
CA GLU B 313 -5.73 -43.00 35.20
C GLU B 313 -6.38 -44.34 35.55
N GLY B 314 -7.59 -44.61 35.10
CA GLY B 314 -8.19 -45.92 35.30
C GLY B 314 -9.51 -45.92 36.05
N ARG B 315 -9.63 -45.06 37.06
CA ARG B 315 -10.84 -45.03 37.87
C ARG B 315 -12.02 -44.48 37.07
N THR B 316 -13.22 -44.73 37.58
CA THR B 316 -14.45 -44.22 37.00
C THR B 316 -15.14 -43.23 37.94
N GLU B 317 -14.36 -42.56 38.78
CA GLU B 317 -14.86 -41.53 39.69
C GLU B 317 -13.93 -40.33 39.61
N VAL B 318 -14.20 -39.31 40.43
CA VAL B 318 -13.41 -38.10 40.47
C VAL B 318 -13.11 -37.74 41.92
N THR B 319 -11.86 -37.37 42.18
CA THR B 319 -11.43 -36.92 43.50
C THR B 319 -10.96 -35.48 43.43
N VAL B 320 -10.54 -34.94 44.58
CA VAL B 320 -10.04 -33.57 44.63
C VAL B 320 -8.71 -33.46 43.91
N ASP B 321 -7.88 -34.49 43.96
CA ASP B 321 -6.54 -34.42 43.37
C ASP B 321 -6.61 -34.21 41.87
N ASP B 322 -7.55 -34.87 41.20
CA ASP B 322 -7.67 -34.74 39.75
C ASP B 322 -7.94 -33.31 39.34
N ILE B 323 -8.78 -32.60 40.10
CA ILE B 323 -9.05 -31.19 39.80
C ILE B 323 -7.79 -30.36 39.95
N ARG B 324 -7.05 -30.58 41.04
CA ARG B 324 -5.86 -29.76 41.32
C ARG B 324 -4.76 -29.95 40.28
N ARG B 325 -4.70 -31.12 39.63
CA ARG B 325 -3.67 -31.37 38.63
C ARG B 325 -3.89 -30.61 37.33
N VAL B 326 -5.14 -30.28 36.99
CA VAL B 326 -5.41 -29.61 35.72
C VAL B 326 -5.97 -28.20 35.88
N ILE B 327 -6.49 -27.82 37.05
CA ILE B 327 -6.98 -26.45 37.23
C ILE B 327 -5.83 -25.46 37.22
N THR B 328 -4.60 -25.90 37.52
CA THR B 328 -3.47 -24.99 37.57
C THR B 328 -3.15 -24.42 36.19
N LEU B 329 -3.21 -25.25 35.15
CA LEU B 329 -2.81 -24.86 33.81
C LEU B 329 -3.99 -24.70 32.86
N CYS B 330 -5.16 -24.35 33.37
CA CYS B 330 -6.31 -24.00 32.56
C CYS B 330 -6.73 -22.56 32.74
N LEU B 331 -6.96 -22.12 33.98
CA LEU B 331 -7.41 -20.76 34.22
C LEU B 331 -6.29 -19.74 34.07
N ARG B 332 -5.05 -20.12 34.39
CA ARG B 332 -3.94 -19.18 34.32
C ARG B 332 -3.82 -18.54 32.95
N HIS B 333 -4.20 -19.28 31.90
CA HIS B 333 -4.16 -18.76 30.55
C HIS B 333 -5.13 -17.60 30.33
N ARG B 334 -6.17 -17.49 31.15
CA ARG B 334 -7.23 -16.51 30.95
C ARG B 334 -7.22 -15.39 31.99
N LEU B 335 -6.20 -15.30 32.83
CA LEU B 335 -6.17 -14.26 33.85
C LEU B 335 -6.08 -12.86 33.23
N ARG B 336 -6.39 -11.87 34.04
CA ARG B 336 -6.34 -10.48 33.60
C ARG B 336 -4.93 -9.94 33.72
N LYS B 337 -4.49 -9.27 32.65
CA LYS B 337 -3.12 -8.67 32.64
C LYS B 337 -3.06 -7.56 33.67
N ASP B 338 -1.98 -7.51 34.46
CA ASP B 338 -1.81 -6.49 35.47
C ASP B 338 -0.32 -6.19 35.69
N PRO B 339 0.17 -5.04 35.24
CA PRO B 339 1.58 -4.67 35.47
C PRO B 339 1.82 -3.87 36.75
N LEU B 340 0.80 -3.69 37.59
CA LEU B 340 0.95 -2.87 38.78
C LEU B 340 1.73 -3.56 39.89
N GLU B 341 1.93 -4.87 39.79
CA GLU B 341 2.67 -5.60 40.81
C GLU B 341 3.55 -6.66 40.19
N SER B 342 4.12 -7.55 41.01
CA SER B 342 5.03 -8.58 40.52
C SER B 342 4.51 -9.97 40.84
N ILE B 343 3.21 -10.20 40.63
CA ILE B 343 2.59 -11.49 40.86
C ILE B 343 2.65 -12.29 39.57
N ASP B 344 3.20 -13.51 39.66
CA ASP B 344 3.40 -14.35 38.50
C ASP B 344 2.09 -15.07 38.13
N SER B 345 2.19 -16.04 37.23
CA SER B 345 1.04 -16.81 36.79
C SER B 345 1.10 -18.22 37.38
N GLY B 346 -0.08 -18.75 37.70
CA GLY B 346 -0.17 -20.05 38.34
C GLY B 346 -0.08 -19.96 39.85
N TYR B 347 0.78 -19.07 40.35
CA TYR B 347 0.89 -18.87 41.80
C TYR B 347 -0.44 -18.38 42.38
N LYS B 348 -1.05 -17.38 41.73
CA LYS B 348 -2.33 -16.85 42.21
C LYS B 348 -3.42 -17.91 42.14
N VAL B 349 -3.44 -18.70 41.05
CA VAL B 349 -4.45 -19.74 40.91
C VAL B 349 -4.30 -20.78 42.01
N GLU B 350 -3.06 -21.20 42.28
CA GLU B 350 -2.82 -22.17 43.34
C GLU B 350 -3.22 -21.61 44.70
N LYS B 351 -2.91 -20.33 44.95
CA LYS B 351 -3.26 -19.72 46.22
C LYS B 351 -4.78 -19.68 46.42
N VAL B 352 -5.51 -19.26 45.38
CA VAL B 352 -6.97 -19.19 45.49
C VAL B 352 -7.55 -20.59 45.65
N PHE B 353 -7.02 -21.57 44.91
CA PHE B 353 -7.50 -22.94 45.02
C PHE B 353 -7.29 -23.48 46.42
N ALA B 354 -6.12 -23.23 47.00
CA ALA B 354 -5.86 -23.69 48.37
C ALA B 354 -6.77 -22.99 49.37
N ARG B 355 -7.02 -21.69 49.18
CA ARG B 355 -7.85 -20.94 50.10
C ARG B 355 -9.30 -21.39 50.07
N ILE B 356 -9.81 -21.75 48.88
CA ILE B 356 -11.23 -22.03 48.74
C ILE B 356 -11.53 -23.51 48.90
N PHE B 357 -10.56 -24.36 48.58
CA PHE B 357 -10.73 -25.81 48.66
C PHE B 357 -10.27 -26.31 50.02
N GLY B 358 -10.18 -27.63 50.17
CA GLY B 358 -9.66 -28.22 51.39
C GLY B 358 -8.14 -28.28 51.38
N VAL B 359 -7.52 -27.61 52.34
CA VAL B 359 -6.06 -27.54 52.45
C VAL B 359 -5.44 -26.98 51.18
N VAL C 20 -31.35 -29.11 15.86
CA VAL C 20 -30.01 -29.07 15.30
C VAL C 20 -29.26 -27.86 15.83
N VAL C 21 -29.98 -26.98 16.53
CA VAL C 21 -29.41 -25.78 17.11
C VAL C 21 -29.90 -25.64 18.54
N PHE C 22 -29.20 -24.82 19.31
CA PHE C 22 -29.60 -24.59 20.70
C PHE C 22 -30.96 -23.90 20.75
N PRO C 23 -31.86 -24.34 21.62
CA PRO C 23 -33.18 -23.71 21.71
C PRO C 23 -33.07 -22.29 22.25
N PHE C 24 -33.94 -21.41 21.73
CA PHE C 24 -33.89 -20.02 22.13
C PHE C 24 -34.51 -19.78 23.51
N THR C 25 -35.54 -20.55 23.87
CA THR C 25 -36.23 -20.32 25.14
C THR C 25 -35.52 -20.96 26.33
N ALA C 26 -34.44 -21.71 26.10
CA ALA C 26 -33.67 -22.30 27.17
C ALA C 26 -32.47 -21.46 27.57
N ILE C 27 -32.32 -20.27 26.97
CA ILE C 27 -31.21 -19.39 27.32
C ILE C 27 -31.36 -18.93 28.75
N VAL C 28 -30.29 -19.03 29.53
CA VAL C 28 -30.33 -18.73 30.95
C VAL C 28 -29.93 -17.27 31.16
N GLY C 29 -30.81 -16.51 31.81
CA GLY C 29 -30.53 -15.12 32.09
C GLY C 29 -30.56 -14.26 30.84
N GLN C 30 -29.90 -13.10 30.95
CA GLN C 30 -29.77 -12.13 29.86
C GLN C 30 -31.15 -11.78 29.27
N GLU C 31 -31.99 -11.19 30.12
CA GLU C 31 -33.33 -10.81 29.69
C GLU C 31 -33.29 -9.67 28.68
N GLU C 32 -32.41 -8.69 28.90
CA GLU C 32 -32.42 -7.48 28.07
C GLU C 32 -32.08 -7.80 26.62
N MET C 33 -31.12 -8.71 26.40
CA MET C 33 -30.81 -9.11 25.03
C MET C 33 -31.99 -9.80 24.37
N LYS C 34 -32.83 -10.47 25.16
CA LYS C 34 -33.99 -11.16 24.58
C LYS C 34 -35.09 -10.21 24.17
N LEU C 35 -35.15 -9.03 24.78
CA LEU C 35 -36.24 -8.10 24.49
C LEU C 35 -36.10 -7.50 23.10
N ALA C 36 -34.90 -7.03 22.75
CA ALA C 36 -34.71 -6.34 21.48
C ALA C 36 -34.94 -7.26 20.28
N LEU C 37 -34.41 -8.48 20.35
CA LEU C 37 -34.55 -9.40 19.22
C LEU C 37 -35.98 -9.83 18.98
N LEU C 38 -36.87 -9.63 19.96
CA LEU C 38 -38.28 -9.89 19.75
C LEU C 38 -39.01 -8.66 19.21
N LEU C 39 -38.69 -7.48 19.74
CA LEU C 39 -39.31 -6.25 19.24
C LEU C 39 -38.93 -6.00 17.79
N ASN C 40 -37.76 -6.47 17.35
CA ASN C 40 -37.34 -6.28 15.97
C ASN C 40 -37.98 -7.29 15.02
N VAL C 41 -38.88 -8.14 15.49
CA VAL C 41 -39.57 -9.09 14.64
C VAL C 41 -41.06 -8.77 14.61
N ILE C 42 -41.57 -8.23 15.73
CA ILE C 42 -42.97 -7.84 15.78
C ILE C 42 -43.26 -6.73 14.78
N ASP C 43 -42.40 -5.72 14.73
CA ASP C 43 -42.54 -4.58 13.81
C ASP C 43 -41.18 -4.39 13.15
N PRO C 44 -40.95 -5.02 11.98
CA PRO C 44 -39.63 -4.97 11.33
C PRO C 44 -39.38 -3.66 10.59
N LYS C 45 -39.65 -2.54 11.25
CA LYS C 45 -39.39 -1.23 10.71
C LYS C 45 -38.39 -0.44 11.54
N ILE C 46 -37.97 -0.96 12.69
CA ILE C 46 -36.91 -0.31 13.47
C ILE C 46 -35.59 -0.46 12.72
N GLY C 47 -34.63 0.38 13.08
CA GLY C 47 -33.35 0.38 12.38
C GLY C 47 -32.60 -0.93 12.51
N GLY C 48 -32.52 -1.47 13.72
CA GLY C 48 -31.81 -2.69 13.98
C GLY C 48 -31.42 -2.80 15.44
N VAL C 49 -30.47 -3.68 15.72
CA VAL C 49 -29.97 -3.87 17.07
C VAL C 49 -28.44 -3.95 17.04
N MET C 50 -27.84 -3.70 18.19
CA MET C 50 -26.40 -3.84 18.35
C MET C 50 -26.13 -4.26 19.79
N ILE C 51 -25.40 -5.37 19.96
CA ILE C 51 -25.10 -5.92 21.27
C ILE C 51 -23.58 -6.07 21.38
N MET C 52 -23.00 -5.42 22.37
CA MET C 52 -21.57 -5.46 22.62
C MET C 52 -21.32 -5.96 24.03
N GLY C 53 -20.30 -6.80 24.19
CA GLY C 53 -20.03 -7.35 25.51
C GLY C 53 -18.77 -8.19 25.50
N ASP C 54 -18.49 -8.80 26.66
CA ASP C 54 -17.28 -9.58 26.85
C ASP C 54 -17.30 -10.84 25.99
N ARG C 55 -16.18 -11.54 26.00
CA ARG C 55 -16.12 -12.84 25.33
C ARG C 55 -17.01 -13.84 26.04
N GLY C 56 -17.44 -14.86 25.31
CA GLY C 56 -18.43 -15.75 25.88
C GLY C 56 -19.76 -15.04 26.05
N THR C 57 -20.51 -15.47 27.08
CA THR C 57 -21.81 -14.90 27.43
C THR C 57 -22.84 -15.09 26.31
N GLY C 58 -22.46 -15.81 25.26
CA GLY C 58 -23.40 -16.20 24.22
C GLY C 58 -23.99 -15.09 23.39
N LYS C 59 -23.16 -14.13 22.95
CA LYS C 59 -23.66 -13.09 22.05
C LYS C 59 -24.04 -13.68 20.70
N SER C 60 -23.24 -14.61 20.18
CA SER C 60 -23.48 -15.23 18.90
C SER C 60 -24.25 -16.54 19.00
N THR C 61 -24.73 -16.88 20.21
CA THR C 61 -25.60 -18.03 20.40
C THR C 61 -27.07 -17.66 20.43
N THR C 62 -27.42 -16.57 21.13
CA THR C 62 -28.80 -16.09 21.12
C THR C 62 -29.21 -15.67 19.72
N ILE C 63 -28.34 -14.98 19.00
CA ILE C 63 -28.68 -14.48 17.66
C ILE C 63 -28.98 -15.64 16.72
N ARG C 64 -28.16 -16.69 16.75
CA ARG C 64 -28.33 -17.80 15.83
C ARG C 64 -29.55 -18.66 16.19
N ALA C 65 -29.98 -18.66 17.44
CA ALA C 65 -31.16 -19.43 17.83
C ALA C 65 -32.45 -18.83 17.30
N LEU C 66 -32.42 -17.59 16.81
CA LEU C 66 -33.62 -16.93 16.32
C LEU C 66 -34.11 -17.46 14.98
N ALA C 67 -33.30 -18.28 14.29
CA ALA C 67 -33.64 -18.69 12.94
C ALA C 67 -34.93 -19.49 12.88
N ASP C 68 -35.12 -20.40 13.84
CA ASP C 68 -36.24 -21.33 13.80
C ASP C 68 -37.50 -20.78 14.47
N LEU C 69 -37.50 -19.51 14.88
CA LEU C 69 -38.65 -18.90 15.55
C LEU C 69 -38.95 -17.58 14.83
N LEU C 70 -39.76 -17.66 13.77
CA LEU C 70 -40.03 -16.52 12.92
C LEU C 70 -41.40 -16.70 12.25
N PRO C 71 -42.07 -15.60 11.89
CA PRO C 71 -43.38 -15.72 11.21
C PRO C 71 -43.26 -15.93 9.71
N GLU C 72 -44.40 -15.90 9.02
CA GLU C 72 -44.47 -16.12 7.59
C GLU C 72 -45.06 -14.91 6.89
N ILE C 73 -44.61 -14.65 5.67
CA ILE C 73 -45.14 -13.56 4.84
C ILE C 73 -45.35 -14.07 3.42
N PRO C 74 -46.29 -13.50 2.67
CA PRO C 74 -46.48 -13.92 1.27
C PRO C 74 -45.35 -13.43 0.37
N VAL C 75 -45.14 -14.17 -0.72
CA VAL C 75 -44.11 -13.85 -1.71
C VAL C 75 -44.71 -14.03 -3.10
N VAL C 76 -44.04 -13.46 -4.10
CA VAL C 76 -44.53 -13.48 -5.48
C VAL C 76 -43.77 -14.56 -6.24
N ALA C 77 -44.46 -15.66 -6.58
CA ALA C 77 -43.95 -16.73 -7.44
C ALA C 77 -42.61 -17.21 -6.86
N ASN C 78 -41.50 -17.12 -7.61
CA ASN C 78 -40.19 -17.51 -7.12
C ASN C 78 -39.13 -16.46 -7.45
N ASP C 79 -39.50 -15.18 -7.45
CA ASP C 79 -38.58 -14.10 -7.77
C ASP C 79 -37.47 -14.04 -6.72
N PRO C 80 -36.21 -13.87 -7.13
CA PRO C 80 -35.11 -13.84 -6.16
C PRO C 80 -35.15 -12.63 -5.24
N PHE C 81 -35.88 -11.59 -5.63
CA PHE C 81 -35.93 -10.35 -4.88
C PHE C 81 -37.01 -10.32 -3.80
N ASN C 82 -37.84 -11.36 -3.72
CA ASN C 82 -38.86 -11.49 -2.68
C ASN C 82 -39.82 -10.30 -2.68
N SER C 83 -40.56 -10.18 -3.77
CA SER C 83 -41.51 -9.10 -3.96
C SER C 83 -42.75 -9.33 -3.09
N ASP C 84 -43.73 -8.45 -3.24
CA ASP C 84 -44.97 -8.50 -2.45
C ASP C 84 -46.16 -8.31 -3.37
N PRO C 85 -47.05 -9.31 -3.50
CA PRO C 85 -48.12 -9.22 -4.48
C PRO C 85 -49.19 -8.19 -4.14
N SER C 86 -49.74 -8.26 -2.92
CA SER C 86 -50.81 -7.36 -2.50
C SER C 86 -50.22 -6.22 -1.67
N ASP C 87 -49.51 -5.35 -2.36
CA ASP C 87 -48.76 -4.27 -1.73
C ASP C 87 -48.63 -3.13 -2.71
N PRO C 88 -48.15 -1.94 -2.28
CA PRO C 88 -47.96 -0.79 -3.19
C PRO C 88 -46.96 -1.05 -4.32
N ASP C 89 -46.49 0.02 -4.99
CA ASP C 89 -45.58 -0.14 -6.15
C ASP C 89 -44.15 -0.38 -5.66
N LEU C 90 -43.93 -1.42 -4.87
CA LEU C 90 -42.56 -1.78 -4.41
C LEU C 90 -42.26 -3.21 -4.86
N MET C 91 -42.83 -3.61 -6.00
CA MET C 91 -42.66 -4.99 -6.47
C MET C 91 -41.61 -5.04 -7.59
N SER C 92 -40.38 -4.70 -7.20
CA SER C 92 -39.24 -4.70 -8.11
C SER C 92 -39.52 -3.84 -9.35
N ASP C 93 -38.98 -4.24 -10.49
CA ASP C 93 -39.21 -3.54 -11.74
C ASP C 93 -39.76 -4.44 -12.83
N GLU C 94 -39.28 -5.69 -12.92
CA GLU C 94 -39.80 -6.62 -13.92
C GLU C 94 -41.26 -6.97 -13.61
N VAL C 95 -41.59 -7.19 -12.34
CA VAL C 95 -42.96 -7.50 -11.96
C VAL C 95 -43.87 -6.31 -12.22
N ARG C 96 -43.35 -5.08 -12.04
CA ARG C 96 -44.18 -3.89 -12.16
C ARG C 96 -44.79 -3.71 -13.55
N GLN C 97 -44.25 -4.41 -14.56
CA GLN C 97 -44.86 -4.35 -15.88
C GLN C 97 -46.26 -4.94 -15.87
N LYS C 98 -46.49 -5.95 -15.03
CA LYS C 98 -47.81 -6.57 -14.95
C LYS C 98 -48.86 -5.57 -14.46
N SER C 99 -48.54 -4.78 -13.46
CA SER C 99 -49.47 -3.82 -12.90
C SER C 99 -49.41 -2.50 -13.66
N ILE C 105 -47.74 -13.78 -9.65
CA ILE C 105 -49.18 -14.00 -9.42
C ILE C 105 -49.44 -15.10 -8.37
N PRO C 106 -48.80 -16.28 -8.48
CA PRO C 106 -49.00 -17.30 -7.45
C PRO C 106 -48.51 -16.83 -6.09
N ILE C 107 -49.19 -17.31 -5.05
CA ILE C 107 -48.88 -16.94 -3.67
C ILE C 107 -48.43 -18.19 -2.94
N GLU C 108 -47.39 -18.03 -2.12
CA GLU C 108 -46.73 -19.17 -1.49
C GLU C 108 -46.68 -19.12 0.03
N PHE C 109 -46.69 -17.93 0.65
CA PHE C 109 -46.61 -17.79 2.10
C PHE C 109 -45.35 -18.46 2.65
N LYS C 110 -44.20 -17.92 2.23
CA LYS C 110 -42.92 -18.47 2.67
C LYS C 110 -42.56 -17.90 4.04
N LYS C 111 -41.44 -18.39 4.57
CA LYS C 111 -40.94 -18.00 5.89
C LYS C 111 -39.68 -17.15 5.73
N VAL C 112 -39.58 -16.09 6.54
CA VAL C 112 -38.44 -15.18 6.41
C VAL C 112 -37.14 -15.91 6.73
N GLN C 113 -36.04 -15.36 6.23
CA GLN C 113 -34.73 -15.97 6.33
C GLN C 113 -33.72 -14.97 6.87
N MET C 114 -32.65 -15.50 7.45
CA MET C 114 -31.54 -14.70 7.95
C MET C 114 -30.27 -15.13 7.24
N VAL C 115 -29.54 -14.18 6.67
CA VAL C 115 -28.33 -14.44 5.91
C VAL C 115 -27.20 -13.61 6.51
N ASP C 116 -26.03 -14.23 6.64
CA ASP C 116 -24.86 -13.60 7.26
C ASP C 116 -23.70 -13.57 6.26
N LEU C 117 -23.00 -12.44 6.23
CA LEU C 117 -21.82 -12.35 5.40
C LEU C 117 -20.56 -12.51 6.24
N PRO C 118 -19.54 -13.19 5.72
CA PRO C 118 -18.35 -13.46 6.54
C PRO C 118 -17.46 -12.24 6.72
N LEU C 119 -16.31 -12.43 7.37
CA LEU C 119 -15.41 -11.34 7.67
C LEU C 119 -14.50 -10.98 6.51
N GLY C 120 -14.47 -11.79 5.45
CA GLY C 120 -13.60 -11.53 4.32
C GLY C 120 -14.25 -11.77 2.97
N ALA C 121 -15.56 -11.56 2.89
CA ALA C 121 -16.27 -11.73 1.63
C ALA C 121 -15.80 -10.70 0.61
N THR C 122 -15.71 -11.14 -0.64
CA THR C 122 -15.26 -10.27 -1.72
C THR C 122 -16.39 -9.36 -2.19
N GLU C 123 -16.00 -8.33 -2.96
CA GLU C 123 -16.96 -7.35 -3.44
C GLU C 123 -17.97 -7.95 -4.42
N ASP C 124 -17.67 -9.11 -4.99
CA ASP C 124 -18.59 -9.72 -5.96
C ASP C 124 -19.89 -10.16 -5.29
N ARG C 125 -19.81 -10.70 -4.08
CA ARG C 125 -20.97 -11.27 -3.39
C ARG C 125 -21.50 -10.36 -2.29
N VAL C 126 -21.45 -9.05 -2.51
CA VAL C 126 -22.08 -8.08 -1.62
C VAL C 126 -23.05 -7.17 -2.38
N CYS C 127 -22.57 -6.52 -3.44
CA CYS C 127 -23.41 -5.70 -4.30
C CYS C 127 -23.96 -6.49 -5.47
N GLY C 128 -23.25 -7.52 -5.92
CA GLY C 128 -23.72 -8.37 -7.00
C GLY C 128 -23.34 -7.87 -8.38
N THR C 129 -22.72 -8.74 -9.17
CA THR C 129 -22.34 -8.38 -10.53
C THR C 129 -22.14 -9.65 -11.34
N ILE C 130 -22.12 -9.50 -12.65
CA ILE C 130 -21.94 -10.63 -13.55
C ILE C 130 -21.00 -10.24 -14.70
N PHE C 143 -28.13 -10.70 -14.91
CA PHE C 143 -27.61 -10.10 -13.69
C PHE C 143 -27.65 -11.09 -12.53
N GLU C 144 -26.47 -11.40 -12.00
CA GLU C 144 -26.38 -12.33 -10.88
C GLU C 144 -26.97 -11.69 -9.63
N PRO C 145 -27.91 -12.34 -8.95
CA PRO C 145 -28.52 -11.75 -7.74
C PRO C 145 -27.49 -11.64 -6.63
N GLY C 146 -27.30 -10.42 -6.12
CA GLY C 146 -26.35 -10.18 -5.05
C GLY C 146 -26.87 -10.66 -3.70
N LEU C 147 -26.01 -10.54 -2.70
CA LEU C 147 -26.37 -10.96 -1.36
C LEU C 147 -27.45 -10.07 -0.77
N LEU C 148 -27.40 -8.77 -1.04
CA LEU C 148 -28.40 -7.85 -0.51
C LEU C 148 -29.79 -8.17 -1.04
N ALA C 149 -29.89 -8.50 -2.33
CA ALA C 149 -31.18 -8.83 -2.91
C ALA C 149 -31.76 -10.08 -2.27
N LYS C 150 -30.94 -11.10 -2.03
CA LYS C 150 -31.41 -12.33 -1.41
C LYS C 150 -31.78 -12.15 0.06
N ALA C 151 -31.43 -11.01 0.66
CA ALA C 151 -31.73 -10.72 2.05
C ALA C 151 -32.78 -9.62 2.17
N ASN C 152 -33.77 -9.65 1.29
CA ASN C 152 -34.82 -8.63 1.27
C ASN C 152 -35.89 -9.05 2.26
N ARG C 153 -36.35 -8.09 3.06
CA ARG C 153 -37.32 -8.33 4.13
C ARG C 153 -36.87 -9.42 5.09
N GLY C 154 -35.57 -9.70 5.14
CA GLY C 154 -35.02 -10.65 6.07
C GLY C 154 -34.14 -9.98 7.11
N ILE C 155 -33.21 -10.72 7.70
CA ILE C 155 -32.31 -10.19 8.70
C ILE C 155 -30.88 -10.46 8.24
N LEU C 156 -30.04 -9.44 8.27
CA LEU C 156 -28.63 -9.56 7.91
C LEU C 156 -27.80 -9.54 9.19
N TYR C 157 -27.16 -10.67 9.49
CA TYR C 157 -26.37 -10.82 10.70
C TYR C 157 -24.91 -10.58 10.36
N VAL C 158 -24.36 -9.48 10.87
CA VAL C 158 -22.98 -9.10 10.64
C VAL C 158 -22.22 -9.39 11.92
N ASP C 159 -21.63 -10.57 12.02
CA ASP C 159 -20.83 -10.93 13.17
C ASP C 159 -19.48 -10.22 13.14
N GLU C 160 -18.98 -9.87 14.32
CA GLU C 160 -17.68 -9.21 14.46
C GLU C 160 -17.62 -7.95 13.60
N VAL C 161 -18.66 -7.11 13.71
CA VAL C 161 -18.71 -5.88 12.94
C VAL C 161 -17.61 -4.90 13.35
N ASN C 162 -17.00 -5.12 14.53
CA ASN C 162 -15.90 -4.26 14.97
C ASN C 162 -14.67 -4.38 14.07
N LEU C 163 -14.56 -5.46 13.31
CA LEU C 163 -13.41 -5.70 12.43
C LEU C 163 -13.93 -5.81 11.00
N LEU C 164 -14.06 -4.67 10.33
CA LEU C 164 -14.41 -4.66 8.91
C LEU C 164 -13.65 -3.51 8.25
N ASP C 165 -13.25 -3.71 7.00
CA ASP C 165 -12.41 -2.74 6.31
C ASP C 165 -13.15 -1.44 6.05
N ASP C 166 -12.42 -0.39 5.67
CA ASP C 166 -13.06 0.84 5.25
C ASP C 166 -13.91 0.62 4.00
N HIS C 167 -13.54 -0.35 3.17
CA HIS C 167 -14.40 -0.81 2.09
C HIS C 167 -15.39 -1.83 2.64
N LEU C 168 -16.37 -2.17 1.81
CA LEU C 168 -17.46 -3.08 2.14
C LEU C 168 -18.36 -2.54 3.27
N VAL C 169 -18.10 -1.34 3.75
CA VAL C 169 -18.96 -0.70 4.74
C VAL C 169 -19.62 0.57 4.21
N ASP C 170 -19.16 1.10 3.07
CA ASP C 170 -19.85 2.19 2.39
C ASP C 170 -20.95 1.69 1.47
N VAL C 171 -20.69 0.60 0.74
CA VAL C 171 -21.72 0.01 -0.10
C VAL C 171 -22.87 -0.52 0.73
N LEU C 172 -22.64 -0.80 2.01
CA LEU C 172 -23.70 -1.16 2.94
C LEU C 172 -24.35 0.05 3.59
N LEU C 173 -23.75 1.23 3.47
CA LEU C 173 -24.23 2.40 4.19
C LEU C 173 -25.48 3.00 3.54
N ASP C 174 -25.57 2.97 2.21
CA ASP C 174 -26.68 3.62 1.53
C ASP C 174 -27.92 2.73 1.41
N SER C 175 -27.73 1.41 1.32
CA SER C 175 -28.87 0.51 1.16
C SER C 175 -29.79 0.57 2.37
N ALA C 176 -29.22 0.64 3.57
CA ALA C 176 -30.03 0.84 4.76
C ALA C 176 -30.55 2.27 4.81
N ALA C 177 -31.69 2.45 5.47
CA ALA C 177 -32.30 3.76 5.71
C ALA C 177 -32.70 4.47 4.42
N SER C 178 -32.57 3.80 3.28
CA SER C 178 -33.02 4.36 2.01
C SER C 178 -33.91 3.36 1.28
N GLY C 179 -33.64 2.08 1.49
CA GLY C 179 -34.48 1.03 0.93
C GLY C 179 -34.50 0.93 -0.57
N TRP C 180 -33.38 1.22 -1.24
CA TRP C 180 -33.31 1.09 -2.69
C TRP C 180 -31.85 0.93 -3.06
N ASN C 181 -31.55 -0.11 -3.83
CA ASN C 181 -30.18 -0.40 -4.27
C ASN C 181 -29.93 0.17 -5.65
N THR C 182 -28.68 0.49 -5.94
CA THR C 182 -28.27 1.07 -7.22
C THR C 182 -26.90 0.49 -7.59
N VAL C 183 -26.89 -0.47 -8.50
CA VAL C 183 -25.66 -1.11 -8.96
C VAL C 183 -25.38 -0.67 -10.39
N GLU C 184 -24.20 -0.09 -10.61
CA GLU C 184 -23.79 0.41 -11.92
C GLU C 184 -22.32 0.11 -12.18
N ARG C 185 -21.87 -1.10 -11.86
CA ARG C 185 -20.44 -1.39 -11.96
C ARG C 185 -20.04 -1.92 -13.33
N GLU C 186 -20.59 -3.07 -13.74
CA GLU C 186 -20.16 -3.74 -14.97
C GLU C 186 -21.36 -3.89 -15.91
N GLY C 187 -21.62 -2.84 -16.69
CA GLY C 187 -22.59 -2.90 -17.77
C GLY C 187 -24.04 -3.15 -17.40
N ILE C 188 -24.32 -3.37 -16.11
CA ILE C 188 -25.67 -3.61 -15.64
C ILE C 188 -26.18 -2.37 -14.92
N SER C 189 -27.40 -1.96 -15.24
CA SER C 189 -28.04 -0.79 -14.63
C SER C 189 -29.39 -1.21 -14.08
N ILE C 190 -29.38 -1.75 -12.86
CA ILE C 190 -30.56 -2.30 -12.21
C ILE C 190 -30.73 -1.63 -10.86
N ARG C 191 -31.97 -1.31 -10.50
CA ARG C 191 -32.31 -0.79 -9.19
C ARG C 191 -33.08 -1.86 -8.42
N HIS C 192 -32.56 -2.24 -7.24
CA HIS C 192 -33.13 -3.31 -6.45
C HIS C 192 -33.92 -2.78 -5.26
N PRO C 193 -35.09 -3.33 -4.99
CA PRO C 193 -35.79 -3.06 -3.73
C PRO C 193 -35.19 -3.92 -2.61
N ALA C 194 -34.43 -3.28 -1.72
CA ALA C 194 -33.75 -3.97 -0.65
C ALA C 194 -34.12 -3.35 0.69
N ARG C 195 -34.35 -4.18 1.69
CA ARG C 195 -34.70 -3.72 3.03
C ARG C 195 -34.44 -4.84 4.02
N PHE C 196 -33.70 -4.56 5.07
CA PHE C 196 -33.34 -5.58 6.06
C PHE C 196 -33.28 -4.94 7.44
N VAL C 197 -32.81 -5.69 8.43
CA VAL C 197 -32.82 -5.25 9.81
C VAL C 197 -31.42 -4.96 10.35
N LEU C 198 -30.37 -5.55 9.78
CA LEU C 198 -28.98 -5.21 10.11
C LEU C 198 -28.67 -5.43 11.60
N VAL C 199 -28.70 -6.71 11.98
CA VAL C 199 -28.31 -7.13 13.32
C VAL C 199 -26.82 -7.42 13.33
N GLY C 200 -26.11 -6.86 14.31
CA GLY C 200 -24.67 -7.01 14.37
C GLY C 200 -24.20 -7.18 15.80
N SER C 201 -23.04 -7.83 15.94
CA SER C 201 -22.46 -8.15 17.24
C SER C 201 -20.99 -7.74 17.25
N GLY C 202 -20.28 -8.15 18.30
CA GLY C 202 -18.87 -7.85 18.46
C GLY C 202 -18.57 -7.51 19.89
N ASN C 203 -17.33 -7.09 20.14
CA ASN C 203 -16.89 -6.70 21.47
C ASN C 203 -16.15 -5.37 21.40
N PRO C 204 -16.19 -4.57 22.47
CA PRO C 204 -15.66 -3.20 22.41
C PRO C 204 -14.19 -3.04 22.75
N GLU C 205 -13.41 -4.12 22.83
CA GLU C 205 -11.99 -4.04 23.14
C GLU C 205 -11.12 -4.09 21.90
N GLU C 206 -11.67 -3.71 20.73
CA GLU C 206 -10.91 -3.75 19.50
C GLU C 206 -11.14 -2.56 18.59
N GLY C 207 -11.87 -1.54 19.02
CA GLY C 207 -12.06 -0.36 18.21
C GLY C 207 -13.41 0.28 18.48
N GLU C 208 -13.71 1.32 17.71
CA GLU C 208 -14.96 2.04 17.81
C GLU C 208 -15.56 2.21 16.41
N LEU C 209 -16.89 2.21 16.36
CA LEU C 209 -17.58 2.31 15.07
C LEU C 209 -17.48 3.73 14.52
N ARG C 210 -17.59 3.83 13.19
CA ARG C 210 -17.58 5.11 12.53
C ARG C 210 -18.88 5.87 12.83
N PRO C 211 -18.84 7.20 12.88
CA PRO C 211 -20.04 7.96 13.26
C PRO C 211 -21.23 7.75 12.33
N GLN C 212 -20.99 7.54 11.04
CA GLN C 212 -22.11 7.41 10.10
C GLN C 212 -22.84 6.09 10.31
N LEU C 213 -22.11 4.98 10.41
CA LEU C 213 -22.74 3.68 10.56
C LEU C 213 -23.32 3.48 11.95
N LEU C 214 -22.82 4.19 12.96
CA LEU C 214 -23.31 4.03 14.32
C LEU C 214 -24.77 4.48 14.47
N ASP C 215 -25.28 5.27 13.52
CA ASP C 215 -26.64 5.79 13.62
C ASP C 215 -27.66 4.94 12.89
N ARG C 216 -27.24 4.10 11.95
CA ARG C 216 -28.19 3.28 11.22
C ARG C 216 -28.76 2.17 12.10
N PHE C 217 -28.00 1.71 13.09
CA PHE C 217 -28.51 0.71 14.03
C PHE C 217 -29.62 1.31 14.88
N GLY C 218 -30.68 0.53 15.08
CA GLY C 218 -31.83 1.02 15.81
C GLY C 218 -31.61 1.22 17.29
N MET C 219 -31.39 0.13 18.03
CA MET C 219 -31.22 0.16 19.47
C MET C 219 -29.98 -0.63 19.85
N HIS C 220 -29.34 -0.19 20.94
CA HIS C 220 -28.06 -0.76 21.37
C HIS C 220 -28.24 -1.33 22.77
N ALA C 221 -27.82 -2.59 22.95
CA ALA C 221 -27.99 -3.30 24.20
C ALA C 221 -26.63 -3.77 24.72
N GLU C 222 -26.53 -3.89 26.04
CA GLU C 222 -25.27 -4.24 26.71
C GLU C 222 -25.40 -5.59 27.42
N ILE C 223 -24.27 -6.28 27.53
CA ILE C 223 -24.21 -7.61 28.13
C ILE C 223 -23.17 -7.59 29.24
N HIS C 224 -23.54 -8.14 30.40
CA HIS C 224 -22.63 -8.26 31.54
C HIS C 224 -22.59 -9.71 32.00
N THR C 225 -21.39 -10.13 32.44
CA THR C 225 -21.19 -11.52 32.83
C THR C 225 -21.94 -11.84 34.12
N VAL C 226 -22.44 -13.08 34.22
CA VAL C 226 -23.14 -13.51 35.42
C VAL C 226 -22.14 -13.74 36.56
N LYS C 227 -22.63 -13.60 37.80
CA LYS C 227 -21.78 -13.76 38.97
C LYS C 227 -22.31 -14.74 40.01
N GLU C 228 -23.55 -15.19 39.91
CA GLU C 228 -24.09 -16.12 40.88
C GLU C 228 -23.60 -17.53 40.58
N PRO C 229 -22.94 -18.21 41.52
CA PRO C 229 -22.39 -19.54 41.22
C PRO C 229 -23.44 -20.56 40.79
N ALA C 230 -24.64 -20.51 41.37
CA ALA C 230 -25.67 -21.49 41.03
C ALA C 230 -26.07 -21.38 39.55
N LEU C 231 -26.18 -20.15 39.05
CA LEU C 231 -26.50 -19.94 37.64
C LEU C 231 -25.40 -20.51 36.75
N ARG C 232 -24.13 -20.35 37.14
CA ARG C 232 -23.04 -20.91 36.36
C ARG C 232 -23.10 -22.43 36.35
N VAL C 233 -23.41 -23.04 37.50
CA VAL C 233 -23.56 -24.49 37.55
C VAL C 233 -24.67 -24.93 36.61
N GLN C 234 -25.80 -24.22 36.65
CA GLN C 234 -26.93 -24.56 35.78
C GLN C 234 -26.54 -24.45 34.31
N ILE C 235 -25.83 -23.39 33.95
CA ILE C 235 -25.52 -23.16 32.54
C ILE C 235 -24.52 -24.20 32.03
N VAL C 236 -23.54 -24.57 32.87
CA VAL C 236 -22.59 -25.61 32.49
C VAL C 236 -23.31 -26.94 32.31
N GLU C 237 -24.20 -27.28 33.24
CA GLU C 237 -24.96 -28.52 33.10
C GLU C 237 -25.80 -28.52 31.83
N GLN C 238 -26.44 -27.38 31.53
CA GLN C 238 -27.26 -27.29 30.32
C GLN C 238 -26.44 -27.51 29.07
N ARG C 239 -25.29 -26.85 28.97
CA ARG C 239 -24.45 -27.02 27.78
C ARG C 239 -23.96 -28.44 27.65
N SER C 240 -23.52 -29.05 28.76
CA SER C 240 -23.04 -30.43 28.69
C SER C 240 -24.14 -31.38 28.27
N GLU C 241 -25.35 -31.22 28.83
CA GLU C 241 -26.45 -32.10 28.48
C GLU C 241 -26.84 -31.95 27.02
N PHE C 242 -26.86 -30.72 26.51
CA PHE C 242 -27.18 -30.52 25.11
C PHE C 242 -26.14 -31.17 24.20
N ASP C 243 -24.86 -31.00 24.54
CA ASP C 243 -23.80 -31.62 23.72
C ASP C 243 -23.88 -33.14 23.78
N GLN C 244 -24.34 -33.70 24.89
CA GLN C 244 -24.42 -35.16 25.01
C GLN C 244 -25.27 -35.76 23.90
N ASN C 245 -26.37 -35.09 23.53
CA ASN C 245 -27.26 -35.60 22.48
C ASN C 245 -27.90 -34.45 21.72
N PRO C 246 -27.63 -34.35 20.42
CA PRO C 246 -28.29 -33.28 19.61
C PRO C 246 -29.80 -33.45 19.57
N PRO C 247 -30.34 -34.65 19.25
CA PRO C 247 -31.79 -34.80 19.37
C PRO C 247 -32.20 -35.14 20.79
N THR C 248 -33.50 -35.41 21.00
CA THR C 248 -34.07 -35.74 22.30
C THR C 248 -33.95 -34.57 23.28
N PHE C 249 -33.47 -33.43 22.80
CA PHE C 249 -33.49 -32.19 23.55
C PHE C 249 -34.63 -31.27 23.09
N LEU C 250 -34.92 -31.28 21.79
CA LEU C 250 -36.14 -30.64 21.30
C LEU C 250 -37.37 -31.37 21.82
N GLU C 251 -37.29 -32.70 21.96
CA GLU C 251 -38.38 -33.45 22.54
C GLU C 251 -38.66 -33.03 23.98
N LYS C 252 -37.70 -32.38 24.64
CA LYS C 252 -37.92 -31.82 25.96
C LYS C 252 -38.41 -30.37 25.87
N TYR C 253 -37.65 -29.51 25.19
CA TYR C 253 -38.06 -28.11 25.07
C TYR C 253 -38.87 -27.83 23.81
N ASN C 254 -39.84 -28.68 23.49
CA ASN C 254 -40.84 -28.37 22.48
C ASN C 254 -41.98 -27.49 23.00
N PRO C 255 -42.70 -27.89 24.06
CA PRO C 255 -43.90 -27.13 24.44
C PRO C 255 -43.63 -25.69 24.84
N GLU C 256 -42.48 -25.41 25.44
CA GLU C 256 -42.15 -24.05 25.85
C GLU C 256 -41.69 -23.17 24.70
N GLN C 257 -41.50 -23.74 23.51
CA GLN C 257 -41.13 -22.98 22.32
C GLN C 257 -42.29 -22.76 21.37
N THR C 258 -43.10 -23.80 21.13
CA THR C 258 -44.25 -23.66 20.24
C THR C 258 -45.25 -22.63 20.76
N ALA C 259 -45.26 -22.36 22.06
CA ALA C 259 -46.15 -21.33 22.59
C ALA C 259 -45.67 -19.94 22.21
N LEU C 260 -44.38 -19.80 21.89
CA LEU C 260 -43.85 -18.48 21.56
C LEU C 260 -44.26 -18.04 20.16
N GLN C 261 -44.35 -18.99 19.22
CA GLN C 261 -44.76 -18.64 17.86
C GLN C 261 -46.16 -18.05 17.85
N LYS C 262 -47.10 -18.68 18.55
CA LYS C 262 -48.44 -18.14 18.70
C LYS C 262 -48.50 -16.97 19.66
N LYS C 263 -47.46 -16.76 20.47
CA LYS C 263 -47.34 -15.55 21.27
C LYS C 263 -46.90 -14.35 20.43
N ILE C 264 -46.21 -14.60 19.31
CA ILE C 264 -45.77 -13.49 18.46
C ILE C 264 -46.71 -13.26 17.29
N VAL C 265 -47.41 -14.31 16.81
CA VAL C 265 -48.31 -14.14 15.68
C VAL C 265 -49.47 -13.22 16.05
N GLU C 266 -50.07 -13.44 17.22
CA GLU C 266 -51.14 -12.57 17.67
C GLU C 266 -50.67 -11.14 17.85
N ALA C 267 -49.50 -10.96 18.48
CA ALA C 267 -48.98 -9.62 18.71
C ALA C 267 -48.56 -8.93 17.42
N GLN C 268 -48.37 -9.68 16.34
CA GLN C 268 -48.01 -9.08 15.06
C GLN C 268 -49.21 -8.50 14.32
N LYS C 269 -50.43 -8.73 14.81
CA LYS C 269 -51.63 -8.23 14.16
C LYS C 269 -52.37 -7.17 14.96
N LEU C 270 -52.14 -7.09 16.27
CA LEU C 270 -52.79 -6.09 17.10
C LEU C 270 -52.09 -4.74 17.06
N LEU C 271 -50.94 -4.65 16.41
CA LEU C 271 -50.21 -3.38 16.36
C LEU C 271 -50.99 -2.25 15.71
N PRO C 272 -51.63 -2.43 14.53
CA PRO C 272 -52.34 -1.29 13.94
C PRO C 272 -53.68 -1.02 14.61
N GLU C 273 -53.70 -1.06 15.95
CA GLU C 273 -54.89 -0.71 16.70
C GLU C 273 -54.52 0.23 17.85
N VAL C 274 -53.29 0.13 18.34
CA VAL C 274 -52.87 0.87 19.51
C VAL C 274 -52.49 2.29 19.10
N LYS C 275 -52.93 3.27 19.89
CA LYS C 275 -52.69 4.68 19.61
C LYS C 275 -52.11 5.35 20.84
N LEU C 276 -51.05 6.12 20.65
CA LEU C 276 -50.46 6.92 21.72
C LEU C 276 -51.06 8.32 21.66
N ASP C 277 -51.63 8.78 22.77
CA ASP C 277 -52.32 10.05 22.78
C ASP C 277 -51.33 11.21 22.61
N TYR C 278 -51.88 12.34 22.14
CA TYR C 278 -51.05 13.50 21.81
C TYR C 278 -50.35 14.09 23.04
N ASP C 279 -50.83 13.78 24.25
CA ASP C 279 -50.26 14.36 25.45
C ASP C 279 -48.80 13.94 25.64
N LEU C 280 -48.50 12.67 25.39
CA LEU C 280 -47.17 12.15 25.67
C LEU C 280 -46.19 12.33 24.52
N ARG C 281 -46.67 12.37 23.27
CA ARG C 281 -45.77 12.54 22.13
C ARG C 281 -45.02 13.86 22.23
N VAL C 282 -45.66 14.90 22.76
CA VAL C 282 -44.98 16.16 22.99
C VAL C 282 -43.86 15.99 24.00
N LYS C 283 -44.10 15.18 25.04
CA LYS C 283 -43.12 15.06 26.12
C LYS C 283 -41.87 14.32 25.66
N ILE C 284 -42.04 13.22 24.94
CA ILE C 284 -40.89 12.38 24.55
C ILE C 284 -39.86 13.22 23.82
N SER C 285 -40.31 14.00 22.83
CA SER C 285 -39.38 14.82 22.06
C SER C 285 -38.62 15.78 22.96
N GLU C 286 -39.29 16.35 23.97
CA GLU C 286 -38.62 17.23 24.91
C GLU C 286 -37.39 16.56 25.49
N VAL C 287 -37.52 15.28 25.86
CA VAL C 287 -36.38 14.55 26.42
C VAL C 287 -35.19 14.61 25.48
N CYS C 288 -35.43 14.36 24.19
CA CYS C 288 -34.34 14.42 23.22
C CYS C 288 -33.75 15.82 23.18
N SER C 289 -34.58 16.85 23.22
CA SER C 289 -34.08 18.22 23.22
C SER C 289 -33.20 18.48 24.43
N GLU C 290 -33.47 17.80 25.54
CA GLU C 290 -32.63 17.99 26.72
C GLU C 290 -31.30 17.26 26.61
N LEU C 291 -31.24 16.20 25.80
CA LEU C 291 -30.04 15.37 25.73
C LEU C 291 -29.09 15.80 24.61
N ASP C 292 -29.44 16.83 23.84
CA ASP C 292 -28.61 17.30 22.74
C ASP C 292 -28.29 16.19 21.76
N VAL C 293 -29.28 15.33 21.49
CA VAL C 293 -29.11 14.29 20.48
C VAL C 293 -28.99 14.94 19.11
N ASP C 294 -28.30 14.24 18.20
CA ASP C 294 -28.07 14.75 16.85
C ASP C 294 -29.00 14.05 15.88
N GLY C 295 -29.78 14.84 15.14
CA GLY C 295 -30.70 14.29 14.17
C GLY C 295 -32.10 14.12 14.71
N LEU C 296 -33.00 13.70 13.82
CA LEU C 296 -34.38 13.44 14.17
C LEU C 296 -34.77 11.99 13.91
N ARG C 297 -33.78 11.10 13.83
CA ARG C 297 -34.04 9.67 13.72
C ARG C 297 -34.08 8.99 15.08
N GLY C 298 -33.34 9.50 16.06
CA GLY C 298 -33.37 8.95 17.40
C GLY C 298 -34.67 9.20 18.15
N ASP C 299 -35.57 10.00 17.58
CA ASP C 299 -36.88 10.24 18.18
C ASP C 299 -37.99 9.45 17.50
N ILE C 300 -37.82 9.09 16.23
CA ILE C 300 -38.83 8.31 15.52
C ILE C 300 -38.86 6.88 16.06
N VAL C 301 -37.69 6.30 16.33
CA VAL C 301 -37.63 4.91 16.73
C VAL C 301 -38.37 4.68 18.05
N THR C 302 -38.15 5.57 19.02
CA THR C 302 -38.81 5.42 20.32
C THR C 302 -40.32 5.45 20.20
N ASN C 303 -40.85 6.38 19.40
CA ASN C 303 -42.29 6.48 19.22
C ASN C 303 -42.86 5.26 18.52
N ARG C 304 -42.03 4.45 17.89
CA ARG C 304 -42.46 3.19 17.28
C ARG C 304 -42.17 1.98 18.17
N ALA C 305 -41.03 1.97 18.85
CA ALA C 305 -40.72 0.87 19.76
C ALA C 305 -41.70 0.83 20.92
N ALA C 306 -42.10 1.99 21.43
CA ALA C 306 -43.07 2.02 22.52
C ALA C 306 -44.40 1.40 22.11
N LYS C 307 -44.84 1.67 20.87
CA LYS C 307 -46.05 1.04 20.37
C LYS C 307 -45.87 -0.46 20.21
N ALA C 308 -44.65 -0.93 19.97
CA ALA C 308 -44.43 -2.36 19.78
C ALA C 308 -44.47 -3.11 21.10
N LEU C 309 -43.95 -2.50 22.17
CA LEU C 309 -43.90 -3.20 23.46
C LEU C 309 -45.29 -3.44 24.02
N THR C 310 -46.16 -2.43 23.96
CA THR C 310 -47.50 -2.58 24.52
C THR C 310 -48.34 -3.57 23.73
N ALA C 311 -48.01 -3.78 22.44
CA ALA C 311 -48.68 -4.79 21.65
C ALA C 311 -48.18 -6.20 21.96
N TYR C 312 -47.11 -6.31 22.76
CA TYR C 312 -46.57 -7.60 23.15
C TYR C 312 -47.10 -8.08 24.48
N GLU C 313 -47.58 -7.18 25.33
CA GLU C 313 -48.17 -7.53 26.61
C GLU C 313 -49.69 -7.50 26.60
N GLY C 314 -50.31 -7.30 25.43
CA GLY C 314 -51.74 -7.43 25.27
C GLY C 314 -52.53 -6.13 25.31
N ARG C 315 -51.96 -5.08 25.89
CA ARG C 315 -52.70 -3.83 26.03
C ARG C 315 -52.76 -3.08 24.69
N THR C 316 -53.70 -2.15 24.61
CA THR C 316 -53.90 -1.33 23.42
C THR C 316 -53.91 0.16 23.79
N GLU C 317 -53.10 0.55 24.77
CA GLU C 317 -52.99 1.95 25.15
C GLU C 317 -51.62 2.16 25.79
N VAL C 318 -50.75 2.88 25.08
CA VAL C 318 -49.41 3.16 25.58
C VAL C 318 -49.52 4.07 26.80
N THR C 319 -48.79 3.73 27.86
CA THR C 319 -48.71 4.54 29.06
C THR C 319 -47.28 4.55 29.57
N VAL C 320 -47.05 5.25 30.68
CA VAL C 320 -45.74 5.19 31.31
C VAL C 320 -45.47 3.74 31.75
N ASP C 321 -44.18 3.42 31.87
CA ASP C 321 -43.60 2.09 32.10
C ASP C 321 -43.65 1.26 30.82
N ASP C 322 -44.29 1.73 29.75
CA ASP C 322 -44.18 1.11 28.45
C ASP C 322 -43.20 1.84 27.54
N ILE C 323 -42.89 3.09 27.85
CA ILE C 323 -41.82 3.82 27.20
C ILE C 323 -40.58 3.94 28.08
N ARG C 324 -40.72 3.78 29.40
CA ARG C 324 -39.56 3.83 30.28
C ARG C 324 -38.64 2.63 30.06
N ARG C 325 -39.21 1.47 29.74
CA ARG C 325 -38.41 0.27 29.56
C ARG C 325 -37.63 0.27 28.25
N VAL C 326 -37.92 1.18 27.32
CA VAL C 326 -37.27 1.17 26.02
C VAL C 326 -36.44 2.42 25.75
N ILE C 327 -36.68 3.54 26.43
CA ILE C 327 -35.90 4.74 26.19
C ILE C 327 -34.45 4.59 26.61
N THR C 328 -34.13 3.61 27.45
CA THR C 328 -32.76 3.46 27.92
C THR C 328 -31.85 2.86 26.85
N LEU C 329 -32.32 1.84 26.14
CA LEU C 329 -31.50 1.14 25.16
C LEU C 329 -31.74 1.61 23.73
N CYS C 330 -32.59 2.60 23.52
CA CYS C 330 -32.79 3.20 22.20
C CYS C 330 -32.23 4.61 22.10
N LEU C 331 -31.56 5.08 23.15
CA LEU C 331 -30.95 6.41 23.14
C LEU C 331 -29.58 6.40 23.79
N ARG C 332 -29.01 5.23 24.10
CA ARG C 332 -27.78 5.18 24.88
C ARG C 332 -26.56 5.52 24.02
N HIS C 333 -26.54 5.11 22.75
CA HIS C 333 -25.38 5.34 21.91
C HIS C 333 -25.49 6.58 21.03
N ARG C 334 -26.71 7.08 20.79
CA ARG C 334 -26.89 8.35 20.06
C ARG C 334 -26.68 9.52 21.02
N LEU C 335 -25.50 9.56 21.62
CA LEU C 335 -25.17 10.59 22.60
C LEU C 335 -23.69 10.92 22.46
N ARG C 336 -23.37 12.22 22.51
CA ARG C 336 -21.98 12.64 22.43
C ARG C 336 -21.23 12.16 23.67
N LYS C 337 -20.15 11.41 23.45
CA LYS C 337 -19.45 10.76 24.56
C LYS C 337 -18.82 11.80 25.47
N ASP C 338 -18.06 12.74 24.90
CA ASP C 338 -17.35 13.78 25.64
C ASP C 338 -16.49 13.13 26.73
N PRO C 339 -15.37 12.50 26.36
CA PRO C 339 -14.54 11.82 27.38
C PRO C 339 -14.04 12.72 28.49
N LEU C 340 -14.22 14.05 28.38
CA LEU C 340 -13.87 14.93 29.48
C LEU C 340 -14.71 14.63 30.72
N GLU C 341 -16.00 14.36 30.53
CA GLU C 341 -16.85 13.96 31.63
C GLU C 341 -16.64 12.48 31.96
N SER C 342 -17.06 12.10 33.16
CA SER C 342 -16.83 10.75 33.69
C SER C 342 -18.14 10.16 34.20
N ILE C 343 -19.21 10.28 33.41
CA ILE C 343 -20.52 9.75 33.76
C ILE C 343 -20.93 8.73 32.70
N ASP C 344 -21.36 7.56 33.16
CA ASP C 344 -21.78 6.51 32.24
C ASP C 344 -23.07 6.90 31.53
N SER C 345 -23.23 6.36 30.31
CA SER C 345 -24.37 6.74 29.48
C SER C 345 -25.69 6.32 30.10
N GLY C 346 -25.76 5.12 30.68
CA GLY C 346 -27.01 4.58 31.19
C GLY C 346 -27.65 5.41 32.28
N TYR C 347 -26.86 5.89 33.24
CA TYR C 347 -27.39 6.70 34.33
C TYR C 347 -27.97 8.03 33.84
N LYS C 348 -27.29 8.67 32.88
CA LYS C 348 -27.70 9.99 32.41
C LYS C 348 -29.09 9.94 31.79
N VAL C 349 -29.37 8.91 30.99
CA VAL C 349 -30.67 8.82 30.31
C VAL C 349 -31.79 8.70 31.34
N GLU C 350 -31.62 7.85 32.34
CA GLU C 350 -32.68 7.66 33.33
C GLU C 350 -32.77 8.85 34.29
N LYS C 351 -31.69 9.60 34.47
CA LYS C 351 -31.72 10.73 35.39
C LYS C 351 -32.70 11.80 34.92
N VAL C 352 -32.72 12.09 33.62
CA VAL C 352 -33.56 13.16 33.08
C VAL C 352 -35.01 12.74 32.90
N PHE C 353 -35.31 11.44 32.98
CA PHE C 353 -36.68 10.98 32.78
C PHE C 353 -37.62 11.55 33.84
N ALA C 354 -37.26 11.40 35.11
CA ALA C 354 -38.07 11.93 36.20
C ALA C 354 -38.10 13.44 36.24
N ARG C 355 -37.19 14.11 35.53
CA ARG C 355 -37.19 15.57 35.52
C ARG C 355 -38.48 16.12 34.91
N ILE C 356 -38.95 15.51 33.82
CA ILE C 356 -40.17 15.96 33.16
C ILE C 356 -41.33 15.00 33.33
N PHE C 357 -41.08 13.76 33.78
CA PHE C 357 -42.16 12.81 34.01
C PHE C 357 -42.59 12.73 35.47
N GLY C 358 -41.91 13.43 36.38
CA GLY C 358 -42.32 13.50 37.77
C GLY C 358 -42.30 12.17 38.49
N VAL C 359 -41.22 11.41 38.34
CA VAL C 359 -41.10 10.13 39.03
C VAL C 359 -39.82 10.10 39.85
N VAL D 20 -43.50 6.37 -5.84
CA VAL D 20 -43.99 7.47 -5.03
C VAL D 20 -43.01 7.77 -3.90
N VAL D 21 -42.62 9.04 -3.79
CA VAL D 21 -41.65 9.50 -2.81
C VAL D 21 -42.26 10.69 -2.07
N PHE D 22 -41.60 11.11 -1.00
CA PHE D 22 -42.08 12.21 -0.18
C PHE D 22 -42.33 13.45 -1.03
N PRO D 23 -43.50 14.07 -0.95
CA PRO D 23 -43.73 15.31 -1.71
C PRO D 23 -42.87 16.45 -1.20
N PHE D 24 -42.50 17.35 -2.11
CA PHE D 24 -41.57 18.42 -1.77
C PHE D 24 -42.19 19.41 -0.80
N THR D 25 -43.40 19.90 -1.09
CA THR D 25 -44.00 20.93 -0.24
C THR D 25 -44.67 20.30 0.98
N ALA D 26 -43.95 19.44 1.67
CA ALA D 26 -44.37 18.91 2.96
C ALA D 26 -43.25 18.89 3.98
N ILE D 27 -42.00 19.13 3.57
CA ILE D 27 -40.87 19.16 4.48
C ILE D 27 -41.01 20.36 5.40
N VAL D 28 -40.82 20.12 6.70
CA VAL D 28 -41.06 21.12 7.73
C VAL D 28 -39.76 21.86 8.03
N GLY D 29 -39.82 23.18 7.94
CA GLY D 29 -38.67 24.00 8.27
C GLY D 29 -37.57 23.93 7.22
N GLN D 30 -36.36 24.25 7.66
CA GLN D 30 -35.17 24.26 6.81
C GLN D 30 -35.39 25.13 5.56
N GLU D 31 -35.63 26.41 5.81
CA GLU D 31 -35.95 27.33 4.72
C GLU D 31 -34.72 27.60 3.85
N GLU D 32 -33.55 27.74 4.46
CA GLU D 32 -32.36 28.13 3.70
C GLU D 32 -31.99 27.07 2.66
N MET D 33 -31.93 25.80 3.07
CA MET D 33 -31.57 24.73 2.13
C MET D 33 -32.63 24.57 1.04
N LYS D 34 -33.88 24.89 1.35
CA LYS D 34 -34.99 24.71 0.42
C LYS D 34 -35.10 25.84 -0.60
N LEU D 35 -34.05 26.65 -0.76
CA LEU D 35 -34.05 27.74 -1.73
C LEU D 35 -32.94 27.61 -2.76
N ALA D 36 -31.77 27.10 -2.37
CA ALA D 36 -30.67 26.95 -3.31
C ALA D 36 -31.00 25.95 -4.41
N LEU D 37 -31.73 24.88 -4.07
CA LEU D 37 -32.13 23.92 -5.09
C LEU D 37 -33.05 24.56 -6.12
N LEU D 38 -34.01 25.37 -5.67
CA LEU D 38 -34.88 26.07 -6.60
C LEU D 38 -34.08 27.06 -7.45
N LEU D 39 -33.13 27.76 -6.84
CA LEU D 39 -32.30 28.70 -7.59
C LEU D 39 -31.52 27.98 -8.69
N ASN D 40 -30.93 26.82 -8.37
CA ASN D 40 -30.24 26.04 -9.38
C ASN D 40 -31.19 25.54 -10.47
N VAL D 41 -32.40 25.13 -10.09
CA VAL D 41 -33.37 24.65 -11.07
C VAL D 41 -33.78 25.75 -12.05
N ILE D 42 -33.97 26.98 -11.55
CA ILE D 42 -34.39 28.08 -12.41
C ILE D 42 -33.32 28.38 -13.46
N ASP D 43 -32.07 28.49 -13.03
CA ASP D 43 -30.96 28.85 -13.91
C ASP D 43 -29.92 27.74 -13.94
N PRO D 44 -29.84 26.94 -15.01
CA PRO D 44 -28.94 25.78 -15.05
C PRO D 44 -27.52 26.12 -15.51
N LYS D 45 -26.97 27.21 -14.98
CA LYS D 45 -25.59 27.58 -15.28
C LYS D 45 -24.77 27.97 -14.08
N ILE D 46 -25.38 28.21 -12.91
CA ILE D 46 -24.64 28.74 -11.78
C ILE D 46 -23.57 27.77 -11.31
N GLY D 47 -23.90 26.48 -11.26
CA GLY D 47 -23.00 25.49 -10.74
C GLY D 47 -23.73 24.42 -9.94
N GLY D 48 -23.34 24.24 -8.68
CA GLY D 48 -23.97 23.24 -7.84
C GLY D 48 -24.06 23.69 -6.40
N VAL D 49 -24.89 22.97 -5.65
CA VAL D 49 -25.09 23.21 -4.23
C VAL D 49 -24.60 21.97 -3.49
N MET D 50 -23.62 22.19 -2.59
CA MET D 50 -23.11 21.11 -1.72
C MET D 50 -23.66 21.39 -0.33
N ILE D 51 -24.34 20.41 0.27
CA ILE D 51 -25.00 20.60 1.56
C ILE D 51 -24.30 19.71 2.58
N MET D 52 -23.82 20.32 3.66
CA MET D 52 -23.13 19.59 4.72
C MET D 52 -23.74 19.99 6.06
N GLY D 53 -24.07 18.98 6.86
CA GLY D 53 -24.69 19.23 8.16
C GLY D 53 -24.64 17.99 9.02
N ASP D 54 -25.21 18.11 10.21
CA ASP D 54 -25.20 17.01 11.16
C ASP D 54 -26.02 15.84 10.63
N ARG D 55 -25.84 14.68 11.28
CA ARG D 55 -26.53 13.46 10.86
C ARG D 55 -28.04 13.64 10.99
N GLY D 56 -28.76 13.00 10.08
CA GLY D 56 -30.21 13.17 10.05
C GLY D 56 -30.58 14.42 9.28
N THR D 57 -31.58 15.14 9.80
CA THR D 57 -32.02 16.43 9.27
C THR D 57 -32.54 16.33 7.84
N GLY D 58 -32.60 15.11 7.30
CA GLY D 58 -33.18 14.89 5.99
C GLY D 58 -32.47 15.58 4.84
N LYS D 59 -31.13 15.49 4.81
CA LYS D 59 -30.40 16.03 3.67
C LYS D 59 -30.71 15.26 2.39
N SER D 60 -30.85 13.94 2.50
CA SER D 60 -30.98 13.08 1.33
C SER D 60 -32.43 12.78 0.96
N THR D 61 -33.41 13.41 1.64
CA THR D 61 -34.80 13.19 1.25
C THR D 61 -35.34 14.34 0.41
N THR D 62 -34.84 15.57 0.62
CA THR D 62 -35.22 16.68 -0.23
C THR D 62 -34.68 16.49 -1.65
N ILE D 63 -33.42 16.09 -1.76
CA ILE D 63 -32.77 16.02 -3.07
C ILE D 63 -33.44 14.96 -3.94
N ARG D 64 -33.74 13.79 -3.37
CA ARG D 64 -34.40 12.75 -4.15
C ARG D 64 -35.87 13.05 -4.41
N ALA D 65 -36.45 14.00 -3.69
CA ALA D 65 -37.82 14.43 -3.95
C ALA D 65 -37.91 15.59 -4.93
N LEU D 66 -36.78 16.14 -5.35
CA LEU D 66 -36.79 17.27 -6.27
C LEU D 66 -37.22 16.88 -7.68
N ALA D 67 -37.24 15.57 -7.99
CA ALA D 67 -37.58 15.14 -9.33
C ALA D 67 -39.02 15.47 -9.71
N ASP D 68 -39.93 15.58 -8.74
CA ASP D 68 -41.32 15.86 -9.05
C ASP D 68 -41.49 17.26 -9.63
N LEU D 69 -40.94 18.27 -8.95
CA LEU D 69 -41.02 19.65 -9.44
C LEU D 69 -39.96 19.85 -10.50
N LEU D 70 -40.36 19.80 -11.77
CA LEU D 70 -39.36 19.78 -12.82
C LEU D 70 -39.94 20.25 -14.15
N PRO D 71 -39.27 21.17 -14.83
CA PRO D 71 -39.78 21.69 -16.11
C PRO D 71 -39.30 20.83 -17.27
N GLU D 72 -39.75 21.20 -18.47
CA GLU D 72 -39.45 20.48 -19.70
C GLU D 72 -38.59 21.32 -20.63
N ILE D 73 -37.67 20.66 -21.32
CA ILE D 73 -36.80 21.31 -22.29
C ILE D 73 -36.87 20.55 -23.61
N PRO D 74 -36.65 21.20 -24.75
CA PRO D 74 -36.71 20.49 -26.04
C PRO D 74 -35.38 19.80 -26.34
N VAL D 75 -35.47 18.58 -26.88
CA VAL D 75 -34.31 17.77 -27.20
C VAL D 75 -34.65 16.90 -28.40
N VAL D 76 -33.68 16.77 -29.32
CA VAL D 76 -33.84 15.99 -30.53
C VAL D 76 -34.12 14.53 -30.19
N ALA D 77 -34.73 13.80 -31.13
CA ALA D 77 -35.13 12.43 -30.92
C ALA D 77 -34.04 11.48 -31.39
N ASN D 78 -33.95 10.32 -30.73
CA ASN D 78 -32.99 9.27 -31.09
C ASN D 78 -31.55 9.78 -31.02
N ASP D 79 -31.15 10.18 -29.81
CA ASP D 79 -29.78 10.62 -29.57
C ASP D 79 -29.40 10.36 -28.12
N PRO D 80 -28.36 9.55 -27.87
CA PRO D 80 -27.95 9.29 -26.48
C PRO D 80 -27.45 10.53 -25.77
N PHE D 81 -26.97 11.53 -26.49
CA PHE D 81 -26.39 12.71 -25.86
C PHE D 81 -27.44 13.75 -25.49
N ASN D 82 -28.63 13.69 -26.08
CA ASN D 82 -29.71 14.66 -25.82
C ASN D 82 -29.25 16.07 -26.15
N SER D 83 -28.86 16.28 -27.40
CA SER D 83 -28.37 17.57 -27.85
C SER D 83 -29.54 18.53 -28.09
N ASP D 84 -29.19 19.83 -28.21
CA ASP D 84 -30.16 20.89 -28.44
C ASP D 84 -30.46 21.01 -29.92
N PRO D 85 -31.73 20.96 -30.32
CA PRO D 85 -32.06 21.06 -31.76
C PRO D 85 -31.58 22.34 -32.41
N SER D 86 -31.64 23.46 -31.69
CA SER D 86 -31.12 24.73 -32.18
C SER D 86 -29.64 24.84 -31.84
N ASP D 87 -29.08 26.05 -32.01
CA ASP D 87 -27.69 26.33 -31.66
C ASP D 87 -26.74 25.41 -32.41
N PRO D 88 -26.51 25.65 -33.71
CA PRO D 88 -25.71 24.71 -34.51
C PRO D 88 -24.27 24.55 -34.06
N ASP D 89 -23.88 25.23 -32.98
CA ASP D 89 -22.53 25.13 -32.44
C ASP D 89 -22.41 24.07 -31.35
N LEU D 90 -23.52 23.42 -30.96
CA LEU D 90 -23.50 22.43 -29.90
C LEU D 90 -23.74 21.00 -30.41
N MET D 91 -23.80 20.81 -31.72
CA MET D 91 -23.99 19.48 -32.27
C MET D 91 -22.74 18.63 -32.03
N SER D 92 -22.95 17.41 -31.51
CA SER D 92 -21.83 16.66 -30.93
C SER D 92 -21.04 15.88 -31.98
N ASP D 93 -21.66 14.89 -32.61
CA ASP D 93 -20.90 13.93 -33.42
C ASP D 93 -21.36 13.88 -34.87
N GLU D 94 -22.64 13.63 -35.13
CA GLU D 94 -23.11 13.38 -36.49
C GLU D 94 -24.19 14.35 -36.95
N VAL D 95 -25.02 14.87 -36.05
CA VAL D 95 -26.01 15.85 -36.46
C VAL D 95 -25.34 17.16 -36.86
N ARG D 96 -24.08 17.37 -36.44
CA ARG D 96 -23.28 18.44 -37.02
C ARG D 96 -23.04 18.20 -38.50
N GLN D 97 -22.68 16.96 -38.86
CA GLN D 97 -22.52 16.62 -40.28
C GLN D 97 -23.83 16.72 -41.03
N LYS D 98 -24.93 16.27 -40.41
CA LYS D 98 -26.24 16.37 -41.03
C LYS D 98 -26.71 17.81 -41.15
N SER D 99 -26.11 18.74 -40.43
CA SER D 99 -26.47 20.14 -40.49
C SER D 99 -25.84 20.82 -41.71
N ILE D 105 -36.34 17.50 -38.82
CA ILE D 105 -35.73 17.03 -37.59
C ILE D 105 -36.80 16.74 -36.54
N PRO D 106 -36.78 15.53 -35.99
CA PRO D 106 -37.78 15.16 -34.98
C PRO D 106 -37.51 15.81 -33.62
N ILE D 107 -37.96 17.05 -33.46
CA ILE D 107 -37.79 17.78 -32.20
C ILE D 107 -38.96 17.45 -31.28
N GLU D 108 -38.65 17.05 -30.06
CA GLU D 108 -39.66 16.67 -29.08
C GLU D 108 -39.37 17.34 -27.75
N PHE D 109 -40.42 17.64 -27.01
CA PHE D 109 -40.27 18.14 -25.65
C PHE D 109 -40.10 16.97 -24.69
N LYS D 110 -39.32 17.19 -23.63
CA LYS D 110 -39.01 16.12 -22.70
C LYS D 110 -38.72 16.70 -21.32
N LYS D 111 -38.94 15.87 -20.30
CA LYS D 111 -38.61 16.21 -18.93
C LYS D 111 -37.13 15.97 -18.67
N VAL D 112 -36.49 16.90 -17.96
CA VAL D 112 -35.08 16.73 -17.65
C VAL D 112 -34.94 15.60 -16.62
N GLN D 113 -33.82 14.88 -16.70
CA GLN D 113 -33.63 13.68 -15.93
C GLN D 113 -32.69 13.90 -14.75
N MET D 114 -32.76 12.98 -13.79
CA MET D 114 -31.89 12.98 -12.62
C MET D 114 -31.21 11.64 -12.52
N VAL D 115 -29.87 11.66 -12.50
CA VAL D 115 -29.07 10.45 -12.45
C VAL D 115 -28.06 10.58 -11.31
N ASP D 116 -28.01 9.57 -10.44
CA ASP D 116 -27.10 9.55 -9.31
C ASP D 116 -26.12 8.40 -9.47
N LEU D 117 -24.87 8.63 -9.08
CA LEU D 117 -23.92 7.54 -9.23
C LEU D 117 -23.64 6.87 -7.89
N PRO D 118 -23.58 5.55 -7.85
CA PRO D 118 -23.32 4.85 -6.59
C PRO D 118 -21.86 5.03 -6.16
N LEU D 119 -21.65 4.90 -4.84
CA LEU D 119 -20.30 5.04 -4.29
C LEU D 119 -19.43 3.85 -4.68
N GLY D 120 -20.02 2.70 -4.94
CA GLY D 120 -19.27 1.51 -5.27
C GLY D 120 -19.25 1.17 -6.75
N ALA D 121 -19.09 2.19 -7.59
CA ALA D 121 -19.04 2.01 -9.04
C ALA D 121 -17.64 2.28 -9.55
N THR D 122 -17.23 1.50 -10.54
CA THR D 122 -15.91 1.63 -11.13
C THR D 122 -15.90 2.73 -12.19
N GLU D 123 -14.74 2.91 -12.83
CA GLU D 123 -14.60 3.89 -13.90
C GLU D 123 -15.10 3.38 -15.25
N ASP D 124 -15.52 2.12 -15.33
CA ASP D 124 -15.99 1.57 -16.60
C ASP D 124 -17.23 2.30 -17.09
N ARG D 125 -18.18 2.58 -16.21
CA ARG D 125 -19.43 3.21 -16.59
C ARG D 125 -19.43 4.72 -16.42
N VAL D 126 -18.54 5.27 -15.59
CA VAL D 126 -18.53 6.72 -15.35
C VAL D 126 -18.15 7.46 -16.62
N CYS D 127 -17.06 7.04 -17.27
CA CYS D 127 -16.57 7.68 -18.48
C CYS D 127 -17.09 6.98 -19.74
N GLY D 128 -16.77 5.70 -19.90
CA GLY D 128 -17.20 4.96 -21.08
C GLY D 128 -16.07 4.15 -21.68
N THR D 129 -16.31 2.85 -21.92
CA THR D 129 -15.29 1.97 -22.43
C THR D 129 -15.92 0.91 -23.32
N ILE D 130 -15.37 0.74 -24.52
CA ILE D 130 -15.83 -0.29 -25.45
C ILE D 130 -14.76 -0.53 -26.51
N PHE D 143 -19.19 3.32 -29.74
CA PHE D 143 -18.87 3.86 -28.43
C PHE D 143 -20.10 3.88 -27.54
N GLU D 144 -20.10 3.04 -26.51
CA GLU D 144 -21.22 2.99 -25.59
C GLU D 144 -21.27 4.29 -24.76
N PRO D 145 -22.46 4.68 -24.30
CA PRO D 145 -22.55 5.91 -23.50
C PRO D 145 -22.26 5.66 -22.04
N GLY D 146 -21.38 6.49 -21.47
CA GLY D 146 -21.04 6.39 -20.07
C GLY D 146 -22.08 7.04 -19.18
N LEU D 147 -21.81 7.00 -17.87
CA LEU D 147 -22.70 7.64 -16.91
C LEU D 147 -22.77 9.14 -17.13
N LEU D 148 -21.63 9.78 -17.40
CA LEU D 148 -21.62 11.21 -17.66
C LEU D 148 -22.39 11.56 -18.93
N ALA D 149 -22.53 10.63 -19.87
CA ALA D 149 -23.29 10.89 -21.08
C ALA D 149 -24.79 11.01 -20.79
N LYS D 150 -25.29 10.26 -19.82
CA LYS D 150 -26.72 10.23 -19.51
C LYS D 150 -27.17 11.42 -18.70
N ALA D 151 -26.25 12.29 -18.27
CA ALA D 151 -26.61 13.41 -17.42
C ALA D 151 -26.27 14.74 -18.10
N ASN D 152 -26.60 14.87 -19.37
CA ASN D 152 -26.35 16.11 -20.11
C ASN D 152 -27.46 17.11 -19.82
N ARG D 153 -27.08 18.28 -19.35
CA ARG D 153 -27.99 19.38 -19.00
C ARG D 153 -28.95 19.02 -17.87
N GLY D 154 -28.80 17.86 -17.25
CA GLY D 154 -29.67 17.43 -16.18
C GLY D 154 -29.09 17.68 -14.81
N ILE D 155 -29.44 16.83 -13.85
CA ILE D 155 -28.98 16.94 -12.47
C ILE D 155 -28.23 15.66 -12.11
N LEU D 156 -26.99 15.82 -11.67
CA LEU D 156 -26.17 14.70 -11.21
C LEU D 156 -26.03 14.82 -9.69
N TYR D 157 -26.51 13.80 -8.98
CA TYR D 157 -26.50 13.79 -7.53
C TYR D 157 -25.49 12.77 -7.02
N VAL D 158 -24.61 13.21 -6.13
CA VAL D 158 -23.63 12.34 -5.47
C VAL D 158 -24.00 12.26 -4.00
N ASP D 159 -23.90 11.07 -3.43
CA ASP D 159 -24.24 10.84 -2.03
C ASP D 159 -22.96 10.59 -1.24
N GLU D 160 -22.78 11.36 -0.17
CA GLU D 160 -21.58 11.29 0.67
C GLU D 160 -20.32 11.51 -0.17
N VAL D 161 -20.23 12.71 -0.76
CA VAL D 161 -19.06 13.08 -1.54
C VAL D 161 -17.81 13.23 -0.68
N ASN D 162 -17.96 13.24 0.64
CA ASN D 162 -16.81 13.40 1.53
C ASN D 162 -15.83 12.23 1.37
N LEU D 163 -16.34 11.02 1.15
CA LEU D 163 -15.49 9.84 1.04
C LEU D 163 -15.06 9.57 -0.40
N LEU D 164 -16.03 9.28 -1.27
CA LEU D 164 -15.76 8.80 -2.63
C LEU D 164 -14.64 7.77 -2.64
N ASP D 165 -13.67 7.93 -3.53
CA ASP D 165 -12.51 7.05 -3.54
C ASP D 165 -11.19 7.76 -3.81
N ASP D 166 -11.20 9.09 -3.97
CA ASP D 166 -10.00 9.90 -4.20
C ASP D 166 -9.28 9.53 -5.49
N HIS D 167 -9.85 8.61 -6.27
CA HIS D 167 -9.27 8.21 -7.54
C HIS D 167 -10.24 8.40 -8.70
N LEU D 168 -11.51 8.08 -8.49
CA LEU D 168 -12.53 8.36 -9.50
C LEU D 168 -12.90 9.84 -9.52
N VAL D 169 -12.67 10.55 -8.42
CA VAL D 169 -13.01 11.96 -8.36
C VAL D 169 -12.20 12.81 -9.34
N ASP D 170 -11.08 12.28 -9.86
CA ASP D 170 -10.23 13.07 -10.72
C ASP D 170 -10.81 13.25 -12.12
N VAL D 171 -11.51 12.23 -12.64
CA VAL D 171 -11.99 12.31 -14.02
C VAL D 171 -13.03 13.42 -14.17
N LEU D 172 -13.87 13.61 -13.16
CA LEU D 172 -14.90 14.65 -13.19
C LEU D 172 -14.39 16.00 -12.71
N LEU D 173 -13.14 16.08 -12.28
CA LEU D 173 -12.60 17.35 -11.77
C LEU D 173 -12.57 18.42 -12.86
N ASP D 174 -12.23 18.06 -14.09
CA ASP D 174 -12.13 19.02 -15.18
C ASP D 174 -13.24 18.92 -16.20
N SER D 175 -13.98 17.81 -16.25
CA SER D 175 -15.10 17.70 -17.18
C SER D 175 -16.17 18.74 -16.86
N ALA D 176 -16.48 18.92 -15.58
CA ALA D 176 -17.35 20.01 -15.18
C ALA D 176 -16.62 21.34 -15.34
N ALA D 177 -17.39 22.42 -15.47
CA ALA D 177 -16.89 23.77 -15.68
C ALA D 177 -16.06 23.89 -16.97
N SER D 178 -16.21 22.92 -17.88
CA SER D 178 -15.57 22.98 -19.18
C SER D 178 -16.49 22.70 -20.35
N GLY D 179 -17.58 21.96 -20.15
CA GLY D 179 -18.52 21.69 -21.22
C GLY D 179 -18.08 20.68 -22.24
N TRP D 180 -16.97 19.98 -21.99
CA TRP D 180 -16.48 18.99 -22.95
C TRP D 180 -15.82 17.85 -22.20
N ASN D 181 -15.95 16.64 -22.75
CA ASN D 181 -15.38 15.44 -22.18
C ASN D 181 -14.66 14.66 -23.27
N THR D 182 -13.53 14.05 -22.91
CA THR D 182 -12.73 13.28 -23.85
C THR D 182 -12.45 11.91 -23.26
N VAL D 183 -12.72 10.86 -24.05
CA VAL D 183 -12.46 9.48 -23.65
C VAL D 183 -11.48 8.87 -24.63
N GLU D 184 -10.53 8.09 -24.10
CA GLU D 184 -9.46 7.52 -24.92
C GLU D 184 -9.11 6.10 -24.47
N ARG D 185 -10.06 5.39 -23.88
CA ARG D 185 -9.73 4.12 -23.22
C ARG D 185 -9.13 3.11 -24.18
N GLU D 186 -9.80 2.86 -25.31
CA GLU D 186 -9.26 1.92 -26.30
C GLU D 186 -9.96 2.14 -27.62
N GLY D 187 -9.20 2.54 -28.64
CA GLY D 187 -9.69 2.59 -30.01
C GLY D 187 -10.63 3.72 -30.33
N ILE D 188 -11.04 4.53 -29.35
CA ILE D 188 -11.98 5.62 -29.58
C ILE D 188 -11.47 6.85 -28.84
N SER D 189 -11.38 7.97 -29.55
CA SER D 189 -10.99 9.25 -28.96
C SER D 189 -11.89 10.32 -29.58
N ILE D 190 -13.03 10.56 -28.93
CA ILE D 190 -14.02 11.52 -29.42
C ILE D 190 -14.29 12.56 -28.34
N ARG D 191 -14.62 13.76 -28.77
CA ARG D 191 -14.99 14.84 -27.86
C ARG D 191 -16.47 14.70 -27.52
N HIS D 192 -16.79 14.89 -26.24
CA HIS D 192 -18.11 14.59 -25.71
C HIS D 192 -18.63 15.77 -24.91
N PRO D 193 -19.73 16.39 -25.30
CA PRO D 193 -20.32 17.45 -24.46
C PRO D 193 -20.79 16.89 -23.14
N ALA D 194 -20.67 17.72 -22.09
CA ALA D 194 -21.09 17.30 -20.75
C ALA D 194 -21.31 18.54 -19.91
N ARG D 195 -22.53 18.70 -19.40
CA ARG D 195 -22.86 19.81 -18.52
C ARG D 195 -23.97 19.38 -17.58
N PHE D 196 -23.82 19.73 -16.29
CA PHE D 196 -24.81 19.39 -15.28
C PHE D 196 -24.66 20.35 -14.11
N VAL D 197 -25.34 20.03 -13.01
CA VAL D 197 -25.33 20.92 -11.86
C VAL D 197 -24.46 20.37 -10.75
N LEU D 198 -24.38 19.05 -10.62
CA LEU D 198 -23.49 18.38 -9.66
C LEU D 198 -23.83 18.76 -8.21
N VAL D 199 -25.06 18.39 -7.82
CA VAL D 199 -25.50 18.53 -6.44
C VAL D 199 -24.91 17.40 -5.60
N GLY D 200 -24.54 17.70 -4.37
CA GLY D 200 -23.95 16.69 -3.49
C GLY D 200 -24.16 17.00 -2.03
N SER D 201 -24.13 15.95 -1.22
CA SER D 201 -24.26 16.03 0.23
C SER D 201 -22.93 15.69 0.88
N GLY D 202 -22.93 15.64 2.21
CA GLY D 202 -21.72 15.29 2.94
C GLY D 202 -21.92 15.37 4.43
N ASN D 203 -20.89 14.94 5.15
CA ASN D 203 -20.87 14.97 6.61
C ASN D 203 -19.51 15.51 7.05
N PRO D 204 -19.48 16.58 7.87
CA PRO D 204 -18.21 17.21 8.25
C PRO D 204 -17.51 16.54 9.43
N GLU D 205 -17.43 15.20 9.38
CA GLU D 205 -16.69 14.45 10.39
C GLU D 205 -15.85 13.32 9.82
N GLU D 206 -15.92 13.06 8.51
CA GLU D 206 -15.15 12.00 7.88
C GLU D 206 -14.03 12.53 7.01
N GLY D 207 -13.77 13.83 7.03
CA GLY D 207 -12.74 14.42 6.21
C GLY D 207 -13.22 15.69 5.55
N GLU D 208 -12.28 16.39 4.92
CA GLU D 208 -12.55 17.64 4.24
C GLU D 208 -12.24 17.48 2.76
N LEU D 209 -12.98 18.20 1.91
CA LEU D 209 -12.80 18.08 0.48
C LEU D 209 -11.45 18.65 0.06
N ARG D 210 -10.93 18.12 -1.05
CA ARG D 210 -9.68 18.64 -1.60
C ARG D 210 -9.87 20.09 -2.02
N PRO D 211 -8.90 20.96 -1.75
CA PRO D 211 -9.11 22.40 -2.00
C PRO D 211 -9.14 22.78 -3.46
N GLN D 212 -9.15 21.79 -4.35
CA GLN D 212 -9.31 22.04 -5.79
C GLN D 212 -10.74 21.76 -6.26
N LEU D 213 -11.32 20.64 -5.85
CA LEU D 213 -12.69 20.32 -6.22
C LEU D 213 -13.69 21.24 -5.52
N LEU D 214 -13.32 21.77 -4.35
CA LEU D 214 -14.23 22.60 -3.58
C LEU D 214 -14.65 23.86 -4.34
N ASP D 215 -13.88 24.29 -5.34
CA ASP D 215 -14.19 25.50 -6.08
C ASP D 215 -15.08 25.26 -7.29
N ARG D 216 -15.36 24.02 -7.65
CA ARG D 216 -16.26 23.75 -8.76
C ARG D 216 -17.71 24.02 -8.39
N PHE D 217 -18.06 23.83 -7.12
CA PHE D 217 -19.44 24.02 -6.68
C PHE D 217 -19.79 25.50 -6.62
N GLY D 218 -21.09 25.78 -6.65
CA GLY D 218 -21.56 27.14 -6.67
C GLY D 218 -21.84 27.74 -5.31
N MET D 219 -22.65 27.06 -4.50
CA MET D 219 -23.01 27.57 -3.17
C MET D 219 -22.87 26.47 -2.13
N HIS D 220 -22.69 26.91 -0.88
CA HIS D 220 -22.54 26.03 0.27
C HIS D 220 -23.55 26.45 1.32
N ALA D 221 -24.43 25.52 1.70
CA ALA D 221 -25.46 25.78 2.69
C ALA D 221 -25.28 24.85 3.89
N GLU D 222 -25.33 25.42 5.09
CA GLU D 222 -25.15 24.67 6.33
C GLU D 222 -26.50 24.36 6.95
N ILE D 223 -26.52 23.29 7.75
CA ILE D 223 -27.74 22.78 8.37
C ILE D 223 -27.54 22.68 9.87
N HIS D 224 -28.54 23.13 10.62
CA HIS D 224 -28.56 23.00 12.07
C HIS D 224 -29.88 22.36 12.50
N THR D 225 -29.81 21.46 13.47
CA THR D 225 -30.99 20.73 13.91
C THR D 225 -32.00 21.68 14.54
N VAL D 226 -33.29 21.39 14.32
CA VAL D 226 -34.34 22.18 14.94
C VAL D 226 -34.33 21.95 16.45
N LYS D 227 -34.91 22.91 17.18
CA LYS D 227 -34.88 22.90 18.64
C LYS D 227 -36.22 23.25 19.27
N GLU D 228 -37.31 23.09 18.54
CA GLU D 228 -38.63 23.39 19.08
C GLU D 228 -39.50 22.14 19.09
N PRO D 229 -40.05 21.75 20.24
CA PRO D 229 -40.76 20.47 20.31
C PRO D 229 -41.93 20.33 19.34
N ALA D 230 -42.66 21.42 19.07
CA ALA D 230 -43.82 21.34 18.20
C ALA D 230 -43.45 20.89 16.79
N LEU D 231 -42.35 21.42 16.26
CA LEU D 231 -41.92 21.02 14.92
C LEU D 231 -41.51 19.56 14.88
N ARG D 232 -40.82 19.08 15.92
CA ARG D 232 -40.45 17.67 15.98
C ARG D 232 -41.68 16.78 16.03
N VAL D 233 -42.68 17.17 16.82
CA VAL D 233 -43.93 16.43 16.85
C VAL D 233 -44.57 16.41 15.47
N GLN D 234 -44.56 17.56 14.79
CA GLN D 234 -45.15 17.65 13.45
C GLN D 234 -44.47 16.70 12.48
N ILE D 235 -43.14 16.69 12.48
CA ILE D 235 -42.42 15.86 11.51
C ILE D 235 -42.60 14.38 11.83
N VAL D 236 -42.60 14.02 13.12
CA VAL D 236 -42.83 12.62 13.49
C VAL D 236 -44.22 12.18 13.03
N GLU D 237 -45.24 13.01 13.29
CA GLU D 237 -46.59 12.67 12.90
C GLU D 237 -46.72 12.54 11.40
N GLN D 238 -46.10 13.46 10.65
CA GLN D 238 -46.20 13.39 9.19
C GLN D 238 -45.50 12.17 8.62
N ARG D 239 -44.32 11.83 9.15
CA ARG D 239 -43.63 10.63 8.68
C ARG D 239 -44.44 9.37 8.97
N SER D 240 -45.00 9.27 10.18
CA SER D 240 -45.84 8.13 10.50
C SER D 240 -47.06 8.07 9.60
N GLU D 241 -47.68 9.22 9.33
CA GLU D 241 -48.85 9.26 8.47
C GLU D 241 -48.51 8.79 7.07
N PHE D 242 -47.39 9.24 6.51
CA PHE D 242 -47.00 8.79 5.18
C PHE D 242 -46.71 7.30 5.17
N ASP D 243 -46.02 6.80 6.21
CA ASP D 243 -45.76 5.37 6.29
C ASP D 243 -47.04 4.56 6.44
N GLN D 244 -48.11 5.17 6.93
CA GLN D 244 -49.38 4.45 7.08
C GLN D 244 -49.99 4.13 5.72
N ASN D 245 -50.07 5.13 4.82
CA ASN D 245 -50.69 4.91 3.53
C ASN D 245 -50.10 5.85 2.47
N PRO D 246 -49.30 5.33 1.54
CA PRO D 246 -48.64 6.21 0.55
C PRO D 246 -49.61 6.95 -0.35
N PRO D 247 -50.51 6.26 -1.08
CA PRO D 247 -51.15 6.94 -2.21
C PRO D 247 -52.16 8.01 -1.80
N THR D 248 -53.02 7.74 -0.82
CA THR D 248 -54.02 8.72 -0.43
C THR D 248 -53.40 9.93 0.26
N PHE D 249 -52.13 9.85 0.63
CA PHE D 249 -51.46 10.99 1.26
C PHE D 249 -51.13 12.08 0.23
N LEU D 250 -50.89 11.69 -1.03
CA LEU D 250 -50.49 12.65 -2.05
C LEU D 250 -51.59 13.67 -2.33
N GLU D 251 -52.84 13.21 -2.37
CA GLU D 251 -53.95 14.09 -2.72
C GLU D 251 -54.13 15.24 -1.72
N LYS D 252 -53.57 15.11 -0.52
CA LYS D 252 -53.66 16.19 0.46
C LYS D 252 -52.71 17.33 0.12
N TYR D 253 -51.76 17.12 -0.79
CA TYR D 253 -50.77 18.13 -1.15
C TYR D 253 -50.69 18.41 -2.64
N ASN D 254 -51.33 17.60 -3.49
CA ASN D 254 -51.19 17.74 -4.94
C ASN D 254 -51.47 19.15 -5.47
N PRO D 255 -52.53 19.86 -5.05
CA PRO D 255 -52.71 21.24 -5.54
C PRO D 255 -51.54 22.15 -5.22
N GLU D 256 -50.92 22.00 -4.05
CA GLU D 256 -49.75 22.82 -3.73
C GLU D 256 -48.59 22.53 -4.67
N GLN D 257 -48.36 21.26 -4.97
CA GLN D 257 -47.31 20.89 -5.92
C GLN D 257 -47.59 21.45 -7.31
N THR D 258 -48.84 21.40 -7.76
CA THR D 258 -49.18 21.98 -9.06
C THR D 258 -48.94 23.49 -9.05
N ALA D 259 -49.34 24.16 -7.97
CA ALA D 259 -49.15 25.60 -7.88
C ALA D 259 -47.68 25.97 -7.93
N LEU D 260 -46.83 25.20 -7.23
CA LEU D 260 -45.40 25.46 -7.30
C LEU D 260 -44.83 25.15 -8.68
N GLN D 261 -45.32 24.09 -9.33
CA GLN D 261 -44.83 23.73 -10.65
C GLN D 261 -45.16 24.80 -11.68
N LYS D 262 -46.31 25.47 -11.55
CA LYS D 262 -46.63 26.56 -12.47
C LYS D 262 -45.70 27.76 -12.30
N LYS D 263 -45.30 28.05 -11.05
CA LYS D 263 -44.47 29.23 -10.80
C LYS D 263 -43.08 29.10 -11.40
N ILE D 264 -42.52 27.89 -11.41
CA ILE D 264 -41.16 27.70 -11.92
C ILE D 264 -41.11 28.00 -13.42
N VAL D 265 -42.10 27.53 -14.18
CA VAL D 265 -42.09 27.75 -15.62
C VAL D 265 -42.14 29.24 -15.94
N GLU D 266 -43.01 29.98 -15.23
CA GLU D 266 -43.11 31.41 -15.48
C GLU D 266 -41.80 32.14 -15.19
N ALA D 267 -41.16 31.80 -14.07
CA ALA D 267 -39.90 32.44 -13.72
C ALA D 267 -38.75 32.02 -14.63
N GLN D 268 -38.91 30.91 -15.36
CA GLN D 268 -37.90 30.44 -16.28
C GLN D 268 -37.93 31.17 -17.62
N LYS D 269 -38.94 32.00 -17.86
CA LYS D 269 -39.05 32.77 -19.10
C LYS D 269 -38.88 34.27 -18.91
N LEU D 270 -39.16 34.77 -17.71
CA LEU D 270 -39.00 36.19 -17.42
C LEU D 270 -37.57 36.56 -17.00
N LEU D 271 -36.68 35.57 -16.92
CA LEU D 271 -35.32 35.84 -16.46
C LEU D 271 -34.56 36.82 -17.35
N PRO D 272 -34.51 36.66 -18.69
CA PRO D 272 -33.68 37.58 -19.48
C PRO D 272 -34.32 38.96 -19.66
N GLU D 273 -34.78 39.55 -18.57
CA GLU D 273 -35.34 40.90 -18.62
C GLU D 273 -34.73 41.78 -17.53
N VAL D 274 -34.27 41.16 -16.44
CA VAL D 274 -33.69 41.92 -15.34
C VAL D 274 -32.35 42.49 -15.76
N LYS D 275 -31.88 43.47 -14.97
CA LYS D 275 -30.63 44.16 -15.30
C LYS D 275 -30.02 44.71 -14.02
N LEU D 276 -28.72 44.49 -13.85
CA LEU D 276 -27.99 45.07 -12.73
C LEU D 276 -27.53 46.48 -13.08
N ASP D 277 -27.85 47.44 -12.21
CA ASP D 277 -27.33 48.79 -12.38
C ASP D 277 -25.83 48.81 -12.16
N TYR D 278 -25.14 49.70 -12.89
CA TYR D 278 -23.68 49.67 -12.92
C TYR D 278 -23.09 49.90 -11.53
N ASP D 279 -23.72 50.75 -10.73
CA ASP D 279 -23.20 51.02 -9.39
C ASP D 279 -23.22 49.77 -8.52
N LEU D 280 -24.27 48.96 -8.65
CA LEU D 280 -24.35 47.72 -7.89
C LEU D 280 -23.24 46.75 -8.29
N ARG D 281 -22.97 46.64 -9.59
CA ARG D 281 -21.93 45.72 -10.06
C ARG D 281 -20.56 46.11 -9.53
N VAL D 282 -20.28 47.41 -9.45
CA VAL D 282 -19.04 47.87 -8.82
C VAL D 282 -19.05 47.54 -7.34
N LYS D 283 -20.19 47.75 -6.68
CA LYS D 283 -20.27 47.54 -5.24
C LYS D 283 -20.04 46.08 -4.86
N ILE D 284 -20.65 45.16 -5.60
CA ILE D 284 -20.52 43.75 -5.26
C ILE D 284 -19.07 43.27 -5.47
N SER D 285 -18.40 43.81 -6.49
CA SER D 285 -17.03 43.41 -6.75
C SER D 285 -16.08 43.81 -5.62
N GLU D 286 -16.31 44.98 -5.02
CA GLU D 286 -15.45 45.43 -3.92
C GLU D 286 -15.52 44.49 -2.73
N VAL D 287 -16.65 43.80 -2.54
CA VAL D 287 -16.78 42.86 -1.44
C VAL D 287 -15.78 41.71 -1.61
N CYS D 288 -15.64 41.20 -2.82
CA CYS D 288 -14.69 40.12 -3.07
C CYS D 288 -13.24 40.56 -2.89
N SER D 289 -12.96 41.87 -2.98
CA SER D 289 -11.59 42.34 -2.83
C SER D 289 -11.14 42.25 -1.37
N GLU D 290 -11.99 42.70 -0.44
CA GLU D 290 -11.58 42.75 0.96
C GLU D 290 -11.41 41.36 1.56
N LEU D 291 -12.20 40.39 1.12
CA LEU D 291 -12.13 39.04 1.67
C LEU D 291 -10.98 38.22 1.09
N ASP D 292 -10.27 38.76 0.09
CA ASP D 292 -9.09 38.11 -0.47
C ASP D 292 -9.39 36.70 -0.98
N VAL D 293 -10.53 36.55 -1.66
CA VAL D 293 -10.89 35.28 -2.28
C VAL D 293 -10.05 35.12 -3.54
N ASP D 294 -9.18 34.12 -3.54
CA ASP D 294 -8.33 33.90 -4.71
C ASP D 294 -9.16 33.37 -5.87
N GLY D 295 -8.92 33.92 -7.05
CA GLY D 295 -9.66 33.53 -8.23
C GLY D 295 -10.88 34.39 -8.48
N LEU D 296 -11.06 34.83 -9.73
CA LEU D 296 -12.20 35.65 -10.09
C LEU D 296 -13.40 34.81 -10.49
N ARG D 297 -13.78 33.86 -9.63
CA ARG D 297 -14.94 33.02 -9.84
C ARG D 297 -16.10 33.33 -8.92
N GLY D 298 -15.83 33.79 -7.70
CA GLY D 298 -16.92 34.17 -6.81
C GLY D 298 -17.72 35.33 -7.34
N ASP D 299 -17.07 36.28 -8.03
CA ASP D 299 -17.79 37.42 -8.58
C ASP D 299 -18.79 37.00 -9.65
N ILE D 300 -18.42 36.03 -10.49
CA ILE D 300 -19.30 35.63 -11.57
C ILE D 300 -20.55 34.95 -11.03
N VAL D 301 -20.39 34.04 -10.07
CA VAL D 301 -21.53 33.27 -9.58
C VAL D 301 -22.45 34.14 -8.74
N THR D 302 -21.90 35.01 -7.89
CA THR D 302 -22.72 35.89 -7.08
C THR D 302 -23.62 36.77 -7.95
N ASN D 303 -23.07 37.31 -9.03
CA ASN D 303 -23.87 38.12 -9.94
C ASN D 303 -24.98 37.30 -10.59
N ARG D 304 -24.64 36.08 -11.02
CA ARG D 304 -25.60 35.27 -11.78
C ARG D 304 -26.82 34.92 -10.95
N ALA D 305 -26.62 34.54 -9.68
CA ALA D 305 -27.74 34.09 -8.85
C ALA D 305 -28.68 35.24 -8.50
N ALA D 306 -28.14 36.45 -8.35
CA ALA D 306 -28.97 37.59 -7.96
C ALA D 306 -30.09 37.82 -8.96
N LYS D 307 -29.80 37.67 -10.26
CA LYS D 307 -30.84 37.81 -11.27
C LYS D 307 -31.92 36.75 -11.12
N ALA D 308 -31.52 35.50 -10.90
CA ALA D 308 -32.47 34.40 -10.88
C ALA D 308 -33.46 34.53 -9.73
N LEU D 309 -32.98 34.91 -8.54
CA LEU D 309 -33.87 35.02 -7.38
C LEU D 309 -34.94 36.08 -7.60
N THR D 310 -34.57 37.20 -8.24
CA THR D 310 -35.55 38.24 -8.52
C THR D 310 -36.65 37.74 -9.44
N ALA D 311 -36.29 36.97 -10.47
CA ALA D 311 -37.30 36.43 -11.37
C ALA D 311 -38.25 35.49 -10.65
N TYR D 312 -37.79 34.84 -9.57
CA TYR D 312 -38.66 33.96 -8.80
C TYR D 312 -39.79 34.74 -8.15
N GLU D 313 -39.49 35.92 -7.60
CA GLU D 313 -40.51 36.71 -6.93
C GLU D 313 -41.48 37.32 -7.93
N GLY D 314 -41.01 37.70 -9.12
CA GLY D 314 -41.85 38.25 -10.17
C GLY D 314 -41.43 39.61 -10.67
N ARG D 315 -40.66 40.37 -9.90
CA ARG D 315 -40.25 41.70 -10.33
C ARG D 315 -39.20 41.60 -11.44
N THR D 316 -38.85 42.75 -11.99
CA THR D 316 -37.88 42.84 -13.07
C THR D 316 -36.90 43.98 -12.84
N GLU D 317 -36.51 44.20 -11.58
CA GLU D 317 -35.52 45.23 -11.27
C GLU D 317 -34.85 44.85 -9.95
N VAL D 318 -33.62 44.33 -10.04
CA VAL D 318 -32.88 43.97 -8.85
C VAL D 318 -32.58 45.21 -8.02
N THR D 319 -32.43 45.02 -6.71
CA THR D 319 -32.21 46.11 -5.78
C THR D 319 -31.48 45.54 -4.57
N VAL D 320 -30.98 46.44 -3.70
CA VAL D 320 -30.42 45.99 -2.44
C VAL D 320 -31.49 45.22 -1.65
N ASP D 321 -31.02 44.39 -0.72
CA ASP D 321 -31.81 43.43 0.05
C ASP D 321 -32.30 42.27 -0.82
N ASP D 322 -32.05 42.30 -2.13
CA ASP D 322 -32.31 41.14 -2.98
C ASP D 322 -31.06 40.32 -3.23
N ILE D 323 -29.89 40.96 -3.29
CA ILE D 323 -28.63 40.23 -3.32
C ILE D 323 -28.10 39.97 -1.91
N ARG D 324 -28.65 40.64 -0.89
CA ARG D 324 -28.26 40.39 0.48
C ARG D 324 -28.58 38.96 0.92
N ARG D 325 -29.63 38.38 0.34
CA ARG D 325 -30.09 37.05 0.70
C ARG D 325 -29.34 35.94 -0.03
N VAL D 326 -28.40 36.29 -0.93
CA VAL D 326 -27.76 35.27 -1.75
C VAL D 326 -26.24 35.42 -1.72
N ILE D 327 -25.75 36.37 -0.92
CA ILE D 327 -24.31 36.58 -0.88
C ILE D 327 -23.66 35.80 0.27
N THR D 328 -24.33 35.70 1.42
CA THR D 328 -23.73 35.06 2.58
C THR D 328 -23.54 33.56 2.35
N LEU D 329 -24.39 32.96 1.53
CA LEU D 329 -24.31 31.53 1.23
C LEU D 329 -23.51 31.24 -0.03
N CYS D 330 -22.81 32.24 -0.57
CA CYS D 330 -21.97 32.04 -1.73
C CYS D 330 -20.52 32.45 -1.53
N LEU D 331 -20.20 33.20 -0.47
CA LEU D 331 -18.85 33.63 -0.16
C LEU D 331 -18.39 33.08 1.18
N ARG D 332 -18.81 31.86 1.50
CA ARG D 332 -18.46 31.22 2.76
C ARG D 332 -17.47 30.08 2.62
N HIS D 333 -17.62 29.24 1.60
CA HIS D 333 -16.74 28.10 1.40
C HIS D 333 -15.55 28.43 0.49
N ARG D 334 -15.47 29.66 -0.01
CA ARG D 334 -14.33 30.12 -0.81
C ARG D 334 -13.42 31.06 -0.02
N LEU D 335 -13.58 31.09 1.30
CA LEU D 335 -12.94 32.10 2.15
C LEU D 335 -11.80 31.43 2.92
N ARG D 336 -10.61 31.44 2.34
CA ARG D 336 -9.42 31.00 3.05
C ARG D 336 -9.13 31.94 4.22
N LYS D 337 -8.83 31.38 5.38
CA LYS D 337 -8.70 32.17 6.59
C LYS D 337 -7.60 31.59 7.47
N ASP D 338 -7.40 32.20 8.63
CA ASP D 338 -6.45 31.70 9.61
C ASP D 338 -6.88 30.32 10.09
N PRO D 339 -5.92 29.44 10.40
CA PRO D 339 -6.27 28.10 10.92
C PRO D 339 -7.37 28.10 11.97
N LEU D 340 -7.22 28.96 12.99
CA LEU D 340 -8.23 29.02 14.09
C LEU D 340 -8.90 30.39 14.09
N GLU D 341 -8.14 31.46 14.36
CA GLU D 341 -8.77 32.81 14.46
C GLU D 341 -9.97 32.70 15.41
N SER D 342 -11.08 33.40 15.11
CA SER D 342 -12.30 33.33 15.95
C SER D 342 -13.52 33.81 15.15
N ILE D 343 -13.93 33.07 14.12
CA ILE D 343 -15.14 33.44 13.33
C ILE D 343 -15.84 32.15 12.88
N ASP D 344 -17.18 32.14 12.90
CA ASP D 344 -17.93 30.97 12.38
C ASP D 344 -17.93 31.05 10.85
N SER D 345 -17.14 31.98 10.30
CA SER D 345 -17.12 32.18 8.82
C SER D 345 -18.48 32.70 8.36
N GLY D 346 -19.31 33.19 9.29
CA GLY D 346 -20.59 33.72 8.91
C GLY D 346 -20.78 35.19 9.25
N TYR D 347 -20.17 35.65 10.34
CA TYR D 347 -20.35 37.05 10.73
C TYR D 347 -19.54 38.00 9.86
N LYS D 348 -18.36 37.54 9.40
CA LYS D 348 -17.46 38.44 8.67
C LYS D 348 -18.05 38.91 7.35
N VAL D 349 -18.69 38.00 6.61
CA VAL D 349 -19.25 38.37 5.31
C VAL D 349 -20.35 39.41 5.49
N GLU D 350 -21.23 39.22 6.47
CA GLU D 350 -22.29 40.19 6.71
C GLU D 350 -21.75 41.50 7.28
N LYS D 351 -20.68 41.44 8.07
CA LYS D 351 -20.06 42.67 8.55
C LYS D 351 -19.50 43.50 7.40
N VAL D 352 -18.82 42.84 6.46
CA VAL D 352 -18.31 43.55 5.30
C VAL D 352 -19.46 44.05 4.42
N PHE D 353 -20.53 43.26 4.31
CA PHE D 353 -21.70 43.72 3.56
C PHE D 353 -22.28 45.00 4.16
N ALA D 354 -22.41 45.03 5.49
CA ALA D 354 -22.94 46.22 6.15
C ALA D 354 -21.99 47.41 6.00
N ARG D 355 -20.68 47.15 6.09
CA ARG D 355 -19.72 48.24 5.92
C ARG D 355 -19.80 48.83 4.51
N ILE D 356 -19.96 47.98 3.50
CA ILE D 356 -19.95 48.46 2.12
C ILE D 356 -21.26 49.16 1.78
N PHE D 357 -22.38 48.49 2.00
CA PHE D 357 -23.67 49.05 1.61
C PHE D 357 -24.21 50.01 2.67
N GLY D 358 -24.37 49.53 3.90
CA GLY D 358 -24.89 50.35 4.98
C GLY D 358 -26.33 50.05 5.31
N VAL D 359 -26.54 49.28 6.37
CA VAL D 359 -27.88 48.90 6.80
C VAL D 359 -27.96 48.86 8.32
N VAL E 20 -15.77 29.54 -31.54
CA VAL E 20 -16.51 28.65 -30.67
C VAL E 20 -15.90 28.62 -29.28
N VAL E 21 -14.85 29.43 -29.09
CA VAL E 21 -14.13 29.55 -27.83
C VAL E 21 -13.83 31.02 -27.57
N PHE E 22 -13.17 31.28 -26.45
CA PHE E 22 -12.81 32.65 -26.09
C PHE E 22 -11.65 33.12 -26.96
N PRO E 23 -11.80 34.22 -27.69
CA PRO E 23 -10.68 34.74 -28.49
C PRO E 23 -9.54 35.21 -27.60
N PHE E 24 -8.32 35.11 -28.14
CA PHE E 24 -7.13 35.41 -27.35
C PHE E 24 -7.10 36.88 -26.94
N THR E 25 -7.41 37.79 -27.85
CA THR E 25 -7.28 39.22 -27.55
C THR E 25 -8.52 39.75 -26.86
N ALA E 26 -8.97 39.04 -25.82
CA ALA E 26 -10.00 39.55 -24.92
C ALA E 26 -9.59 39.46 -23.46
N ILE E 27 -8.43 38.88 -23.15
CA ILE E 27 -7.98 38.75 -21.78
C ILE E 27 -7.58 40.12 -21.23
N VAL E 28 -8.00 40.39 -20.00
CA VAL E 28 -7.71 41.65 -19.33
C VAL E 28 -6.58 41.40 -18.33
N GLY E 29 -5.52 42.20 -18.44
CA GLY E 29 -4.37 42.01 -17.57
C GLY E 29 -3.62 40.74 -17.92
N GLN E 30 -2.89 40.22 -16.94
CA GLN E 30 -2.12 38.98 -17.09
C GLN E 30 -1.19 39.06 -18.29
N GLU E 31 -0.46 40.17 -18.39
CA GLU E 31 0.39 40.41 -19.55
C GLU E 31 1.60 39.51 -19.57
N GLU E 32 2.16 39.19 -18.39
CA GLU E 32 3.43 38.46 -18.34
C GLU E 32 3.32 37.08 -18.97
N MET E 33 2.19 36.40 -18.76
CA MET E 33 2.03 35.06 -19.33
C MET E 33 1.99 35.11 -20.85
N LYS E 34 1.29 36.10 -21.41
CA LYS E 34 1.18 36.21 -22.86
C LYS E 34 2.55 36.40 -23.49
N LEU E 35 3.39 37.23 -22.89
CA LEU E 35 4.73 37.46 -23.42
C LEU E 35 5.52 36.17 -23.48
N ALA E 36 5.50 35.39 -22.39
CA ALA E 36 6.22 34.12 -22.37
C ALA E 36 5.68 33.16 -23.42
N LEU E 37 4.35 33.07 -23.53
CA LEU E 37 3.76 32.12 -24.48
C LEU E 37 4.13 32.50 -25.92
N LEU E 38 4.04 33.78 -26.26
CA LEU E 38 4.37 34.20 -27.61
C LEU E 38 5.87 34.04 -27.88
N LEU E 39 6.72 34.36 -26.91
CA LEU E 39 8.15 34.18 -27.08
C LEU E 39 8.48 32.72 -27.34
N ASN E 40 7.84 31.81 -26.59
CA ASN E 40 8.11 30.39 -26.79
C ASN E 40 7.58 29.90 -28.14
N VAL E 41 6.43 30.42 -28.57
CA VAL E 41 5.88 29.98 -29.84
C VAL E 41 6.60 30.59 -31.04
N ILE E 42 7.37 31.65 -30.83
CA ILE E 42 8.16 32.23 -31.92
C ILE E 42 9.24 31.25 -32.37
N ASP E 43 9.94 30.64 -31.40
CA ASP E 43 11.03 29.72 -31.70
C ASP E 43 10.95 28.50 -30.81
N PRO E 44 10.71 27.31 -31.37
CA PRO E 44 10.50 26.12 -30.53
C PRO E 44 11.73 25.69 -29.74
N LYS E 45 12.90 26.25 -30.07
CA LYS E 45 14.12 25.95 -29.28
C LYS E 45 14.05 26.74 -27.96
N ILE E 46 12.97 26.55 -27.19
CA ILE E 46 12.79 27.28 -25.89
C ILE E 46 12.95 26.31 -24.73
N GLY E 47 12.21 25.19 -24.76
CA GLY E 47 12.28 24.21 -23.65
C GLY E 47 10.97 24.12 -22.90
N GLY E 48 9.93 24.82 -23.36
CA GLY E 48 8.60 24.75 -22.71
C GLY E 48 8.38 25.89 -21.73
N VAL E 49 7.15 26.03 -21.21
CA VAL E 49 6.83 27.12 -20.26
C VAL E 49 6.13 26.53 -19.03
N MET E 50 6.45 27.03 -17.83
CA MET E 50 5.84 26.51 -16.61
C MET E 50 4.94 27.58 -16.01
N ILE E 51 3.69 27.20 -15.75
CA ILE E 51 2.68 28.11 -15.19
C ILE E 51 2.19 27.51 -13.88
N MET E 52 2.32 28.28 -12.80
CA MET E 52 1.85 27.87 -11.49
C MET E 52 1.26 29.09 -10.79
N GLY E 53 0.11 28.92 -10.15
CA GLY E 53 -0.52 30.03 -9.47
C GLY E 53 -1.86 29.62 -8.91
N ASP E 54 -2.50 30.59 -8.25
CA ASP E 54 -3.75 30.34 -7.55
C ASP E 54 -4.86 29.96 -8.53
N ARG E 55 -5.97 29.51 -7.98
CA ARG E 55 -7.13 29.17 -8.79
C ARG E 55 -7.71 30.44 -9.41
N GLY E 56 -8.61 30.24 -10.39
CA GLY E 56 -9.10 31.38 -11.12
C GLY E 56 -8.00 31.98 -12.00
N THR E 57 -8.12 33.29 -12.24
CA THR E 57 -7.12 34.06 -12.99
C THR E 57 -6.93 33.55 -14.40
N GLY E 58 -7.78 32.62 -14.85
CA GLY E 58 -7.75 32.17 -16.23
C GLY E 58 -6.47 31.47 -16.65
N LYS E 59 -5.94 30.60 -15.78
CA LYS E 59 -4.70 29.85 -16.08
C LYS E 59 -4.77 29.32 -17.52
N SER E 60 -5.74 28.47 -17.82
CA SER E 60 -5.84 27.86 -19.18
C SER E 60 -6.80 28.65 -20.06
N THR E 61 -7.66 29.47 -19.45
CA THR E 61 -8.57 30.33 -20.25
C THR E 61 -7.77 30.88 -21.43
N THR E 62 -6.45 31.04 -21.24
CA THR E 62 -5.58 31.58 -22.28
C THR E 62 -4.92 30.46 -23.09
N ILE E 63 -4.47 29.40 -22.41
CA ILE E 63 -3.70 28.36 -23.08
C ILE E 63 -4.54 27.67 -24.16
N ARG E 64 -5.78 27.33 -23.85
CA ARG E 64 -6.66 26.70 -24.83
C ARG E 64 -7.13 27.67 -25.89
N ALA E 65 -6.86 28.97 -25.73
CA ALA E 65 -7.21 29.97 -26.74
C ALA E 65 -6.13 30.13 -27.80
N LEU E 66 -5.06 29.35 -27.75
CA LEU E 66 -3.96 29.46 -28.70
C LEU E 66 -4.17 28.63 -29.96
N ALA E 67 -5.31 27.96 -30.10
CA ALA E 67 -5.57 27.20 -31.31
C ALA E 67 -5.62 28.11 -32.54
N ASP E 68 -6.30 29.25 -32.42
CA ASP E 68 -6.45 30.14 -33.56
C ASP E 68 -5.13 30.86 -33.88
N LEU E 69 -4.45 31.39 -32.86
CA LEU E 69 -3.27 32.22 -33.06
C LEU E 69 -2.04 31.33 -33.30
N LEU E 70 -2.06 30.63 -34.44
CA LEU E 70 -0.97 29.75 -34.78
C LEU E 70 -0.54 29.97 -36.22
N PRO E 71 0.74 29.76 -36.53
CA PRO E 71 1.19 29.83 -37.93
C PRO E 71 0.92 28.54 -38.69
N GLU E 72 1.41 28.45 -39.92
CA GLU E 72 1.23 27.27 -40.75
C GLU E 72 2.59 26.74 -41.21
N ILE E 73 2.67 25.42 -41.36
CA ILE E 73 3.92 24.77 -41.76
C ILE E 73 3.62 23.75 -42.86
N PRO E 74 4.57 23.43 -43.72
CA PRO E 74 4.34 22.40 -44.73
C PRO E 74 4.68 21.01 -44.20
N VAL E 75 3.83 20.04 -44.56
CA VAL E 75 3.99 18.66 -44.12
C VAL E 75 3.76 17.75 -45.32
N VAL E 76 4.56 16.68 -45.42
CA VAL E 76 4.40 15.72 -46.51
C VAL E 76 3.02 15.08 -46.42
N ALA E 77 2.35 15.00 -47.57
CA ALA E 77 0.98 14.51 -47.60
C ALA E 77 0.91 13.03 -47.22
N ASN E 78 -0.19 12.66 -46.56
CA ASN E 78 -0.46 11.29 -46.15
C ASN E 78 0.68 10.71 -45.32
N ASP E 79 1.20 11.54 -44.42
CA ASP E 79 2.24 11.12 -43.48
C ASP E 79 1.70 11.14 -42.07
N PRO E 80 1.39 9.97 -41.48
CA PRO E 80 0.88 9.97 -40.10
C PRO E 80 1.88 10.54 -39.10
N PHE E 81 3.17 10.47 -39.40
CA PHE E 81 4.19 10.94 -38.47
C PHE E 81 4.43 12.44 -38.56
N ASN E 82 3.84 13.12 -39.55
CA ASN E 82 3.96 14.56 -39.72
C ASN E 82 5.43 14.97 -39.88
N SER E 83 6.04 14.48 -40.96
CA SER E 83 7.43 14.78 -41.25
C SER E 83 7.53 16.04 -42.12
N ASP E 84 8.77 16.40 -42.48
CA ASP E 84 8.98 17.65 -43.25
C ASP E 84 9.83 17.35 -44.49
N PRO E 85 9.76 18.19 -45.55
CA PRO E 85 10.61 17.99 -46.73
C PRO E 85 12.08 17.94 -46.31
N SER E 86 12.85 17.00 -46.88
CA SER E 86 14.29 16.86 -46.53
C SER E 86 14.44 16.77 -45.01
N ASP E 87 15.39 17.52 -44.45
CA ASP E 87 15.63 17.48 -42.98
C ASP E 87 15.85 16.03 -42.54
N PRO E 88 16.83 15.29 -43.10
CA PRO E 88 17.02 13.88 -42.78
C PRO E 88 17.26 13.68 -41.28
N ASP E 89 18.11 14.52 -40.68
CA ASP E 89 18.34 14.44 -39.21
C ASP E 89 17.00 14.17 -38.52
N LEU E 90 15.95 14.86 -38.95
CA LEU E 90 14.63 14.67 -38.37
C LEU E 90 13.60 14.26 -39.42
N MET E 91 13.99 13.33 -40.31
CA MET E 91 13.12 12.84 -41.36
C MET E 91 12.73 11.40 -41.07
N SER E 92 11.45 11.10 -41.23
CA SER E 92 10.91 9.80 -40.83
C SER E 92 11.41 8.69 -41.76
N ASP E 93 10.99 7.46 -41.44
CA ASP E 93 11.45 6.29 -42.19
C ASP E 93 10.96 6.32 -43.63
N GLU E 94 9.68 6.67 -43.83
CA GLU E 94 9.10 6.60 -45.16
C GLU E 94 9.72 7.59 -46.14
N VAL E 95 10.50 8.56 -45.65
CA VAL E 95 11.22 9.46 -46.53
C VAL E 95 12.72 9.22 -46.50
N ARG E 96 13.23 8.50 -45.49
CA ARG E 96 14.67 8.30 -45.38
C ARG E 96 15.15 7.14 -46.25
N GLN E 97 14.66 5.93 -45.98
CA GLN E 97 15.11 4.78 -46.75
C GLN E 97 14.33 4.61 -48.05
N LYS E 98 13.07 5.04 -48.08
CA LYS E 98 12.28 4.95 -49.30
C LYS E 98 12.68 6.02 -50.30
N SER E 99 13.11 7.17 -49.81
CA SER E 99 13.51 8.27 -50.69
C SER E 99 14.94 8.71 -50.37
N ILE E 105 2.89 12.73 -51.99
CA ILE E 105 4.30 13.13 -51.92
C ILE E 105 4.47 14.65 -51.78
N PRO E 106 3.82 15.46 -52.63
CA PRO E 106 3.95 16.91 -52.47
C PRO E 106 3.34 17.38 -51.16
N ILE E 107 3.91 18.45 -50.61
CA ILE E 107 3.44 19.03 -49.36
C ILE E 107 2.21 19.89 -49.62
N GLU E 108 1.50 20.25 -48.54
CA GLU E 108 0.30 21.05 -48.66
C GLU E 108 0.16 21.90 -47.41
N PHE E 109 -0.65 22.94 -47.51
CA PHE E 109 -0.87 23.83 -46.38
C PHE E 109 -1.62 23.11 -45.27
N LYS E 110 -1.06 23.14 -44.06
CA LYS E 110 -1.67 22.49 -42.91
C LYS E 110 -1.45 23.33 -41.68
N LYS E 111 -2.32 23.13 -40.69
CA LYS E 111 -2.31 23.90 -39.45
C LYS E 111 -1.48 23.18 -38.39
N VAL E 112 -0.87 23.96 -37.50
CA VAL E 112 -0.16 23.40 -36.37
C VAL E 112 -1.18 22.87 -35.38
N GLN E 113 -1.03 21.62 -34.98
CA GLN E 113 -2.01 20.92 -34.17
C GLN E 113 -1.65 20.96 -32.69
N MET E 114 -2.63 21.31 -31.86
CA MET E 114 -2.50 21.26 -30.42
C MET E 114 -3.30 20.07 -29.89
N VAL E 115 -2.64 19.23 -29.09
CA VAL E 115 -3.26 18.04 -28.53
C VAL E 115 -2.98 18.01 -27.03
N ASP E 116 -3.96 17.56 -26.26
CA ASP E 116 -3.87 17.52 -24.81
C ASP E 116 -4.21 16.11 -24.32
N LEU E 117 -3.61 15.72 -23.20
CA LEU E 117 -3.93 14.43 -22.62
C LEU E 117 -4.68 14.60 -21.31
N PRO E 118 -5.69 13.77 -21.06
CA PRO E 118 -6.45 13.88 -19.82
C PRO E 118 -5.67 13.37 -18.62
N LEU E 119 -6.11 13.79 -17.44
CA LEU E 119 -5.47 13.34 -16.20
C LEU E 119 -5.65 11.84 -16.01
N GLY E 120 -6.83 11.31 -16.34
CA GLY E 120 -7.07 9.89 -16.25
C GLY E 120 -7.07 9.22 -17.61
N ALA E 121 -5.99 8.50 -17.91
CA ALA E 121 -5.84 7.84 -19.20
C ALA E 121 -4.98 6.60 -19.04
N THR E 122 -5.10 5.70 -20.00
CA THR E 122 -4.30 4.48 -20.02
C THR E 122 -2.94 4.76 -20.64
N GLU E 123 -2.03 3.79 -20.49
CA GLU E 123 -0.70 3.89 -21.06
C GLU E 123 -0.63 3.38 -22.50
N ASP E 124 -1.70 2.80 -23.02
CA ASP E 124 -1.69 2.30 -24.39
C ASP E 124 -1.67 3.44 -25.40
N ARG E 125 -2.42 4.51 -25.14
CA ARG E 125 -2.52 5.60 -26.10
C ARG E 125 -1.27 6.47 -26.11
N VAL E 126 -0.64 6.66 -24.95
CA VAL E 126 0.54 7.53 -24.89
C VAL E 126 1.68 6.96 -25.72
N CYS E 127 1.95 5.66 -25.56
CA CYS E 127 3.01 4.99 -26.28
C CYS E 127 2.41 4.16 -27.43
N GLY E 128 3.26 3.37 -28.09
CA GLY E 128 2.79 2.49 -29.13
C GLY E 128 2.06 1.28 -28.58
N THR E 129 1.37 0.59 -29.48
CA THR E 129 0.59 -0.60 -29.10
C THR E 129 0.65 -1.57 -30.27
N ILE E 130 1.58 -2.53 -30.21
CA ILE E 130 1.72 -3.52 -31.26
C ILE E 130 1.93 -4.91 -30.65
N PHE E 143 2.48 -0.42 -37.58
CA PHE E 143 2.53 0.09 -36.21
C PHE E 143 1.42 1.12 -35.97
N GLU E 144 0.77 1.01 -34.82
CA GLU E 144 -0.27 1.97 -34.46
C GLU E 144 0.36 3.32 -34.12
N PRO E 145 -0.39 4.41 -34.31
CA PRO E 145 0.11 5.72 -33.90
C PRO E 145 -0.22 6.05 -32.46
N GLY E 146 0.79 6.41 -31.67
CA GLY E 146 0.57 6.79 -30.29
C GLY E 146 0.15 8.24 -30.16
N LEU E 147 -0.04 8.65 -28.91
CA LEU E 147 -0.39 10.04 -28.63
C LEU E 147 0.74 10.97 -29.06
N LEU E 148 1.98 10.62 -28.76
CA LEU E 148 3.12 11.42 -29.18
C LEU E 148 3.33 11.37 -30.68
N ALA E 149 2.87 10.31 -31.35
CA ALA E 149 3.04 10.20 -32.79
C ALA E 149 2.34 11.34 -33.51
N LYS E 150 1.11 11.65 -33.10
CA LYS E 150 0.38 12.80 -33.65
C LYS E 150 0.59 14.04 -32.77
N ALA E 151 1.85 14.32 -32.46
CA ALA E 151 2.20 15.49 -31.67
C ALA E 151 3.47 16.18 -32.12
N ASN E 152 4.09 15.75 -33.21
CA ASN E 152 5.34 16.36 -33.66
C ASN E 152 5.07 17.74 -34.25
N ARG E 153 6.01 18.65 -34.02
CA ARG E 153 5.93 20.04 -34.47
C ARG E 153 4.68 20.75 -33.92
N GLY E 154 4.15 20.26 -32.80
CA GLY E 154 2.97 20.86 -32.21
C GLY E 154 3.21 21.33 -30.79
N ILE E 155 2.13 21.51 -30.04
CA ILE E 155 2.19 21.99 -28.66
C ILE E 155 1.44 20.97 -27.80
N LEU E 156 2.09 20.50 -26.73
CA LEU E 156 1.46 19.56 -25.82
C LEU E 156 0.99 20.29 -24.58
N TYR E 157 -0.29 20.14 -24.26
CA TYR E 157 -0.90 20.80 -23.11
C TYR E 157 -1.28 19.76 -22.07
N VAL E 158 -0.81 19.96 -20.85
CA VAL E 158 -1.15 19.10 -19.72
C VAL E 158 -1.87 19.96 -18.69
N ASP E 159 -2.93 19.40 -18.11
CA ASP E 159 -3.78 20.11 -17.15
C ASP E 159 -3.66 19.45 -15.79
N GLU E 160 -3.41 20.27 -14.77
CA GLU E 160 -3.13 19.79 -13.41
C GLU E 160 -1.97 18.80 -13.44
N VAL E 161 -0.80 19.30 -13.84
CA VAL E 161 0.38 18.46 -13.97
C VAL E 161 0.86 17.94 -12.62
N ASN E 162 0.41 18.53 -11.51
CA ASN E 162 0.81 18.07 -10.19
C ASN E 162 -0.03 16.89 -9.70
N LEU E 163 -1.07 16.50 -10.43
CA LEU E 163 -1.94 15.41 -10.04
C LEU E 163 -1.79 14.17 -10.91
N LEU E 164 -0.95 14.21 -11.94
CA LEU E 164 -0.78 13.05 -12.80
C LEU E 164 0.00 11.96 -12.08
N ASP E 165 -0.38 10.72 -12.33
CA ASP E 165 0.28 9.58 -11.70
C ASP E 165 1.72 9.47 -12.17
N ASP E 166 2.59 9.00 -11.28
CA ASP E 166 4.02 8.90 -11.58
C ASP E 166 4.30 7.86 -12.66
N HIS E 167 3.37 6.94 -12.92
CA HIS E 167 3.59 5.94 -13.96
C HIS E 167 3.62 6.57 -15.34
N LEU E 168 2.66 7.46 -15.64
CA LEU E 168 2.62 8.11 -16.94
C LEU E 168 3.66 9.23 -17.06
N VAL E 169 3.91 9.95 -15.96
CA VAL E 169 4.81 11.10 -16.02
C VAL E 169 6.26 10.69 -16.26
N ASP E 170 6.61 9.42 -16.01
CA ASP E 170 7.97 8.96 -16.24
C ASP E 170 8.22 8.56 -17.69
N VAL E 171 7.20 8.58 -18.53
CA VAL E 171 7.37 8.32 -19.96
C VAL E 171 7.70 9.60 -20.71
N LEU E 172 7.11 10.72 -20.31
CA LEU E 172 7.39 11.99 -20.98
C LEU E 172 8.84 12.41 -20.81
N LEU E 173 9.44 12.13 -19.65
CA LEU E 173 10.85 12.43 -19.44
C LEU E 173 11.76 11.62 -20.36
N ASP E 174 11.26 10.56 -20.97
CA ASP E 174 12.05 9.75 -21.91
C ASP E 174 12.00 10.38 -23.31
N SER E 175 10.79 10.60 -23.83
CA SER E 175 10.65 11.18 -25.16
C SER E 175 11.24 12.59 -25.20
N ALA E 176 10.97 13.40 -24.18
CA ALA E 176 11.59 14.71 -24.10
C ALA E 176 13.08 14.58 -23.79
N ALA E 177 13.82 15.62 -24.16
CA ALA E 177 15.27 15.69 -24.01
C ALA E 177 16.02 14.60 -24.78
N SER E 178 15.32 13.85 -25.62
CA SER E 178 15.95 12.83 -26.45
C SER E 178 15.53 13.00 -27.90
N GLY E 179 14.34 13.55 -28.13
CA GLY E 179 13.84 13.76 -29.47
C GLY E 179 13.65 12.49 -30.27
N TRP E 180 13.28 11.39 -29.60
CA TRP E 180 13.11 10.12 -30.29
C TRP E 180 12.19 9.23 -29.46
N ASN E 181 11.22 8.61 -30.13
CA ASN E 181 10.36 7.64 -29.46
C ASN E 181 11.16 6.38 -29.14
N THR E 182 10.69 5.64 -28.14
CA THR E 182 11.42 4.48 -27.63
C THR E 182 10.72 3.15 -27.89
N VAL E 183 9.39 3.13 -27.91
CA VAL E 183 8.63 1.88 -27.97
C VAL E 183 9.02 1.05 -29.18
N GLU E 184 9.64 -0.10 -28.93
CA GLU E 184 10.01 -1.05 -29.97
C GLU E 184 9.80 -2.49 -29.49
N ARG E 185 8.96 -2.68 -28.48
CA ARG E 185 8.80 -3.97 -27.82
C ARG E 185 7.81 -4.87 -28.55
N GLU E 186 7.40 -5.95 -27.89
CA GLU E 186 6.46 -6.95 -28.39
C GLU E 186 7.03 -7.77 -29.55
N GLY E 187 8.35 -7.78 -29.71
CA GLY E 187 8.99 -8.57 -30.74
C GLY E 187 9.23 -7.87 -32.05
N ILE E 188 8.56 -6.75 -32.31
CA ILE E 188 8.73 -5.97 -33.53
C ILE E 188 9.14 -4.56 -33.13
N SER E 189 10.22 -4.07 -33.73
CA SER E 189 10.79 -2.78 -33.36
C SER E 189 10.20 -1.68 -34.24
N ILE E 190 10.21 -0.45 -33.72
CA ILE E 190 9.71 0.71 -34.44
C ILE E 190 10.32 1.96 -33.83
N ARG E 191 10.81 2.86 -34.69
CA ARG E 191 11.41 4.12 -34.29
C ARG E 191 10.56 5.28 -34.80
N HIS E 192 10.59 6.39 -34.07
CA HIS E 192 9.74 7.53 -34.37
C HIS E 192 10.32 8.81 -33.78
N PRO E 193 10.54 9.85 -34.59
CA PRO E 193 10.89 11.15 -34.02
C PRO E 193 9.75 11.72 -33.19
N ALA E 194 10.12 12.47 -32.16
CA ALA E 194 9.14 13.07 -31.26
C ALA E 194 9.71 14.34 -30.67
N ARG E 195 9.04 15.47 -30.91
CA ARG E 195 9.49 16.75 -30.40
C ARG E 195 8.29 17.67 -30.27
N PHE E 196 8.12 18.27 -29.09
CA PHE E 196 7.00 19.17 -28.83
C PHE E 196 7.47 20.30 -27.92
N VAL E 197 6.50 21.04 -27.38
CA VAL E 197 6.82 22.19 -26.54
C VAL E 197 6.52 21.90 -25.07
N LEU E 198 5.42 21.21 -24.80
CA LEU E 198 5.07 20.74 -23.46
C LEU E 198 4.94 21.92 -22.47
N VAL E 199 3.92 22.73 -22.71
CA VAL E 199 3.54 23.77 -21.75
C VAL E 199 2.41 23.24 -20.88
N GLY E 200 2.43 23.60 -19.59
CA GLY E 200 1.45 23.07 -18.65
C GLY E 200 1.19 24.04 -17.51
N SER E 201 0.15 23.71 -16.74
CA SER E 201 -0.27 24.51 -15.60
C SER E 201 -0.37 23.61 -14.38
N GLY E 202 -0.91 24.17 -13.30
CA GLY E 202 -1.08 23.39 -12.08
C GLY E 202 -1.46 24.27 -10.92
N ASN E 203 -1.24 23.74 -9.72
CA ASN E 203 -1.57 24.41 -8.47
C ASN E 203 -0.40 24.33 -7.51
N PRO E 204 0.05 25.46 -6.95
CA PRO E 204 1.25 25.43 -6.09
C PRO E 204 1.01 24.88 -4.70
N GLU E 205 -0.25 24.83 -4.23
CA GLU E 205 -0.54 24.40 -2.87
C GLU E 205 -0.95 22.93 -2.81
N GLU E 206 -0.45 22.10 -3.72
CA GLU E 206 -0.68 20.67 -3.69
C GLU E 206 0.58 19.83 -3.89
N GLY E 207 1.59 20.41 -4.55
CA GLY E 207 2.83 19.69 -4.87
C GLY E 207 3.51 20.30 -6.08
N GLU E 208 4.79 19.96 -6.32
CA GLU E 208 5.54 20.60 -7.43
C GLU E 208 6.23 19.54 -8.30
N LEU E 209 5.45 18.69 -8.98
CA LEU E 209 6.05 17.68 -9.91
C LEU E 209 7.22 16.96 -9.23
N ARG E 210 8.35 16.84 -9.95
CA ARG E 210 9.55 16.15 -9.39
C ARG E 210 10.69 17.17 -9.29
N PRO E 211 11.65 17.02 -8.34
CA PRO E 211 12.80 17.93 -8.27
C PRO E 211 13.58 18.04 -9.57
N GLN E 212 13.63 16.98 -10.37
CA GLN E 212 14.38 17.01 -11.63
C GLN E 212 13.54 17.47 -12.81
N LEU E 213 12.22 17.25 -12.76
CA LEU E 213 11.37 17.61 -13.90
C LEU E 213 11.34 19.12 -14.10
N LEU E 214 11.51 19.90 -13.03
CA LEU E 214 11.50 21.36 -13.12
C LEU E 214 12.56 21.89 -14.08
N ASP E 215 13.68 21.17 -14.25
CA ASP E 215 14.73 21.62 -15.16
C ASP E 215 14.39 21.37 -16.61
N ARG E 216 13.44 20.48 -16.91
CA ARG E 216 13.01 20.27 -18.33
C ARG E 216 12.37 21.56 -18.87
N PHE E 217 11.55 22.25 -18.08
CA PHE E 217 10.85 23.44 -18.55
C PHE E 217 11.82 24.61 -18.59
N GLY E 218 12.02 25.18 -19.78
CA GLY E 218 12.95 26.29 -19.92
C GLY E 218 12.49 27.54 -19.20
N MET E 219 11.21 27.88 -19.31
CA MET E 219 10.67 29.11 -18.76
C MET E 219 9.60 28.81 -17.71
N HIS E 220 9.49 29.70 -16.73
CA HIS E 220 8.57 29.50 -15.62
C HIS E 220 7.99 30.85 -15.22
N ALA E 221 6.67 30.98 -15.29
CA ALA E 221 5.98 32.22 -14.95
C ALA E 221 4.79 31.92 -14.04
N GLU E 222 4.51 32.86 -13.14
CA GLU E 222 3.43 32.70 -12.16
C GLU E 222 2.50 33.89 -12.24
N ILE E 223 1.24 33.66 -11.88
CA ILE E 223 0.18 34.67 -11.98
C ILE E 223 -0.39 34.91 -10.59
N HIS E 224 -0.65 36.18 -10.28
CA HIS E 224 -1.35 36.58 -9.07
C HIS E 224 -2.78 36.99 -9.42
N THR E 225 -3.49 37.48 -8.40
CA THR E 225 -4.86 37.93 -8.62
C THR E 225 -4.93 39.45 -8.63
N VAL E 226 -5.48 40.01 -9.70
CA VAL E 226 -5.66 41.44 -9.84
C VAL E 226 -6.75 41.87 -8.86
N LYS E 227 -6.45 42.85 -8.03
CA LYS E 227 -7.38 43.29 -6.99
C LYS E 227 -7.96 44.68 -7.25
N GLU E 228 -7.80 45.21 -8.45
CA GLU E 228 -8.41 46.49 -8.79
C GLU E 228 -9.88 46.26 -9.12
N PRO E 229 -10.81 46.95 -8.43
CA PRO E 229 -12.24 46.67 -8.65
C PRO E 229 -12.71 46.88 -10.07
N ALA E 230 -12.20 47.92 -10.76
CA ALA E 230 -12.64 48.23 -12.11
C ALA E 230 -12.32 47.11 -13.07
N LEU E 231 -11.13 46.52 -12.95
CA LEU E 231 -10.75 45.41 -13.82
C LEU E 231 -11.62 44.18 -13.56
N ARG E 232 -11.96 43.92 -12.30
CA ARG E 232 -12.84 42.80 -11.99
C ARG E 232 -14.23 43.01 -12.58
N VAL E 233 -14.77 44.23 -12.45
CA VAL E 233 -16.06 44.53 -13.08
C VAL E 233 -15.95 44.34 -14.60
N GLN E 234 -14.85 44.78 -15.18
CA GLN E 234 -14.66 44.65 -16.63
C GLN E 234 -14.66 43.19 -17.06
N ILE E 235 -13.92 42.34 -16.34
CA ILE E 235 -13.82 40.94 -16.75
C ILE E 235 -15.16 40.23 -16.53
N VAL E 236 -15.87 40.57 -15.45
CA VAL E 236 -17.18 39.96 -15.22
C VAL E 236 -18.14 40.34 -16.35
N GLU E 237 -18.16 41.63 -16.72
CA GLU E 237 -19.03 42.08 -17.79
C GLU E 237 -18.65 41.42 -19.12
N GLN E 238 -17.35 41.26 -19.37
CA GLN E 238 -16.91 40.63 -20.61
C GLN E 238 -17.38 39.17 -20.68
N ARG E 239 -17.20 38.43 -19.59
CA ARG E 239 -17.63 37.04 -19.58
C ARG E 239 -19.14 36.93 -19.74
N SER E 240 -19.89 37.80 -19.06
CA SER E 240 -21.35 37.78 -19.20
C SER E 240 -21.77 38.11 -20.63
N GLU E 241 -21.12 39.10 -21.24
CA GLU E 241 -21.47 39.49 -22.60
C GLU E 241 -21.19 38.36 -23.59
N PHE E 242 -20.04 37.70 -23.46
CA PHE E 242 -19.75 36.56 -24.33
C PHE E 242 -20.72 35.42 -24.07
N ASP E 243 -21.19 35.29 -22.82
CA ASP E 243 -22.14 34.24 -22.47
C ASP E 243 -23.50 34.43 -23.11
N GLN E 244 -23.79 35.62 -23.66
CA GLN E 244 -25.10 35.88 -24.23
C GLN E 244 -25.26 35.17 -25.58
N ASN E 245 -24.41 35.52 -26.54
CA ASN E 245 -24.48 34.92 -27.88
C ASN E 245 -23.08 34.90 -28.50
N PRO E 246 -22.50 33.72 -28.70
CA PRO E 246 -21.11 33.63 -29.16
C PRO E 246 -20.87 34.32 -30.49
N PRO E 247 -21.58 33.95 -31.57
CA PRO E 247 -21.13 34.38 -32.91
C PRO E 247 -21.10 35.89 -33.09
N THR E 248 -22.03 36.62 -32.48
CA THR E 248 -22.05 38.07 -32.66
C THR E 248 -20.88 38.74 -31.97
N PHE E 249 -20.56 38.32 -30.75
CA PHE E 249 -19.51 38.98 -29.99
C PHE E 249 -18.13 38.74 -30.60
N LEU E 250 -17.81 37.49 -30.91
CA LEU E 250 -16.46 37.16 -31.38
C LEU E 250 -16.13 37.90 -32.66
N GLU E 251 -17.07 37.96 -33.60
CA GLU E 251 -16.84 38.70 -34.84
C GLU E 251 -16.49 40.15 -34.57
N LYS E 252 -17.04 40.73 -33.50
CA LYS E 252 -16.72 42.12 -33.16
C LYS E 252 -15.22 42.30 -32.94
N TYR E 253 -14.55 41.29 -32.39
CA TYR E 253 -13.12 41.35 -32.13
C TYR E 253 -12.29 40.88 -33.31
N ASN E 254 -12.92 40.59 -34.45
CA ASN E 254 -12.19 40.11 -35.62
C ASN E 254 -11.11 41.07 -36.12
N PRO E 255 -11.36 42.39 -36.26
CA PRO E 255 -10.32 43.25 -36.85
C PRO E 255 -9.01 43.27 -36.08
N GLU E 256 -9.03 43.12 -34.76
CA GLU E 256 -7.79 43.20 -33.98
C GLU E 256 -7.00 41.90 -34.05
N GLN E 257 -7.66 40.78 -33.78
CA GLN E 257 -6.94 39.51 -33.66
C GLN E 257 -6.24 39.14 -34.96
N THR E 258 -6.90 39.37 -36.10
CA THR E 258 -6.28 39.08 -37.38
C THR E 258 -4.95 39.82 -37.54
N ALA E 259 -4.86 41.04 -37.01
CA ALA E 259 -3.60 41.78 -37.07
C ALA E 259 -2.48 41.00 -36.41
N LEU E 260 -2.75 40.39 -35.25
CA LEU E 260 -1.75 39.54 -34.61
C LEU E 260 -1.37 38.37 -35.52
N GLN E 261 -2.35 37.81 -36.23
CA GLN E 261 -2.06 36.73 -37.17
C GLN E 261 -1.13 37.19 -38.28
N LYS E 262 -1.07 38.49 -38.55
CA LYS E 262 -0.15 39.05 -39.54
C LYS E 262 0.98 39.83 -38.88
N LYS E 263 1.17 39.63 -37.58
CA LYS E 263 2.29 40.22 -36.87
C LYS E 263 3.26 39.23 -36.26
N ILE E 264 2.86 37.97 -36.09
CA ILE E 264 3.78 36.96 -35.56
C ILE E 264 4.59 36.30 -36.67
N VAL E 265 4.13 36.36 -37.91
CA VAL E 265 4.89 35.79 -39.01
C VAL E 265 6.11 36.64 -39.35
N GLU E 266 6.11 37.90 -38.93
CA GLU E 266 7.26 38.77 -39.19
C GLU E 266 8.47 38.36 -38.36
N ALA E 267 8.23 37.91 -37.12
CA ALA E 267 9.34 37.52 -36.25
C ALA E 267 10.09 36.32 -36.81
N GLN E 268 9.36 35.35 -37.38
CA GLN E 268 9.99 34.14 -37.90
C GLN E 268 10.83 34.40 -39.14
N LYS E 269 10.71 35.58 -39.76
CA LYS E 269 11.51 35.93 -40.93
C LYS E 269 12.74 36.76 -40.57
N LEU E 270 12.61 37.71 -39.66
CA LEU E 270 13.71 38.57 -39.25
C LEU E 270 14.57 37.97 -38.15
N LEU E 271 14.19 36.79 -37.62
CA LEU E 271 14.94 36.22 -36.51
C LEU E 271 16.40 35.93 -36.85
N PRO E 272 16.75 35.23 -37.98
CA PRO E 272 18.16 34.92 -38.26
C PRO E 272 18.97 36.09 -38.80
N GLU E 273 18.79 37.26 -38.18
CA GLU E 273 19.58 38.43 -38.53
C GLU E 273 20.05 39.22 -37.32
N VAL E 274 19.66 38.85 -36.11
CA VAL E 274 20.07 39.55 -34.91
C VAL E 274 21.48 39.12 -34.53
N LYS E 275 22.26 40.07 -34.02
CA LYS E 275 23.63 39.80 -33.61
C LYS E 275 23.84 40.26 -32.18
N LEU E 276 24.74 39.57 -31.47
CA LEU E 276 25.05 39.85 -30.08
C LEU E 276 26.48 40.34 -29.98
N ASP E 277 26.69 41.41 -29.21
CA ASP E 277 28.02 41.96 -29.02
C ASP E 277 28.72 41.25 -27.86
N TYR E 278 30.05 41.23 -27.92
CA TYR E 278 30.83 40.51 -26.91
C TYR E 278 30.60 41.08 -25.52
N ASP E 279 30.41 42.41 -25.43
CA ASP E 279 30.13 43.02 -24.13
C ASP E 279 28.82 42.52 -23.55
N LEU E 280 27.85 42.19 -24.40
CA LEU E 280 26.58 41.66 -23.91
C LEU E 280 26.72 40.21 -23.43
N ARG E 281 27.44 39.38 -24.19
CA ARG E 281 27.61 37.98 -23.79
C ARG E 281 28.46 37.86 -22.52
N VAL E 282 29.50 38.68 -22.40
CA VAL E 282 30.38 38.58 -21.24
C VAL E 282 29.65 38.95 -19.95
N LYS E 283 28.54 39.68 -20.05
CA LYS E 283 27.73 40.00 -18.88
C LYS E 283 26.55 39.05 -18.70
N ILE E 284 25.96 38.55 -19.79
CA ILE E 284 24.92 37.54 -19.67
C ILE E 284 25.49 36.25 -19.10
N SER E 285 26.79 36.01 -19.30
CA SER E 285 27.46 34.87 -18.69
C SER E 285 28.08 35.20 -17.35
N GLU E 286 28.09 36.47 -16.95
CA GLU E 286 28.62 36.87 -15.65
C GLU E 286 27.53 36.93 -14.59
N VAL E 287 26.37 37.46 -14.95
CA VAL E 287 25.25 37.52 -14.00
C VAL E 287 24.83 36.11 -13.59
N CYS E 288 24.71 35.20 -14.56
CA CYS E 288 24.34 33.83 -14.25
C CYS E 288 25.42 33.14 -13.43
N SER E 289 26.69 33.37 -13.75
CA SER E 289 27.77 32.72 -13.02
C SER E 289 27.90 33.24 -11.60
N GLU E 290 27.51 34.50 -11.36
CA GLU E 290 27.56 35.04 -10.01
C GLU E 290 26.63 34.27 -9.09
N LEU E 291 25.44 33.93 -9.56
CA LEU E 291 24.51 33.11 -8.80
C LEU E 291 24.91 31.65 -8.90
N ASP E 292 24.56 30.88 -7.87
CA ASP E 292 24.87 29.45 -7.81
C ASP E 292 23.87 28.72 -8.71
N VAL E 293 24.17 28.69 -10.00
CA VAL E 293 23.29 28.08 -11.00
C VAL E 293 24.00 26.89 -11.61
N ASP E 294 23.20 25.97 -12.16
CA ASP E 294 23.76 24.82 -12.86
C ASP E 294 24.51 25.27 -14.11
N GLY E 295 25.63 24.61 -14.40
CA GLY E 295 26.50 25.01 -15.48
C GLY E 295 25.91 24.88 -16.87
N LEU E 296 25.95 25.98 -17.62
CA LEU E 296 25.63 26.00 -19.05
C LEU E 296 24.24 25.42 -19.33
N ARG E 297 23.26 25.83 -18.54
CA ARG E 297 21.88 25.50 -18.82
C ARG E 297 21.01 26.75 -18.75
N GLY E 298 21.46 27.75 -17.98
CA GLY E 298 20.72 29.00 -17.88
C GLY E 298 21.20 30.03 -18.87
N ASP E 299 22.52 30.07 -19.10
CA ASP E 299 23.07 31.02 -20.07
C ASP E 299 22.61 30.75 -21.48
N ILE E 300 22.48 29.47 -21.87
CA ILE E 300 22.09 29.13 -23.24
C ILE E 300 20.70 29.62 -23.61
N VAL E 301 19.71 29.46 -22.73
CA VAL E 301 18.34 29.87 -23.01
C VAL E 301 18.21 31.40 -23.03
N THR E 302 18.81 32.07 -22.06
CA THR E 302 18.75 33.54 -22.01
C THR E 302 19.43 34.16 -23.24
N ASN E 303 20.42 33.47 -23.81
CA ASN E 303 21.05 33.94 -25.03
C ASN E 303 20.15 33.73 -26.25
N ARG E 304 19.18 32.83 -26.18
CA ARG E 304 18.30 32.52 -27.29
C ARG E 304 16.90 33.09 -27.12
N ALA E 305 16.59 33.66 -25.96
CA ALA E 305 15.26 34.22 -25.71
C ALA E 305 15.20 35.71 -26.02
N ALA E 306 16.07 36.51 -25.38
CA ALA E 306 16.12 37.93 -25.68
C ALA E 306 16.47 38.17 -27.14
N LYS E 307 17.42 37.39 -27.67
CA LYS E 307 17.83 37.53 -29.07
C LYS E 307 16.64 37.33 -30.02
N ALA E 308 15.63 36.59 -29.60
CA ALA E 308 14.43 36.41 -30.42
C ALA E 308 13.37 37.46 -30.14
N LEU E 309 13.37 38.05 -28.94
CA LEU E 309 12.31 38.99 -28.59
C LEU E 309 12.30 40.20 -29.53
N THR E 310 13.49 40.65 -29.94
CA THR E 310 13.56 41.76 -30.89
C THR E 310 12.80 41.44 -32.17
N ALA E 311 12.86 40.18 -32.61
CA ALA E 311 12.13 39.79 -33.81
C ALA E 311 10.64 40.02 -33.66
N TYR E 312 10.11 39.84 -32.44
CA TYR E 312 8.70 40.16 -32.22
C TYR E 312 8.44 41.65 -32.35
N GLU E 313 9.37 42.48 -31.87
CA GLU E 313 9.18 43.93 -31.97
C GLU E 313 9.41 44.41 -33.40
N GLY E 314 10.33 43.79 -34.12
CA GLY E 314 10.62 44.13 -35.50
C GLY E 314 12.00 44.72 -35.75
N ARG E 315 12.84 44.83 -34.72
CA ARG E 315 14.18 45.39 -34.91
C ARG E 315 15.15 44.31 -35.36
N THR E 316 16.42 44.69 -35.50
CA THR E 316 17.48 43.76 -35.89
C THR E 316 18.64 43.74 -34.90
N GLU E 317 18.56 44.51 -33.83
CA GLU E 317 19.62 44.57 -32.84
C GLU E 317 19.02 44.52 -31.44
N VAL E 318 19.82 44.04 -30.49
CA VAL E 318 19.39 43.84 -29.11
C VAL E 318 20.01 44.94 -28.24
N THR E 319 19.18 45.58 -27.43
CA THR E 319 19.63 46.61 -26.49
C THR E 319 19.56 46.06 -25.08
N VAL E 320 20.03 46.89 -24.13
CA VAL E 320 20.06 46.48 -22.73
C VAL E 320 18.65 46.27 -22.18
N ASP E 321 17.67 47.02 -22.68
CA ASP E 321 16.31 46.90 -22.19
C ASP E 321 15.76 45.50 -22.43
N ASP E 322 16.04 44.92 -23.60
CA ASP E 322 15.52 43.60 -23.93
C ASP E 322 16.00 42.55 -22.94
N ILE E 323 17.19 42.73 -22.37
CA ILE E 323 17.67 41.81 -21.34
C ILE E 323 16.75 41.85 -20.12
N ARG E 324 16.32 43.06 -19.73
CA ARG E 324 15.55 43.21 -18.49
C ARG E 324 14.20 42.52 -18.56
N ARG E 325 13.67 42.29 -19.77
CA ARG E 325 12.35 41.73 -19.91
C ARG E 325 12.35 40.21 -20.07
N VAL E 326 13.51 39.57 -20.03
CA VAL E 326 13.56 38.11 -20.16
C VAL E 326 14.46 37.51 -19.09
N ILE E 327 15.26 38.35 -18.42
CA ILE E 327 16.20 37.83 -17.42
C ILE E 327 15.45 37.29 -16.21
N THR E 328 14.37 37.96 -15.80
CA THR E 328 13.60 37.53 -14.64
C THR E 328 12.86 36.23 -14.93
N LEU E 329 12.32 36.09 -16.14
CA LEU E 329 11.47 34.95 -16.47
C LEU E 329 12.26 33.67 -16.66
N CYS E 330 13.52 33.75 -17.09
CA CYS E 330 14.31 32.57 -17.44
C CYS E 330 15.03 31.96 -16.24
N LEU E 331 15.72 32.77 -15.45
CA LEU E 331 16.53 32.26 -14.33
C LEU E 331 15.74 32.35 -13.03
N ARG E 332 14.70 31.53 -12.94
CA ARG E 332 13.91 31.46 -11.70
C ARG E 332 13.92 30.07 -11.07
N HIS E 333 13.62 29.03 -11.84
CA HIS E 333 13.60 27.67 -11.30
C HIS E 333 14.98 27.02 -11.29
N ARG E 334 15.95 27.59 -11.99
CA ARG E 334 17.34 27.15 -11.88
C ARG E 334 17.99 27.61 -10.58
N LEU E 335 17.46 28.66 -9.95
CA LEU E 335 18.05 29.26 -8.77
C LEU E 335 17.81 28.33 -7.59
N ARG E 336 18.81 27.48 -7.33
CA ARG E 336 18.74 26.53 -6.20
C ARG E 336 19.50 27.14 -5.01
N LYS E 337 18.83 27.30 -3.88
CA LYS E 337 19.42 27.89 -2.68
C LYS E 337 18.81 27.20 -1.46
N ASP E 338 18.99 27.83 -0.30
CA ASP E 338 18.47 27.31 0.95
C ASP E 338 16.93 27.35 0.94
N PRO E 339 16.29 26.49 1.74
CA PRO E 339 14.82 26.50 1.79
C PRO E 339 14.23 27.84 2.20
N LEU E 340 14.96 28.66 2.95
CA LEU E 340 14.47 29.97 3.32
C LEU E 340 14.36 30.86 2.09
N GLU E 341 13.21 31.50 1.92
CA GLU E 341 12.93 32.37 0.77
C GLU E 341 12.29 33.67 1.26
N SER E 342 12.88 34.29 2.28
CA SER E 342 12.38 35.57 2.76
C SER E 342 12.46 36.63 1.65
N ILE E 343 13.54 36.60 0.87
CA ILE E 343 13.67 37.49 -0.28
C ILE E 343 12.88 36.90 -1.45
N ASP E 344 12.67 37.69 -2.49
CA ASP E 344 11.98 37.25 -3.69
C ASP E 344 13.02 36.91 -4.76
N SER E 345 12.82 35.79 -5.44
CA SER E 345 13.77 35.37 -6.48
C SER E 345 13.85 36.41 -7.60
N GLY E 346 12.71 36.93 -8.02
CA GLY E 346 12.72 38.00 -9.00
C GLY E 346 13.40 39.25 -8.48
N TYR E 347 13.18 39.58 -7.20
CA TYR E 347 13.86 40.71 -6.58
C TYR E 347 15.36 40.50 -6.60
N LYS E 348 15.81 39.29 -6.24
CA LYS E 348 17.24 39.00 -6.24
C LYS E 348 17.84 39.11 -7.64
N VAL E 349 17.15 38.56 -8.64
CA VAL E 349 17.64 38.63 -10.01
C VAL E 349 17.72 40.07 -10.47
N GLU E 350 16.68 40.86 -10.20
CA GLU E 350 16.66 42.25 -10.64
C GLU E 350 17.78 43.05 -9.96
N LYS E 351 17.99 42.83 -8.66
CA LYS E 351 19.01 43.61 -7.96
C LYS E 351 20.41 43.22 -8.40
N VAL E 352 20.65 41.92 -8.65
CA VAL E 352 21.97 41.51 -9.13
C VAL E 352 22.19 42.03 -10.55
N PHE E 353 21.14 42.07 -11.36
CA PHE E 353 21.24 42.64 -12.70
C PHE E 353 21.61 44.12 -12.61
N ALA E 354 20.93 44.86 -11.75
CA ALA E 354 21.22 46.29 -11.59
C ALA E 354 22.65 46.51 -11.10
N ARG E 355 23.09 45.70 -10.13
CA ARG E 355 24.45 45.84 -9.62
C ARG E 355 25.49 45.56 -10.69
N ILE E 356 25.29 44.49 -11.47
CA ILE E 356 26.27 44.12 -12.48
C ILE E 356 26.33 45.16 -13.60
N PHE E 357 25.16 45.55 -14.12
CA PHE E 357 25.13 46.46 -15.25
C PHE E 357 25.24 47.92 -14.84
N GLY E 358 25.10 48.23 -13.56
CA GLY E 358 25.15 49.61 -13.12
C GLY E 358 23.89 50.41 -13.34
N VAL E 359 22.82 49.78 -13.81
CA VAL E 359 21.57 50.48 -14.04
C VAL E 359 20.83 50.68 -12.73
N VAL F 20 25.37 13.78 -34.93
CA VAL F 20 26.77 14.17 -34.79
C VAL F 20 27.00 14.74 -33.38
N VAL F 21 28.17 14.44 -32.82
CA VAL F 21 28.52 14.84 -31.46
C VAL F 21 29.90 15.49 -31.52
N PHE F 22 30.21 16.27 -30.49
CA PHE F 22 31.51 16.91 -30.39
C PHE F 22 32.63 15.87 -30.49
N PRO F 23 33.74 16.18 -31.14
CA PRO F 23 34.95 15.38 -30.97
C PRO F 23 35.48 15.53 -29.56
N PHE F 24 36.34 14.59 -29.16
CA PHE F 24 36.84 14.58 -27.79
C PHE F 24 37.59 15.87 -27.45
N THR F 25 38.10 16.57 -28.45
CA THR F 25 38.80 17.84 -28.24
C THR F 25 37.87 19.03 -28.40
N ALA F 26 36.78 19.05 -27.64
CA ALA F 26 35.87 20.18 -27.63
C ALA F 26 35.65 20.67 -26.20
N ILE F 27 35.64 19.74 -25.25
CA ILE F 27 35.45 20.09 -23.85
C ILE F 27 36.65 20.89 -23.36
N VAL F 28 36.38 21.95 -22.59
CA VAL F 28 37.41 22.87 -22.14
C VAL F 28 37.39 22.97 -20.62
N GLY F 29 38.55 23.26 -20.05
CA GLY F 29 38.67 23.50 -18.61
C GLY F 29 38.56 22.24 -17.78
N GLN F 30 37.37 21.63 -17.76
CA GLN F 30 37.12 20.42 -17.01
C GLN F 30 37.88 19.26 -17.67
N GLU F 31 38.74 18.59 -16.91
CA GLU F 31 39.59 17.54 -17.46
C GLU F 31 39.79 16.35 -16.54
N GLU F 32 39.09 16.27 -15.41
CA GLU F 32 39.29 15.14 -14.49
C GLU F 32 38.89 13.82 -15.12
N MET F 33 37.73 13.80 -15.80
CA MET F 33 37.22 12.53 -16.37
C MET F 33 38.15 12.03 -17.48
N LYS F 34 38.78 12.94 -18.22
CA LYS F 34 39.60 12.52 -19.36
C LYS F 34 40.70 11.57 -18.92
N LEU F 35 41.44 11.94 -17.86
CA LEU F 35 42.52 11.11 -17.37
C LEU F 35 42.02 9.74 -16.94
N ALA F 36 40.92 9.71 -16.17
CA ALA F 36 40.41 8.45 -15.67
C ALA F 36 39.92 7.56 -16.81
N LEU F 37 39.17 8.11 -17.75
CA LEU F 37 38.64 7.31 -18.84
C LEU F 37 39.75 6.80 -19.75
N LEU F 38 40.77 7.64 -20.01
CA LEU F 38 41.88 7.19 -20.83
C LEU F 38 42.70 6.12 -20.13
N LEU F 39 42.89 6.24 -18.81
CA LEU F 39 43.58 5.19 -18.07
C LEU F 39 42.79 3.88 -18.12
N ASN F 40 41.47 3.97 -18.01
CA ASN F 40 40.63 2.78 -18.08
C ASN F 40 40.68 2.14 -19.47
N VAL F 41 40.74 2.98 -20.51
CA VAL F 41 40.69 2.46 -21.87
C VAL F 41 41.92 1.62 -22.19
N ILE F 42 43.11 2.10 -21.79
CA ILE F 42 44.34 1.38 -22.10
C ILE F 42 44.34 0.01 -21.42
N ASP F 43 43.96 -0.04 -20.15
CA ASP F 43 43.88 -1.30 -19.41
C ASP F 43 42.53 -1.41 -18.72
N PRO F 44 41.66 -2.31 -19.15
CA PRO F 44 40.34 -2.42 -18.51
C PRO F 44 40.33 -3.21 -17.21
N LYS F 45 41.50 -3.67 -16.74
CA LYS F 45 41.55 -4.47 -15.52
C LYS F 45 41.27 -3.65 -14.27
N ILE F 46 41.37 -2.31 -14.35
CA ILE F 46 41.12 -1.47 -13.19
C ILE F 46 39.67 -1.61 -12.76
N GLY F 47 38.74 -1.58 -13.71
CA GLY F 47 37.33 -1.67 -13.38
C GLY F 47 36.52 -0.55 -14.01
N GLY F 48 35.79 0.20 -13.17
CA GLY F 48 34.95 1.27 -13.65
C GLY F 48 35.25 2.57 -12.93
N VAL F 49 34.50 3.61 -13.31
CA VAL F 49 34.64 4.94 -12.76
C VAL F 49 33.27 5.43 -12.29
N MET F 50 33.24 6.07 -11.12
CA MET F 50 32.04 6.69 -10.59
C MET F 50 32.24 8.19 -10.52
N ILE F 51 31.35 8.94 -11.17
CA ILE F 51 31.41 10.39 -11.24
C ILE F 51 30.09 10.95 -10.75
N MET F 52 30.16 11.91 -9.81
CA MET F 52 29.00 12.66 -9.37
C MET F 52 29.11 14.09 -9.90
N GLY F 53 27.97 14.64 -10.30
CA GLY F 53 27.94 15.99 -10.82
C GLY F 53 26.53 16.38 -11.18
N ASP F 54 26.36 17.67 -11.47
CA ASP F 54 25.04 18.18 -11.79
C ASP F 54 24.58 17.68 -13.15
N ARG F 55 23.28 17.85 -13.41
CA ARG F 55 22.66 17.37 -14.63
C ARG F 55 22.86 18.31 -15.82
N GLY F 56 23.55 19.42 -15.62
CA GLY F 56 23.72 20.39 -16.69
C GLY F 56 25.16 20.65 -17.09
N THR F 57 26.11 20.30 -16.23
CA THR F 57 27.51 20.62 -16.51
C THR F 57 28.06 19.87 -17.71
N GLY F 58 27.37 18.82 -18.17
CA GLY F 58 27.76 18.17 -19.40
C GLY F 58 28.39 16.79 -19.21
N LYS F 59 27.93 16.06 -18.21
CA LYS F 59 28.45 14.71 -17.99
C LYS F 59 28.09 13.78 -19.14
N SER F 60 26.84 13.87 -19.63
CA SER F 60 26.40 12.95 -20.67
C SER F 60 26.94 13.34 -22.04
N THR F 61 27.43 14.56 -22.20
CA THR F 61 27.93 14.99 -23.51
C THR F 61 29.36 14.53 -23.73
N THR F 62 30.22 14.70 -22.73
CA THR F 62 31.63 14.35 -22.90
C THR F 62 31.81 12.85 -23.10
N ILE F 63 31.00 12.04 -22.42
CA ILE F 63 31.15 10.59 -22.51
C ILE F 63 30.84 10.10 -23.91
N ARG F 64 29.78 10.62 -24.53
CA ARG F 64 29.41 10.20 -25.87
C ARG F 64 30.51 10.52 -26.87
N ALA F 65 31.28 11.58 -26.60
CA ALA F 65 32.43 11.88 -27.43
C ALA F 65 33.48 10.78 -27.33
N LEU F 66 33.71 10.27 -26.11
CA LEU F 66 34.68 9.19 -25.95
C LEU F 66 34.24 7.91 -26.66
N ALA F 67 32.93 7.76 -26.88
CA ALA F 67 32.44 6.60 -27.63
C ALA F 67 33.01 6.60 -29.04
N ASP F 68 33.10 7.76 -29.67
CA ASP F 68 33.75 7.87 -30.96
C ASP F 68 35.26 7.75 -30.80
N LEU F 69 35.98 7.85 -31.93
CA LEU F 69 37.44 7.80 -31.98
C LEU F 69 38.02 6.68 -31.12
N LEU F 70 37.31 5.56 -31.06
CA LEU F 70 37.78 4.40 -30.30
C LEU F 70 38.49 3.45 -31.26
N PRO F 71 39.81 3.24 -31.13
CA PRO F 71 40.57 2.36 -32.03
C PRO F 71 40.21 0.89 -31.85
N ILE F 107 37.03 -10.24 -39.35
CA ILE F 107 37.01 -9.36 -38.19
C ILE F 107 37.32 -7.93 -38.60
N GLU F 108 38.60 -7.58 -38.59
CA GLU F 108 39.08 -6.25 -38.97
C GLU F 108 38.39 -5.16 -38.16
N PHE F 109 38.63 -5.22 -36.84
CA PHE F 109 38.04 -4.24 -35.94
C PHE F 109 38.61 -2.86 -36.20
N LYS F 110 37.77 -1.84 -36.06
CA LYS F 110 38.18 -0.46 -36.28
C LYS F 110 37.51 0.48 -35.28
N MET F 114 29.66 1.37 -28.46
CA MET F 114 29.20 1.93 -27.20
C MET F 114 27.81 1.40 -26.85
N VAL F 115 27.64 0.99 -25.59
CA VAL F 115 26.38 0.44 -25.11
C VAL F 115 25.86 1.30 -23.98
N ASP F 116 24.55 1.53 -23.99
CA ASP F 116 23.89 2.32 -22.96
C ASP F 116 22.79 1.47 -22.31
N LEU F 117 22.65 1.61 -21.00
CA LEU F 117 21.64 0.87 -20.26
C LEU F 117 20.24 1.34 -20.61
N LEU F 148 22.59 -7.77 -22.37
CA LEU F 148 23.52 -8.32 -21.38
C LEU F 148 24.61 -9.14 -22.06
N ALA F 149 24.53 -9.26 -23.39
CA ALA F 149 25.46 -10.07 -24.16
C ALA F 149 26.38 -9.27 -25.05
N LYS F 150 25.88 -8.21 -25.69
CA LYS F 150 26.68 -7.43 -26.64
C LYS F 150 27.52 -6.38 -25.88
N ALA F 151 28.48 -6.89 -25.10
CA ALA F 151 29.39 -6.04 -24.36
C ALA F 151 30.83 -6.56 -24.40
N ASN F 152 31.16 -7.43 -25.36
CA ASN F 152 32.51 -7.98 -25.43
C ASN F 152 33.54 -6.89 -25.69
N ARG F 153 33.23 -5.96 -26.59
CA ARG F 153 34.08 -4.82 -26.87
C ARG F 153 33.27 -3.54 -26.68
N GLY F 154 33.87 -2.55 -26.03
CA GLY F 154 33.24 -1.27 -25.85
C GLY F 154 32.73 -1.07 -24.43
N ILE F 155 32.71 0.20 -24.02
CA ILE F 155 32.30 0.60 -22.68
C ILE F 155 30.79 0.51 -22.55
N LEU F 156 30.28 0.57 -21.32
CA LEU F 156 28.85 0.56 -21.05
C LEU F 156 28.50 1.72 -20.13
N TYR F 157 27.52 2.51 -20.52
CA TYR F 157 27.04 3.64 -19.74
C TYR F 157 25.66 3.31 -19.19
N VAL F 158 25.45 3.65 -17.91
CA VAL F 158 24.25 3.24 -17.19
C VAL F 158 23.22 4.35 -17.11
N ASP F 159 23.62 5.55 -16.68
CA ASP F 159 22.78 6.75 -16.65
C ASP F 159 21.70 6.64 -15.56
N GLU F 160 21.58 5.46 -14.94
CA GLU F 160 20.52 5.24 -13.97
C GLU F 160 21.00 4.50 -12.72
N VAL F 161 22.31 4.22 -12.60
CA VAL F 161 22.79 3.42 -11.47
C VAL F 161 22.59 4.14 -10.14
N ASN F 162 22.58 5.48 -10.15
CA ASN F 162 22.55 6.22 -8.90
C ASN F 162 21.27 5.90 -8.10
N LEU F 163 20.14 5.88 -8.79
CA LEU F 163 18.84 5.61 -8.12
C LEU F 163 18.61 4.09 -8.02
N LEU F 164 19.55 3.29 -8.52
CA LEU F 164 19.42 1.80 -8.39
C LEU F 164 19.45 1.42 -6.90
N ASP F 165 18.59 0.48 -6.50
CA ASP F 165 18.51 0.08 -5.07
C ASP F 165 19.31 -1.20 -4.84
N ASP F 166 19.26 -2.15 -5.78
CA ASP F 166 19.95 -3.45 -5.60
C ASP F 166 20.09 -4.15 -6.96
N HIS F 167 20.57 -5.41 -6.96
CA HIS F 167 20.72 -6.20 -8.21
C HIS F 167 21.92 -5.70 -9.02
N LEU F 168 22.08 -4.38 -9.16
CA LEU F 168 23.20 -3.83 -9.96
C LEU F 168 24.50 -4.51 -9.56
N VAL F 169 24.57 -5.01 -8.31
CA VAL F 169 25.78 -5.69 -7.86
C VAL F 169 26.06 -6.91 -8.73
N ASP F 170 25.00 -7.59 -9.17
CA ASP F 170 25.15 -8.80 -9.97
C ASP F 170 25.85 -8.52 -11.30
N VAL F 171 25.46 -7.43 -11.97
CA VAL F 171 26.00 -7.13 -13.29
C VAL F 171 27.47 -6.74 -13.20
N LEU F 172 27.83 -5.97 -12.18
CA LEU F 172 29.22 -5.58 -12.01
C LEU F 172 30.08 -6.75 -11.56
N LEU F 173 29.52 -7.64 -10.76
CA LEU F 173 30.32 -8.82 -10.41
C LEU F 173 30.55 -9.63 -11.68
N ASP F 174 29.48 -9.90 -12.43
CA ASP F 174 29.57 -10.78 -13.58
C ASP F 174 30.46 -10.19 -14.67
N SER F 175 30.55 -8.87 -14.74
CA SER F 175 31.35 -8.20 -15.76
C SER F 175 32.82 -8.58 -15.65
N ALA F 176 33.45 -8.28 -14.51
CA ALA F 176 34.86 -8.59 -14.33
C ALA F 176 35.03 -10.01 -13.77
N ALA F 177 34.37 -10.97 -14.41
CA ALA F 177 34.47 -12.38 -13.97
C ALA F 177 34.64 -13.27 -15.20
N SER F 178 35.30 -12.76 -16.24
CA SER F 178 35.51 -13.55 -17.49
C SER F 178 34.15 -14.02 -18.03
N GLY F 179 34.02 -15.33 -18.29
CA GLY F 179 32.75 -15.89 -18.79
C GLY F 179 31.58 -15.50 -17.88
N ALA F 194 33.42 -11.14 -21.27
CA ALA F 194 32.77 -9.86 -21.54
C ALA F 194 33.50 -8.72 -20.84
N ARG F 195 34.76 -8.49 -21.22
CA ARG F 195 35.57 -7.44 -20.62
C ARG F 195 35.15 -6.10 -21.19
N PHE F 196 34.80 -5.16 -20.31
CA PHE F 196 34.34 -3.85 -20.73
C PHE F 196 34.48 -2.89 -19.55
N VAL F 197 34.41 -1.60 -19.85
CA VAL F 197 34.64 -0.55 -18.85
C VAL F 197 33.33 -0.22 -18.15
N LEU F 198 33.37 -0.21 -16.82
CA LEU F 198 32.16 0.00 -16.02
C LEU F 198 31.97 1.48 -15.68
N VAL F 199 31.97 2.32 -16.71
CA VAL F 199 31.76 3.75 -16.49
C VAL F 199 30.33 3.99 -16.04
N GLY F 200 30.17 4.83 -15.03
CA GLY F 200 28.86 5.07 -14.45
C GLY F 200 28.64 6.54 -14.16
N SER F 201 27.38 6.89 -13.90
CA SER F 201 26.97 8.25 -13.64
C SER F 201 26.28 8.33 -12.28
N GLY F 202 26.65 9.31 -11.48
CA GLY F 202 26.05 9.50 -10.17
C GLY F 202 25.67 10.95 -9.95
N ASN F 203 24.89 11.16 -8.90
CA ASN F 203 24.46 12.50 -8.49
C ASN F 203 24.76 12.71 -7.02
N PRO F 204 25.21 13.90 -6.63
CA PRO F 204 25.54 14.13 -5.21
C PRO F 204 24.37 13.92 -4.27
N GLU F 205 23.15 14.22 -4.71
CA GLU F 205 21.96 14.00 -3.91
C GLU F 205 21.25 12.72 -4.35
N GLU F 206 20.12 12.45 -3.71
CA GLU F 206 19.26 11.28 -4.00
C GLU F 206 20.08 10.02 -3.73
N GLY F 207 20.08 9.07 -4.66
CA GLY F 207 20.79 7.79 -4.47
C GLY F 207 22.28 7.98 -4.32
N GLU F 208 22.89 7.34 -3.31
CA GLU F 208 24.37 7.40 -3.14
C GLU F 208 24.91 5.98 -3.10
N LEU F 209 24.11 5.00 -3.53
CA LEU F 209 24.54 3.57 -3.52
C LEU F 209 24.76 3.10 -2.08
N ARG F 210 25.51 2.01 -1.90
CA ARG F 210 25.75 1.45 -0.54
C ARG F 210 27.24 1.15 -0.36
N PRO F 211 27.82 1.35 0.84
CA PRO F 211 29.26 1.11 1.06
C PRO F 211 29.69 -0.29 0.68
N GLN F 212 28.74 -1.23 0.71
CA GLN F 212 29.02 -2.59 0.27
C GLN F 212 29.31 -2.66 -1.22
N LEU F 213 28.67 -1.79 -2.01
CA LEU F 213 28.84 -1.80 -3.46
C LEU F 213 29.80 -0.72 -3.92
N LEU F 214 29.81 0.41 -3.22
CA LEU F 214 30.60 1.57 -3.60
C LEU F 214 32.10 1.23 -3.62
N ASP F 215 32.44 0.12 -3.00
CA ASP F 215 33.86 -0.30 -3.01
C ASP F 215 34.06 -1.39 -4.05
N ARG F 216 33.18 -1.53 -5.05
CA ARG F 216 33.46 -2.52 -6.12
C ARG F 216 34.07 -1.76 -7.31
N PHE F 217 33.79 -0.47 -7.42
CA PHE F 217 34.40 0.37 -8.48
C PHE F 217 35.82 0.74 -8.04
N GLY F 218 36.66 1.13 -8.98
CA GLY F 218 38.05 1.43 -8.67
C GLY F 218 38.51 2.83 -9.02
N MET F 219 37.61 3.67 -9.51
CA MET F 219 38.01 5.00 -9.94
C MET F 219 36.91 6.01 -9.60
N HIS F 220 37.28 7.22 -9.18
CA HIS F 220 36.29 8.20 -8.75
C HIS F 220 36.80 9.63 -8.88
N ALA F 221 36.09 10.45 -9.65
CA ALA F 221 36.44 11.85 -9.84
C ALA F 221 35.21 12.72 -9.66
N GLU F 222 35.43 13.97 -9.29
CA GLU F 222 34.36 14.90 -8.97
C GLU F 222 34.34 16.07 -9.96
N ILE F 223 33.23 16.79 -9.96
CA ILE F 223 32.99 17.91 -10.88
C ILE F 223 32.90 19.20 -10.07
N HIS F 224 33.53 20.26 -10.59
CA HIS F 224 33.46 21.57 -9.98
C HIS F 224 33.06 22.60 -11.02
N THR F 225 32.44 23.68 -10.55
CA THR F 225 31.95 24.72 -11.44
C THR F 225 33.11 25.47 -12.10
N VAL F 226 32.85 25.99 -13.30
CA VAL F 226 33.89 26.67 -14.07
C VAL F 226 34.27 28.01 -13.43
N LYS F 227 33.27 28.80 -13.02
CA LYS F 227 33.48 30.08 -12.34
C LYS F 227 34.38 31.00 -13.16
N GLU F 228 34.17 31.00 -14.48
CA GLU F 228 34.99 31.85 -15.34
C GLU F 228 34.17 32.41 -16.49
N PRO F 229 33.90 33.71 -16.50
CA PRO F 229 33.10 34.29 -17.61
C PRO F 229 33.73 34.08 -18.98
N ALA F 230 35.06 34.15 -19.06
CA ALA F 230 35.73 34.00 -20.35
C ALA F 230 35.54 32.59 -20.92
N LEU F 231 35.59 31.57 -20.06
CA LEU F 231 35.46 30.21 -20.55
C LEU F 231 34.00 29.88 -20.89
N ARG F 232 33.06 30.35 -20.07
CA ARG F 232 31.65 30.05 -20.31
C ARG F 232 31.17 30.61 -21.63
N VAL F 233 31.58 31.84 -21.97
CA VAL F 233 31.20 32.42 -23.25
C VAL F 233 31.83 31.62 -24.39
N GLN F 234 33.02 31.07 -24.13
CA GLN F 234 33.68 30.22 -25.15
C GLN F 234 32.81 28.98 -25.40
N ILE F 235 32.36 28.33 -24.33
CA ILE F 235 31.53 27.14 -24.46
C ILE F 235 30.23 27.47 -25.17
N VAL F 236 29.61 28.60 -24.81
CA VAL F 236 28.35 28.99 -25.44
C VAL F 236 28.56 29.24 -26.93
N GLU F 237 29.64 29.94 -27.28
CA GLU F 237 29.94 30.19 -28.69
C GLU F 237 30.15 28.90 -29.45
N GLN F 238 30.90 27.95 -28.86
CA GLN F 238 31.13 26.68 -29.52
C GLN F 238 29.83 25.92 -29.73
N ARG F 239 28.96 25.90 -28.71
CA ARG F 239 27.68 25.22 -28.85
C ARG F 239 26.82 25.86 -29.93
N SER F 240 26.82 27.19 -29.99
CA SER F 240 26.02 27.88 -31.00
C SER F 240 26.52 27.59 -32.41
N GLU F 241 27.83 27.68 -32.62
CA GLU F 241 28.36 27.42 -33.96
C GLU F 241 28.22 25.96 -34.35
N PHE F 242 28.21 25.05 -33.37
CA PHE F 242 27.82 23.68 -33.65
C PHE F 242 26.38 23.64 -34.13
N ASP F 243 25.46 24.26 -33.39
CA ASP F 243 24.05 24.25 -33.75
C ASP F 243 23.79 24.86 -35.11
N GLN F 244 24.65 25.78 -35.57
CA GLN F 244 24.43 26.41 -36.87
C GLN F 244 24.52 25.38 -37.99
N ASN F 245 25.56 24.53 -37.98
CA ASN F 245 25.61 23.34 -38.82
C ASN F 245 26.72 22.40 -38.35
N PRO F 246 26.40 21.13 -38.12
CA PRO F 246 27.39 20.17 -37.60
C PRO F 246 28.56 19.92 -38.56
N PRO F 247 28.31 19.51 -39.81
CA PRO F 247 29.36 18.78 -40.55
C PRO F 247 30.68 19.54 -40.69
N THR F 248 30.65 20.85 -40.90
CA THR F 248 31.89 21.59 -41.09
C THR F 248 32.64 21.80 -39.79
N PHE F 249 31.98 21.67 -38.64
CA PHE F 249 32.62 21.93 -37.36
C PHE F 249 33.61 20.84 -37.01
N LEU F 250 33.22 19.57 -37.19
CA LEU F 250 34.09 18.46 -36.84
C LEU F 250 35.34 18.42 -37.73
N GLU F 251 35.17 18.77 -39.01
CA GLU F 251 36.32 18.76 -39.92
C GLU F 251 37.39 19.75 -39.48
N LYS F 252 37.01 20.82 -38.80
CA LYS F 252 37.99 21.78 -38.30
C LYS F 252 38.89 21.14 -37.25
N TYR F 253 38.32 20.36 -36.33
CA TYR F 253 39.09 19.71 -35.28
C TYR F 253 39.60 18.33 -35.69
N ASN F 254 39.31 17.91 -36.92
CA ASN F 254 39.80 16.62 -37.42
C ASN F 254 41.29 16.35 -37.22
N PRO F 255 42.21 17.30 -37.49
CA PRO F 255 43.64 16.91 -37.52
C PRO F 255 44.17 16.27 -36.24
N GLU F 256 43.72 16.72 -35.06
CA GLU F 256 44.31 16.21 -33.83
C GLU F 256 43.81 14.82 -33.46
N GLN F 257 42.66 14.41 -34.01
CA GLN F 257 42.11 13.10 -33.68
C GLN F 257 43.04 11.98 -34.12
N THR F 258 43.68 12.14 -35.29
CA THR F 258 44.64 11.15 -35.74
C THR F 258 45.81 11.03 -34.79
N ALA F 259 46.32 12.17 -34.30
CA ALA F 259 47.42 12.15 -33.34
C ALA F 259 47.00 11.46 -32.05
N LEU F 260 45.78 11.75 -31.57
CA LEU F 260 45.29 11.09 -30.36
C LEU F 260 45.19 9.58 -30.55
N GLN F 261 44.65 9.15 -31.71
CA GLN F 261 44.55 7.73 -31.99
C GLN F 261 45.91 7.06 -32.04
N LYS F 262 46.88 7.73 -32.69
CA LYS F 262 48.23 7.18 -32.75
C LYS F 262 48.84 7.06 -31.37
N LYS F 263 48.66 8.07 -30.53
CA LYS F 263 49.20 8.02 -29.18
C LYS F 263 48.58 6.87 -28.38
N ILE F 264 47.25 6.72 -28.47
CA ILE F 264 46.58 5.65 -27.72
C ILE F 264 47.04 4.29 -28.20
N VAL F 265 47.13 4.11 -29.53
CA VAL F 265 47.55 2.82 -30.08
C VAL F 265 48.96 2.49 -29.66
N GLU F 266 49.88 3.48 -29.72
CA GLU F 266 51.26 3.24 -29.31
C GLU F 266 51.34 2.90 -27.83
N ALA F 267 50.59 3.62 -26.99
CA ALA F 267 50.66 3.40 -25.56
C ALA F 267 50.00 2.08 -25.13
N GLN F 268 49.05 1.58 -25.92
CA GLN F 268 48.36 0.35 -25.53
C GLN F 268 49.31 -0.85 -25.53
N LYS F 269 50.27 -0.88 -26.44
CA LYS F 269 51.14 -2.04 -26.62
C LYS F 269 52.45 -1.92 -25.83
N LEU F 270 52.43 -1.23 -24.69
CA LEU F 270 53.60 -1.09 -23.84
C LEU F 270 53.38 -1.74 -22.47
N LEU F 271 52.75 -2.92 -22.48
CA LEU F 271 52.50 -3.62 -21.23
C LEU F 271 53.76 -4.00 -20.45
N PRO F 272 54.81 -4.56 -21.05
CA PRO F 272 55.96 -4.99 -20.25
C PRO F 272 56.66 -3.87 -19.51
N GLU F 273 56.44 -2.60 -19.89
CA GLU F 273 57.09 -1.48 -19.22
C GLU F 273 56.47 -1.30 -17.84
N VAL F 274 57.09 -1.88 -16.81
CA VAL F 274 56.62 -1.73 -15.44
C VAL F 274 57.72 -1.11 -14.57
N LYS F 275 58.83 -1.82 -14.41
CA LYS F 275 59.98 -1.37 -13.62
C LYS F 275 59.54 -0.71 -12.31
N LEU F 276 58.55 -1.32 -11.66
CA LEU F 276 58.03 -0.77 -10.42
C LEU F 276 58.92 -1.21 -9.26
N ASP F 277 59.34 -0.25 -8.43
CA ASP F 277 60.29 -0.51 -7.37
C ASP F 277 59.61 -1.13 -6.16
N TYR F 278 60.30 -2.10 -5.54
CA TYR F 278 59.76 -2.77 -4.36
C TYR F 278 59.63 -1.81 -3.19
N ASP F 279 60.61 -0.92 -3.02
CA ASP F 279 60.57 0.03 -1.90
C ASP F 279 59.36 0.96 -2.01
N LEU F 280 59.08 1.45 -3.21
CA LEU F 280 57.90 2.30 -3.40
C LEU F 280 56.62 1.51 -3.20
N ARG F 281 56.64 0.21 -3.51
CA ARG F 281 55.45 -0.64 -3.27
C ARG F 281 55.22 -0.75 -1.76
N VAL F 282 56.30 -0.93 -0.99
CA VAL F 282 56.19 -0.98 0.46
C VAL F 282 55.67 0.35 1.00
N LYS F 283 56.18 1.46 0.46
CA LYS F 283 55.76 2.78 0.94
C LYS F 283 54.29 3.04 0.63
N ILE F 284 53.82 2.68 -0.56
CA ILE F 284 52.43 2.93 -0.91
C ILE F 284 51.51 2.03 -0.08
N SER F 285 51.91 0.79 0.16
CA SER F 285 51.13 -0.07 1.05
C SER F 285 51.08 0.52 2.46
N GLU F 286 52.20 1.07 2.92
CA GLU F 286 52.25 1.67 4.25
C GLU F 286 51.31 2.87 4.35
N VAL F 287 51.34 3.75 3.35
CA VAL F 287 50.52 4.96 3.44
C VAL F 287 49.04 4.60 3.31
N CYS F 288 48.71 3.62 2.47
CA CYS F 288 47.32 3.21 2.36
C CYS F 288 46.83 2.55 3.64
N SER F 289 47.63 1.64 4.20
CA SER F 289 47.25 0.95 5.43
C SER F 289 47.27 1.87 6.64
N GLU F 290 47.89 3.04 6.52
CA GLU F 290 47.90 3.99 7.63
C GLU F 290 46.49 4.42 8.00
N LEU F 291 45.65 4.67 7.00
CA LEU F 291 44.26 5.00 7.22
C LEU F 291 43.38 3.76 7.03
N ASP F 292 42.16 3.84 7.55
CA ASP F 292 41.22 2.73 7.47
C ASP F 292 40.71 2.61 6.03
N VAL F 293 40.94 1.45 5.41
CA VAL F 293 40.50 1.21 4.05
C VAL F 293 39.51 0.06 3.94
N ASP F 294 39.44 -0.83 4.93
CA ASP F 294 38.48 -1.94 4.95
C ASP F 294 38.65 -2.85 3.74
N GLY F 295 39.82 -3.47 3.65
CA GLY F 295 40.08 -4.49 2.66
C GLY F 295 41.36 -4.22 1.88
N LEU F 296 41.65 -5.15 0.98
CA LEU F 296 42.82 -5.08 0.11
C LEU F 296 42.47 -4.61 -1.30
N ARG F 297 41.25 -4.11 -1.51
CA ARG F 297 40.85 -3.68 -2.84
C ARG F 297 41.65 -2.48 -3.32
N GLY F 298 41.98 -1.55 -2.42
CA GLY F 298 42.70 -0.36 -2.80
C GLY F 298 44.11 -0.59 -3.32
N ASP F 299 44.89 -1.41 -2.63
CA ASP F 299 46.31 -1.56 -2.96
C ASP F 299 46.50 -2.14 -4.36
N ILE F 300 45.71 -3.15 -4.72
CA ILE F 300 45.88 -3.78 -6.02
C ILE F 300 45.49 -2.81 -7.13
N VAL F 301 44.48 -1.97 -6.91
CA VAL F 301 44.03 -1.05 -7.94
C VAL F 301 45.09 0.00 -8.23
N THR F 302 45.63 0.64 -7.18
CA THR F 302 46.59 1.71 -7.39
C THR F 302 47.90 1.19 -7.97
N ASN F 303 48.32 -0.02 -7.59
CA ASN F 303 49.56 -0.58 -8.11
C ASN F 303 49.49 -0.76 -9.62
N ARG F 304 48.36 -1.24 -10.13
CA ARG F 304 48.19 -1.45 -11.56
C ARG F 304 47.67 -0.23 -12.30
N ALA F 305 47.37 0.86 -11.58
CA ALA F 305 46.90 2.08 -12.24
C ALA F 305 48.04 3.03 -12.54
N ALA F 306 48.77 3.46 -11.50
CA ALA F 306 49.79 4.49 -11.68
C ALA F 306 50.86 4.05 -12.68
N LYS F 307 51.27 2.78 -12.60
CA LYS F 307 52.22 2.25 -13.58
C LYS F 307 51.72 2.49 -15.00
N ALA F 308 50.45 2.15 -15.25
CA ALA F 308 49.90 2.33 -16.59
C ALA F 308 49.98 3.78 -17.04
N LEU F 309 49.91 4.72 -16.10
CA LEU F 309 50.03 6.13 -16.46
C LEU F 309 51.35 6.41 -17.15
N THR F 310 52.44 5.79 -16.67
CA THR F 310 53.72 5.95 -17.33
C THR F 310 53.64 5.48 -18.78
N ALA F 311 52.95 4.37 -19.02
CA ALA F 311 52.77 3.89 -20.39
C ALA F 311 52.09 4.93 -21.26
N TYR F 312 51.24 5.76 -20.68
CA TYR F 312 50.63 6.85 -21.43
C TYR F 312 51.70 7.82 -21.93
N GLU F 313 52.64 8.20 -21.06
CA GLU F 313 53.67 9.16 -21.46
C GLU F 313 54.65 8.54 -22.45
N GLY F 314 55.05 7.29 -22.22
CA GLY F 314 56.05 6.64 -23.02
C GLY F 314 57.34 6.31 -22.29
N ARG F 315 57.46 6.74 -21.03
CA ARG F 315 58.65 6.45 -20.24
C ARG F 315 58.60 5.01 -19.74
N THR F 316 59.54 4.64 -18.88
CA THR F 316 59.59 3.27 -18.39
C THR F 316 59.51 3.17 -16.87
N GLU F 317 60.18 4.06 -16.14
CA GLU F 317 60.21 3.99 -14.69
C GLU F 317 59.05 4.76 -14.08
N VAL F 318 58.75 4.47 -12.83
CA VAL F 318 57.67 5.12 -12.10
C VAL F 318 58.27 5.82 -10.89
N THR F 319 57.97 7.10 -10.73
CA THR F 319 58.49 7.91 -9.64
C THR F 319 57.34 8.45 -8.80
N VAL F 320 57.68 9.28 -7.81
CA VAL F 320 56.67 9.80 -6.87
C VAL F 320 55.70 10.71 -7.60
N ASP F 321 56.19 11.47 -8.59
CA ASP F 321 55.33 12.43 -9.28
C ASP F 321 54.18 11.73 -10.00
N ASP F 322 54.45 10.56 -10.59
CA ASP F 322 53.40 9.81 -11.29
C ASP F 322 52.29 9.39 -10.33
N ILE F 323 52.66 8.83 -9.19
CA ILE F 323 51.67 8.32 -8.25
C ILE F 323 50.87 9.46 -7.63
N ARG F 324 51.50 10.61 -7.39
CA ARG F 324 50.84 11.72 -6.72
C ARG F 324 49.59 12.19 -7.45
N ARG F 325 49.56 12.04 -8.78
CA ARG F 325 48.45 12.52 -9.58
C ARG F 325 47.29 11.54 -9.68
N VAL F 326 47.46 10.31 -9.19
CA VAL F 326 46.41 9.31 -9.31
C VAL F 326 46.11 8.67 -7.96
N ILE F 327 46.89 9.05 -6.93
CA ILE F 327 46.70 8.45 -5.61
C ILE F 327 45.35 8.87 -5.02
N THR F 328 45.00 10.15 -5.13
CA THR F 328 43.73 10.63 -4.58
C THR F 328 42.55 10.12 -5.38
N LEU F 329 42.70 10.00 -6.70
CA LEU F 329 41.58 9.72 -7.59
C LEU F 329 41.03 8.31 -7.43
N CYS F 330 41.76 7.41 -6.76
CA CYS F 330 41.32 6.03 -6.60
C CYS F 330 41.24 5.55 -5.16
N LEU F 331 41.54 6.40 -4.17
CA LEU F 331 41.51 6.00 -2.76
C LEU F 331 40.85 7.08 -1.92
N ARG F 332 39.73 7.62 -2.40
CA ARG F 332 38.98 8.63 -1.65
C ARG F 332 37.62 8.13 -1.19
N HIS F 333 36.80 7.58 -2.09
CA HIS F 333 35.47 7.12 -1.70
C HIS F 333 35.51 5.86 -0.86
N ARG F 334 36.66 5.20 -0.76
CA ARG F 334 36.84 4.08 0.17
C ARG F 334 37.18 4.55 1.58
N LEU F 335 37.31 5.86 1.78
CA LEU F 335 37.71 6.44 3.07
C LEU F 335 36.51 6.89 3.87
N ARG F 336 35.40 6.15 3.81
CA ARG F 336 34.18 6.51 4.53
C ARG F 336 34.41 6.26 6.01
N LYS F 337 35.10 7.22 6.64
CA LYS F 337 35.43 7.09 8.05
C LYS F 337 34.20 7.34 8.92
N ASP F 338 33.63 8.53 8.83
CA ASP F 338 32.49 8.93 9.65
C ASP F 338 31.83 10.14 8.99
N PRO F 339 30.56 10.41 9.31
CA PRO F 339 29.90 11.60 8.76
C PRO F 339 30.47 12.92 9.27
N LEU F 340 31.44 12.88 10.20
CA LEU F 340 32.08 14.10 10.72
C LEU F 340 33.16 14.54 9.74
N GLU F 341 32.70 15.08 8.61
CA GLU F 341 33.60 15.50 7.53
C GLU F 341 33.92 16.97 7.70
N SER F 342 34.98 17.26 8.47
CA SER F 342 35.44 18.64 8.63
C SER F 342 35.97 19.20 7.32
N ILE F 343 36.74 18.40 6.58
CA ILE F 343 37.25 18.76 5.28
C ILE F 343 37.08 17.57 4.35
N ASP F 344 37.12 17.84 3.05
CA ASP F 344 37.00 16.76 2.07
C ASP F 344 38.12 15.74 2.28
N SER F 345 37.78 14.46 2.13
CA SER F 345 38.73 13.40 2.43
C SER F 345 39.96 13.48 1.54
N GLY F 346 39.82 14.05 0.35
CA GLY F 346 40.97 14.20 -0.52
C GLY F 346 42.09 15.00 0.11
N TYR F 347 41.74 16.06 0.85
CA TYR F 347 42.76 16.82 1.56
C TYR F 347 43.44 15.98 2.63
N LYS F 348 42.69 15.08 3.27
CA LYS F 348 43.30 14.14 4.20
C LYS F 348 44.29 13.23 3.49
N VAL F 349 43.94 12.76 2.29
CA VAL F 349 44.86 11.94 1.52
C VAL F 349 46.14 12.71 1.20
N GLU F 350 46.00 13.98 0.80
CA GLU F 350 47.19 14.79 0.55
C GLU F 350 48.01 14.98 1.82
N LYS F 351 47.35 15.15 2.96
CA LYS F 351 48.07 15.34 4.22
C LYS F 351 48.91 14.11 4.55
N VAL F 352 48.31 12.92 4.47
CA VAL F 352 49.07 11.71 4.74
C VAL F 352 50.14 11.48 3.68
N PHE F 353 49.87 11.84 2.43
CA PHE F 353 50.86 11.71 1.37
C PHE F 353 52.08 12.58 1.67
N ALA F 354 51.85 13.82 2.10
CA ALA F 354 52.95 14.72 2.42
C ALA F 354 53.70 14.25 3.66
N ARG F 355 52.97 13.78 4.67
CA ARG F 355 53.62 13.40 5.96
C ARG F 355 54.51 12.15 5.78
N ILE F 356 54.32 11.38 4.70
CA ILE F 356 55.07 10.15 4.53
C ILE F 356 56.26 10.39 3.60
N PHE F 357 55.97 10.78 2.35
CA PHE F 357 57.04 10.99 1.38
C PHE F 357 57.81 12.27 1.66
N GLY F 358 57.11 13.35 1.98
CA GLY F 358 57.75 14.62 2.28
C GLY F 358 57.63 15.63 1.16
N VAL F 359 56.72 16.60 1.34
CA VAL F 359 56.54 17.67 0.37
C VAL F 359 55.83 18.84 1.01
PB ADP G . 33.70 -10.39 -1.38
O1B ADP G . 32.50 -11.01 -2.06
O2B ADP G . 33.89 -10.82 0.06
O3B ADP G . 33.82 -8.89 -1.58
PA ADP G . 36.44 -10.44 -1.86
O1A ADP G . 36.53 -9.05 -2.43
O2A ADP G . 36.74 -10.65 -0.40
O3A ADP G . 34.96 -11.00 -2.15
O5' ADP G . 37.41 -11.40 -2.70
C5' ADP G . 38.10 -10.90 -3.86
C4' ADP G . 39.39 -10.20 -3.46
O4' ADP G . 40.14 -10.94 -2.50
C3' ADP G . 40.33 -9.96 -4.63
O3' ADP G . 40.23 -8.60 -5.08
C2' ADP G . 41.72 -10.25 -4.11
O2' ADP G . 42.55 -9.08 -4.24
C1' ADP G . 41.51 -10.59 -2.65
N9 ADP G . 42.43 -11.67 -2.23
C8 ADP G . 43.06 -12.54 -3.03
N7 ADP G . 43.84 -13.40 -2.32
C5 ADP G . 43.71 -13.08 -1.02
C6 ADP G . 44.25 -13.56 0.26
N6 ADP G . 45.11 -14.61 0.31
N1 ADP G . 43.85 -12.94 1.39
C2 ADP G . 43.00 -11.90 1.37
N3 ADP G . 42.48 -11.40 0.24
C4 ADP G . 42.79 -11.92 -0.97
MG MG H . 10.64 -26.47 15.76
PG ATP I . 12.57 -23.88 17.53
O1G ATP I . 11.61 -24.30 16.47
O2G ATP I . 13.79 -23.12 17.01
O3G ATP I . 11.91 -23.05 18.65
PB ATP I . 12.72 -26.59 18.77
O1B ATP I . 12.12 -26.57 20.11
O2B ATP I . 11.85 -27.19 17.66
O3B ATP I . 13.17 -25.16 18.29
PA ATP I . 14.65 -28.73 18.10
O1A ATP I . 14.71 -28.65 16.63
O2A ATP I . 13.80 -29.88 18.64
O3A ATP I . 14.09 -27.39 18.75
O5' ATP I . 16.09 -28.85 18.73
C5' ATP I . 16.28 -29.28 20.09
C4' ATP I . 17.18 -30.49 20.08
O4' ATP I . 17.02 -31.24 21.30
C3' ATP I . 16.93 -31.48 18.93
O3' ATP I . 18.15 -31.88 18.34
C2' ATP I . 16.20 -32.63 19.62
O2' ATP I . 16.46 -33.88 18.98
C1' ATP I . 16.85 -32.60 21.00
N9 ATP I . 16.07 -33.24 22.05
C8 ATP I . 15.70 -34.57 22.09
N7 ATP I . 15.00 -34.90 23.15
C5 ATP I . 14.91 -33.72 23.87
C6 ATP I . 14.29 -33.39 25.09
N6 ATP I . 13.62 -34.27 25.84
N1 ATP I . 14.38 -32.11 25.52
C2 ATP I . 15.05 -31.23 24.78
N3 ATP I . 15.67 -31.41 23.61
C4 ATP I . 15.57 -32.69 23.20
PG ATP J . -17.52 -14.36 20.72
O1G ATP J . -18.06 -14.49 19.34
O2G ATP J . -16.09 -14.89 20.89
O3G ATP J . -17.57 -12.92 21.26
PB ATP J . -19.88 -15.71 21.93
O1B ATP J . -20.72 -14.75 22.67
O2B ATP J . -20.39 -16.11 20.56
O3B ATP J . -18.39 -15.21 21.75
PA ATP J . -20.19 -18.57 22.64
O1A ATP J . -19.61 -19.26 21.48
O2A ATP J . -21.71 -18.53 22.66
O3A ATP J . -19.68 -17.07 22.76
O5' ATP J . -19.69 -19.21 23.99
C5' ATP J . -20.36 -18.93 25.25
C4' ATP J . -20.57 -20.24 25.97
O4' ATP J . -21.67 -20.10 26.89
C3' ATP J . -20.92 -21.42 25.06
O3' ATP J . -20.31 -22.62 25.53
C2' ATP J . -22.44 -21.48 25.16
O2' ATP J . -22.94 -22.79 24.95
C1' ATP J . -22.66 -21.05 26.61
N9 ATP J . -23.98 -20.47 26.86
C8 ATP J . -25.18 -21.01 26.52
N7 ATP J . -26.22 -20.29 26.86
C5 ATP J . -25.65 -19.18 27.48
C6 ATP J . -26.21 -18.03 28.08
N6 ATP J . -27.52 -17.80 28.15
N1 ATP J . -25.36 -17.12 28.60
C2 ATP J . -24.04 -17.36 28.55
N3 ATP J . -23.41 -18.39 28.01
C4 ATP J . -24.27 -19.28 27.49
MG MG K . -19.96 -15.50 17.91
PG ATP L . -27.46 11.37 6.42
O1G ATP L . -26.96 10.70 5.18
O2G ATP L . -27.22 10.56 7.70
O3G ATP L . -26.94 12.78 6.62
PB ATP L . -30.20 11.57 5.28
O1B ATP L . -30.32 12.89 4.64
O2B ATP L . -29.97 10.39 4.33
O3B ATP L . -29.04 11.54 6.35
PA ATP L . -32.96 10.69 5.87
O1A ATP L . -32.95 9.39 5.16
O2A ATP L . -33.71 11.81 5.15
O3A ATP L . -31.49 11.21 6.15
O5' ATP L . -33.57 10.55 7.32
C5' ATP L . -34.15 11.68 8.00
C4' ATP L . -35.50 11.26 8.54
O4' ATP L . -36.24 12.44 8.94
C3' ATP L . -36.37 10.50 7.55
O3' ATP L . -37.10 9.47 8.22
C2' ATP L . -37.30 11.59 7.02
O2' ATP L . -38.55 11.07 6.59
C1' ATP L . -37.49 12.45 8.27
N9 ATP L . -37.89 13.83 8.01
C8 ATP L . -39.04 14.23 7.38
N7 ATP L . -39.16 15.53 7.28
C5 ATP L . -38.02 16.03 7.91
C6 ATP L . -37.56 17.33 8.13
N6 ATP L . -38.21 18.43 7.76
N1 ATP L . -36.38 17.48 8.78
C2 ATP L . -35.72 16.38 9.17
N3 ATP L . -36.06 15.10 9.01
C4 ATP L . -37.23 14.98 8.37
MG MG M . -28.63 10.55 2.84
PG ATP N . -7.80 25.88 -13.13
O1G ATP N . -7.31 24.76 -14.00
O2G ATP N . -6.75 26.38 -12.17
O3G ATP N . -9.11 25.56 -12.44
PB ATP N . -8.77 28.52 -13.76
O1B ATP N . -7.91 29.60 -14.32
O2B ATP N . -9.13 28.51 -12.32
O3B ATP N . -8.11 27.11 -14.12
PA ATP N . -10.34 28.79 -16.18
O1A ATP N . -11.36 27.84 -16.73
O2A ATP N . -9.02 28.88 -16.85
O3A ATP N . -10.11 28.45 -14.64
O5' ATP N . -10.99 30.25 -16.08
C5' ATP N . -10.86 31.00 -14.84
C4' ATP N . -12.03 31.93 -14.69
O4' ATP N . -11.59 33.28 -14.99
C3' ATP N . -13.22 31.66 -15.63
O3' ATP N . -14.45 31.86 -14.94
C2' ATP N . -13.03 32.71 -16.74
O2' ATP N . -14.24 33.06 -17.36
C1' ATP N . -12.46 33.87 -15.93
N9 ATP N . -11.70 34.80 -16.74
C8 ATP N . -11.85 35.06 -18.07
N7 ATP N . -11.00 35.96 -18.52
C5 ATP N . -10.25 36.31 -17.40
C6 ATP N . -9.19 37.21 -17.21
N6 ATP N . -8.69 37.97 -18.18
N1 ATP N . -8.67 37.31 -15.97
C2 ATP N . -9.19 36.55 -15.00
N3 ATP N . -10.18 35.66 -15.06
C4 ATP N . -10.68 35.59 -16.30
MG MG O . -8.22 25.42 -16.19
PB ADP P . 22.79 15.40 -17.89
O1B ADP P . 22.93 14.16 -18.72
O2B ADP P . 23.66 15.39 -16.67
O3B ADP P . 21.35 15.70 -17.55
PA ADP P . 24.84 17.13 -18.98
O1A ADP P . 25.57 16.15 -19.82
O2A ADP P . 25.37 17.48 -17.63
O3A ADP P . 23.33 16.61 -18.79
O5' ADP P . 24.63 18.48 -19.81
C5' ADP P . 24.80 18.43 -21.24
C4' ADP P . 24.87 19.83 -21.79
O4' ADP P . 26.02 20.53 -21.26
C3' ADP P . 25.06 19.97 -23.30
O3' ADP P . 23.84 19.77 -24.01
C2' ADP P . 25.54 21.42 -23.40
O2' ADP P . 24.46 22.33 -23.35
C1' ADP P . 26.42 21.54 -22.15
N9 ADP P . 27.85 21.38 -22.44
C8 ADP P . 28.40 20.61 -23.43
N7 ADP P . 29.70 20.66 -23.46
C5 ADP P . 30.04 21.53 -22.43
C6 ADP P . 31.27 21.99 -21.96
N6 ADP P . 32.45 21.65 -22.48
N1 ADP P . 31.26 22.86 -20.92
C2 ADP P . 30.07 23.21 -20.40
N3 ADP P . 28.85 22.83 -20.76
C4 ADP P . 28.90 21.98 -21.79
#